data_7A3E
# 
_entry.id   7A3E 
# 
_audit_conform.dict_name       mmcif_pdbx.dic 
_audit_conform.dict_version    5.384 
_audit_conform.dict_location   http://mmcif.pdb.org/dictionaries/ascii/mmcif_pdbx.dic 
# 
loop_
_database_2.database_id 
_database_2.database_code 
_database_2.pdbx_database_accession 
_database_2.pdbx_DOI 
PDB   7A3E         pdb_00007a3e 10.2210/pdb7a3e/pdb 
WWPDB D_1292110793 ?            ?                   
# 
loop_
_pdbx_audit_revision_history.ordinal 
_pdbx_audit_revision_history.data_content_type 
_pdbx_audit_revision_history.major_revision 
_pdbx_audit_revision_history.minor_revision 
_pdbx_audit_revision_history.revision_date 
1 'Structure model' 1 0 2021-08-25 
2 'Structure model' 1 1 2024-01-31 
# 
_pdbx_audit_revision_details.ordinal             1 
_pdbx_audit_revision_details.revision_ordinal    1 
_pdbx_audit_revision_details.data_content_type   'Structure model' 
_pdbx_audit_revision_details.provider            repository 
_pdbx_audit_revision_details.type                'Initial release' 
_pdbx_audit_revision_details.description         ? 
_pdbx_audit_revision_details.details             ? 
# 
loop_
_pdbx_audit_revision_group.ordinal 
_pdbx_audit_revision_group.revision_ordinal 
_pdbx_audit_revision_group.data_content_type 
_pdbx_audit_revision_group.group 
1 2 'Structure model' 'Data collection'        
2 2 'Structure model' 'Refinement description' 
# 
loop_
_pdbx_audit_revision_category.ordinal 
_pdbx_audit_revision_category.revision_ordinal 
_pdbx_audit_revision_category.data_content_type 
_pdbx_audit_revision_category.category 
1 2 'Structure model' chem_comp_atom                
2 2 'Structure model' chem_comp_bond                
3 2 'Structure model' pdbx_initial_refinement_model 
# 
_pdbx_database_status.status_code                     REL 
_pdbx_database_status.status_code_sf                  REL 
_pdbx_database_status.status_code_mr                  ? 
_pdbx_database_status.entry_id                        7A3E 
_pdbx_database_status.recvd_initial_deposition_date   2020-08-18 
_pdbx_database_status.SG_entry                        N 
_pdbx_database_status.deposit_site                    PDBE 
_pdbx_database_status.process_site                    PDBE 
_pdbx_database_status.status_code_cs                  ? 
_pdbx_database_status.status_code_nmr_data            ? 
_pdbx_database_status.methods_development_category    ? 
_pdbx_database_status.pdb_format_compatible           Y 
# 
loop_
_audit_author.name 
_audit_author.pdbx_ordinal 
_audit_author.identifier_ORCID 
'Camara-Artigas, A.'   1 ? 
'Plaza-Garrido, M.'    2 ? 
'Salinas-Garcia, M.C.' 3 ? 
# 
_citation.abstract                  ? 
_citation.abstract_id_CAS           ? 
_citation.book_id_ISBN              ? 
_citation.book_publisher            ? 
_citation.book_publisher_city       ? 
_citation.book_title                ? 
_citation.coordinate_linkage        ? 
_citation.country                   ? 
_citation.database_id_Medline       ? 
_citation.details                   ? 
_citation.id                        primary 
_citation.journal_abbrev            'To be published' 
_citation.journal_id_ASTM           ? 
_citation.journal_id_CSD            0353 
_citation.journal_id_ISSN           ? 
_citation.journal_full              ? 
_citation.journal_issue             ? 
_citation.journal_volume            ? 
_citation.language                  ? 
_citation.page_first                ? 
_citation.page_last                 ? 
_citation.title                     'Intertwined dimer of the c-Src SH3 domain mutant T126S' 
_citation.year                      ? 
_citation.database_id_CSD           ? 
_citation.pdbx_database_id_DOI      ? 
_citation.pdbx_database_id_PubMed   ? 
_citation.unpublished_flag          ? 
# 
loop_
_citation_author.citation_id 
_citation_author.name 
_citation_author.ordinal 
_citation_author.identifier_ORCID 
primary 'Camara-Artigas, A.'   1 ? 
primary 'Plaza-Garrido, M.'    2 ? 
primary 'Salinas-Garcia, M.C.' 3 ? 
# 
loop_
_entity.id 
_entity.type 
_entity.src_method 
_entity.pdbx_description 
_entity.formula_weight 
_entity.pdbx_number_of_molecules 
_entity.pdbx_ec 
_entity.pdbx_mutation 
_entity.pdbx_fragment 
_entity.details 
1 polymer     man 'Proto-oncogene tyrosine-protein kinase Src' 6792.337 1  2.7.10.2 T126S ? ? 
2 non-polymer syn 'DI(HYDROXYETHYL)ETHER'                      106.120  2  ?        ?     ? ? 
3 non-polymer syn 'TRIETHYLENE GLYCOL'                         150.173  1  ?        ?     ? ? 
4 non-polymer syn 'SULFATE ION'                                96.063   1  ?        ?     ? ? 
5 water       nat water                                        18.015   23 ?        ?     ? ? 
# 
_entity_name_com.entity_id   1 
_entity_name_com.name        'Proto-oncogene c-Src,pp60c-src,p60-Src' 
# 
_entity_poly.entity_id                      1 
_entity_poly.type                           'polypeptide(L)' 
_entity_poly.nstd_linkage                   no 
_entity_poly.nstd_monomer                   no 
_entity_poly.pdbx_seq_one_letter_code       GGVTTFVALYDYESRTETDLSFKKGERLQIVNNTEGDWWLAHSLTSGQTGYIPSNYVAPSD 
_entity_poly.pdbx_seq_one_letter_code_can   GGVTTFVALYDYESRTETDLSFKKGERLQIVNNTEGDWWLAHSLTSGQTGYIPSNYVAPSD 
_entity_poly.pdbx_strand_id                 A 
_entity_poly.pdbx_target_identifier         ? 
# 
loop_
_pdbx_entity_nonpoly.entity_id 
_pdbx_entity_nonpoly.name 
_pdbx_entity_nonpoly.comp_id 
2 'DI(HYDROXYETHYL)ETHER' PEG 
3 'TRIETHYLENE GLYCOL'    PGE 
4 'SULFATE ION'           SO4 
5 water                   HOH 
# 
loop_
_entity_poly_seq.entity_id 
_entity_poly_seq.num 
_entity_poly_seq.mon_id 
_entity_poly_seq.hetero 
1 1  GLY n 
1 2  GLY n 
1 3  VAL n 
1 4  THR n 
1 5  THR n 
1 6  PHE n 
1 7  VAL n 
1 8  ALA n 
1 9  LEU n 
1 10 TYR n 
1 11 ASP n 
1 12 TYR n 
1 13 GLU n 
1 14 SER n 
1 15 ARG n 
1 16 THR n 
1 17 GLU n 
1 18 THR n 
1 19 ASP n 
1 20 LEU n 
1 21 SER n 
1 22 PHE n 
1 23 LYS n 
1 24 LYS n 
1 25 GLY n 
1 26 GLU n 
1 27 ARG n 
1 28 LEU n 
1 29 GLN n 
1 30 ILE n 
1 31 VAL n 
1 32 ASN n 
1 33 ASN n 
1 34 THR n 
1 35 GLU n 
1 36 GLY n 
1 37 ASP n 
1 38 TRP n 
1 39 TRP n 
1 40 LEU n 
1 41 ALA n 
1 42 HIS n 
1 43 SER n 
1 44 LEU n 
1 45 THR n 
1 46 SER n 
1 47 GLY n 
1 48 GLN n 
1 49 THR n 
1 50 GLY n 
1 51 TYR n 
1 52 ILE n 
1 53 PRO n 
1 54 SER n 
1 55 ASN n 
1 56 TYR n 
1 57 VAL n 
1 58 ALA n 
1 59 PRO n 
1 60 SER n 
1 61 ASP n 
# 
_entity_src_gen.entity_id                          1 
_entity_src_gen.pdbx_src_id                        1 
_entity_src_gen.pdbx_alt_source_flag               sample 
_entity_src_gen.pdbx_seq_type                      'Biological sequence' 
_entity_src_gen.pdbx_beg_seq_num                   1 
_entity_src_gen.pdbx_end_seq_num                   61 
_entity_src_gen.gene_src_common_name               Chicken 
_entity_src_gen.gene_src_genus                     ? 
_entity_src_gen.pdbx_gene_src_gene                 SRC 
_entity_src_gen.gene_src_species                   ? 
_entity_src_gen.gene_src_strain                    ? 
_entity_src_gen.gene_src_tissue                    ? 
_entity_src_gen.gene_src_tissue_fraction           ? 
_entity_src_gen.gene_src_details                   ? 
_entity_src_gen.pdbx_gene_src_fragment             ? 
_entity_src_gen.pdbx_gene_src_scientific_name      'Gallus gallus' 
_entity_src_gen.pdbx_gene_src_ncbi_taxonomy_id     9031 
_entity_src_gen.pdbx_gene_src_variant              ? 
_entity_src_gen.pdbx_gene_src_cell_line            ? 
_entity_src_gen.pdbx_gene_src_atcc                 ? 
_entity_src_gen.pdbx_gene_src_organ                ? 
_entity_src_gen.pdbx_gene_src_organelle            ? 
_entity_src_gen.pdbx_gene_src_cell                 ? 
_entity_src_gen.pdbx_gene_src_cellular_location    ? 
_entity_src_gen.host_org_common_name               ? 
_entity_src_gen.pdbx_host_org_scientific_name      'Escherichia coli BL21(DE3)' 
_entity_src_gen.pdbx_host_org_ncbi_taxonomy_id     469008 
_entity_src_gen.host_org_genus                     ? 
_entity_src_gen.pdbx_host_org_gene                 ? 
_entity_src_gen.pdbx_host_org_organ                ? 
_entity_src_gen.host_org_species                   ? 
_entity_src_gen.pdbx_host_org_tissue               ? 
_entity_src_gen.pdbx_host_org_tissue_fraction      ? 
_entity_src_gen.pdbx_host_org_strain               ? 
_entity_src_gen.pdbx_host_org_variant              ? 
_entity_src_gen.pdbx_host_org_cell_line            ? 
_entity_src_gen.pdbx_host_org_atcc                 ? 
_entity_src_gen.pdbx_host_org_culture_collection   ? 
_entity_src_gen.pdbx_host_org_cell                 ? 
_entity_src_gen.pdbx_host_org_organelle            ? 
_entity_src_gen.pdbx_host_org_cellular_location    ? 
_entity_src_gen.pdbx_host_org_vector_type          plasmid 
_entity_src_gen.pdbx_host_org_vector               ? 
_entity_src_gen.host_org_details                   ? 
_entity_src_gen.expression_system_id               ? 
_entity_src_gen.plasmid_name                       pHTP1 
_entity_src_gen.plasmid_details                    ? 
_entity_src_gen.pdbx_description                   ? 
# 
loop_
_chem_comp.id 
_chem_comp.type 
_chem_comp.mon_nstd_flag 
_chem_comp.name 
_chem_comp.pdbx_synonyms 
_chem_comp.formula 
_chem_comp.formula_weight 
ALA 'L-peptide linking' y ALANINE                 ? 'C3 H7 N O2'     89.093  
ARG 'L-peptide linking' y ARGININE                ? 'C6 H15 N4 O2 1' 175.209 
ASN 'L-peptide linking' y ASPARAGINE              ? 'C4 H8 N2 O3'    132.118 
ASP 'L-peptide linking' y 'ASPARTIC ACID'         ? 'C4 H7 N O4'     133.103 
GLN 'L-peptide linking' y GLUTAMINE               ? 'C5 H10 N2 O3'   146.144 
GLU 'L-peptide linking' y 'GLUTAMIC ACID'         ? 'C5 H9 N O4'     147.129 
GLY 'peptide linking'   y GLYCINE                 ? 'C2 H5 N O2'     75.067  
HIS 'L-peptide linking' y HISTIDINE               ? 'C6 H10 N3 O2 1' 156.162 
HOH non-polymer         . WATER                   ? 'H2 O'           18.015  
ILE 'L-peptide linking' y ISOLEUCINE              ? 'C6 H13 N O2'    131.173 
LEU 'L-peptide linking' y LEUCINE                 ? 'C6 H13 N O2'    131.173 
LYS 'L-peptide linking' y LYSINE                  ? 'C6 H15 N2 O2 1' 147.195 
PEG non-polymer         . 'DI(HYDROXYETHYL)ETHER' ? 'C4 H10 O3'      106.120 
PGE non-polymer         . 'TRIETHYLENE GLYCOL'    ? 'C6 H14 O4'      150.173 
PHE 'L-peptide linking' y PHENYLALANINE           ? 'C9 H11 N O2'    165.189 
PRO 'L-peptide linking' y PROLINE                 ? 'C5 H9 N O2'     115.130 
SER 'L-peptide linking' y SERINE                  ? 'C3 H7 N O3'     105.093 
SO4 non-polymer         . 'SULFATE ION'           ? 'O4 S -2'        96.063  
THR 'L-peptide linking' y THREONINE               ? 'C4 H9 N O3'     119.119 
TRP 'L-peptide linking' y TRYPTOPHAN              ? 'C11 H12 N2 O2'  204.225 
TYR 'L-peptide linking' y TYROSINE                ? 'C9 H11 N O3'    181.189 
VAL 'L-peptide linking' y VALINE                  ? 'C5 H11 N O2'    117.146 
# 
loop_
_pdbx_poly_seq_scheme.asym_id 
_pdbx_poly_seq_scheme.entity_id 
_pdbx_poly_seq_scheme.seq_id 
_pdbx_poly_seq_scheme.mon_id 
_pdbx_poly_seq_scheme.ndb_seq_num 
_pdbx_poly_seq_scheme.pdb_seq_num 
_pdbx_poly_seq_scheme.auth_seq_num 
_pdbx_poly_seq_scheme.pdb_mon_id 
_pdbx_poly_seq_scheme.auth_mon_id 
_pdbx_poly_seq_scheme.pdb_strand_id 
_pdbx_poly_seq_scheme.pdb_ins_code 
_pdbx_poly_seq_scheme.hetero 
A 1 1  GLY 1  81  ?   ?   ?   A . n 
A 1 2  GLY 2  82  ?   ?   ?   A . n 
A 1 3  VAL 3  83  ?   ?   ?   A . n 
A 1 4  THR 4  84  84  THR THR A . n 
A 1 5  THR 5  85  85  THR THR A . n 
A 1 6  PHE 6  86  86  PHE PHE A . n 
A 1 7  VAL 7  87  87  VAL VAL A . n 
A 1 8  ALA 8  88  88  ALA ALA A . n 
A 1 9  LEU 9  89  89  LEU LEU A . n 
A 1 10 TYR 10 90  90  TYR TYR A . n 
A 1 11 ASP 11 91  91  ASP ASP A . n 
A 1 12 TYR 12 92  92  TYR TYR A . n 
A 1 13 GLU 13 93  93  GLU GLU A . n 
A 1 14 SER 14 94  94  SER SER A . n 
A 1 15 ARG 15 95  95  ARG ARG A . n 
A 1 16 THR 16 96  96  THR THR A . n 
A 1 17 GLU 17 97  97  GLU GLU A . n 
A 1 18 THR 18 98  98  THR THR A . n 
A 1 19 ASP 19 99  99  ASP ASP A . n 
A 1 20 LEU 20 100 100 LEU LEU A . n 
A 1 21 SER 21 101 101 SER SER A . n 
A 1 22 PHE 22 102 102 PHE PHE A . n 
A 1 23 LYS 23 103 103 LYS LYS A . n 
A 1 24 LYS 24 104 104 LYS LYS A . n 
A 1 25 GLY 25 105 105 GLY GLY A . n 
A 1 26 GLU 26 106 106 GLU GLU A . n 
A 1 27 ARG 27 107 107 ARG ARG A . n 
A 1 28 LEU 28 108 108 LEU LEU A . n 
A 1 29 GLN 29 109 109 GLN GLN A . n 
A 1 30 ILE 30 110 110 ILE ILE A . n 
A 1 31 VAL 31 111 111 VAL VAL A . n 
A 1 32 ASN 32 112 112 ASN ASN A . n 
A 1 33 ASN 33 113 113 ASN ASN A . n 
A 1 34 THR 34 114 114 THR THR A . n 
A 1 35 GLU 35 115 115 GLU GLU A . n 
A 1 36 GLY 36 116 116 GLY GLY A . n 
A 1 37 ASP 37 117 117 ASP ASP A . n 
A 1 38 TRP 38 118 118 TRP TRP A . n 
A 1 39 TRP 39 119 119 TRP TRP A . n 
A 1 40 LEU 40 120 120 LEU LEU A . n 
A 1 41 ALA 41 121 121 ALA ALA A . n 
A 1 42 HIS 42 122 122 HIS HIS A . n 
A 1 43 SER 43 123 123 SER SER A . n 
A 1 44 LEU 44 124 124 LEU LEU A . n 
A 1 45 THR 45 125 125 THR THR A . n 
A 1 46 SER 46 126 126 SER SER A . n 
A 1 47 GLY 47 127 127 GLY GLY A . n 
A 1 48 GLN 48 128 128 GLN GLN A . n 
A 1 49 THR 49 129 129 THR THR A . n 
A 1 50 GLY 50 130 130 GLY GLY A . n 
A 1 51 TYR 51 131 131 TYR TYR A . n 
A 1 52 ILE 52 132 132 ILE ILE A . n 
A 1 53 PRO 53 133 133 PRO PRO A . n 
A 1 54 SER 54 134 134 SER SER A . n 
A 1 55 ASN 55 135 135 ASN ASN A . n 
A 1 56 TYR 56 136 136 TYR TYR A . n 
A 1 57 VAL 57 137 137 VAL VAL A . n 
A 1 58 ALA 58 138 138 ALA ALA A . n 
A 1 59 PRO 59 139 139 PRO PRO A . n 
A 1 60 SER 60 140 140 SER SER A . n 
A 1 61 ASP 61 141 ?   ?   ?   A . n 
# 
loop_
_pdbx_nonpoly_scheme.asym_id 
_pdbx_nonpoly_scheme.entity_id 
_pdbx_nonpoly_scheme.mon_id 
_pdbx_nonpoly_scheme.ndb_seq_num 
_pdbx_nonpoly_scheme.pdb_seq_num 
_pdbx_nonpoly_scheme.auth_seq_num 
_pdbx_nonpoly_scheme.pdb_mon_id 
_pdbx_nonpoly_scheme.auth_mon_id 
_pdbx_nonpoly_scheme.pdb_strand_id 
_pdbx_nonpoly_scheme.pdb_ins_code 
B 2 PEG 1  301 301 PEG PEG A . 
C 2 PEG 1  302 401 PEG PEG A . 
D 3 PGE 1  303 1   PGE PGE A . 
E 4 SO4 1  304 1   SO4 SO4 A . 
F 5 HOH 1  401 9   HOH HOH A . 
F 5 HOH 2  402 17  HOH HOH A . 
F 5 HOH 3  403 3   HOH HOH A . 
F 5 HOH 4  404 6   HOH HOH A . 
F 5 HOH 5  405 12  HOH HOH A . 
F 5 HOH 6  406 21  HOH HOH A . 
F 5 HOH 7  407 4   HOH HOH A . 
F 5 HOH 8  408 19  HOH HOH A . 
F 5 HOH 9  409 14  HOH HOH A . 
F 5 HOH 10 410 1   HOH HOH A . 
F 5 HOH 11 411 11  HOH HOH A . 
F 5 HOH 12 412 2   HOH HOH A . 
F 5 HOH 13 413 7   HOH HOH A . 
F 5 HOH 14 414 23  HOH HOH A . 
F 5 HOH 15 415 5   HOH HOH A . 
F 5 HOH 16 416 13  HOH HOH A . 
F 5 HOH 17 417 18  HOH HOH A . 
F 5 HOH 18 418 8   HOH HOH A . 
F 5 HOH 19 419 15  HOH HOH A . 
F 5 HOH 20 420 20  HOH HOH A . 
F 5 HOH 21 421 10  HOH HOH A . 
F 5 HOH 22 422 16  HOH HOH A . 
F 5 HOH 23 423 22  HOH HOH A . 
# 
loop_
_pdbx_unobs_or_zero_occ_atoms.id 
_pdbx_unobs_or_zero_occ_atoms.PDB_model_num 
_pdbx_unobs_or_zero_occ_atoms.polymer_flag 
_pdbx_unobs_or_zero_occ_atoms.occupancy_flag 
_pdbx_unobs_or_zero_occ_atoms.auth_asym_id 
_pdbx_unobs_or_zero_occ_atoms.auth_comp_id 
_pdbx_unobs_or_zero_occ_atoms.auth_seq_id 
_pdbx_unobs_or_zero_occ_atoms.PDB_ins_code 
_pdbx_unobs_or_zero_occ_atoms.auth_atom_id 
_pdbx_unobs_or_zero_occ_atoms.label_alt_id 
_pdbx_unobs_or_zero_occ_atoms.label_asym_id 
_pdbx_unobs_or_zero_occ_atoms.label_comp_id 
_pdbx_unobs_or_zero_occ_atoms.label_seq_id 
_pdbx_unobs_or_zero_occ_atoms.label_atom_id 
1  1 Y 1 A THR 84  ? OG1 ? A THR 4  OG1 
2  1 Y 1 A THR 84  ? CG2 ? A THR 4  CG2 
3  1 Y 1 A GLU 93  ? CG  ? A GLU 13 CG  
4  1 Y 1 A GLU 93  ? CD  ? A GLU 13 CD  
5  1 Y 1 A GLU 93  ? OE1 ? A GLU 13 OE1 
6  1 Y 1 A GLU 93  ? OE2 ? A GLU 13 OE2 
7  1 Y 1 A ASN 112 ? CG  ? A ASN 32 CG  
8  1 Y 1 A ASN 112 ? OD1 ? A ASN 32 OD1 
9  1 Y 1 A ASN 112 ? ND2 ? A ASN 32 ND2 
10 1 Y 1 A SER 140 ? OG  ? A SER 60 OG  
# 
loop_
_software.citation_id 
_software.classification 
_software.compiler_name 
_software.compiler_version 
_software.contact_author 
_software.contact_author_email 
_software.date 
_software.description 
_software.dependencies 
_software.hardware 
_software.language 
_software.location 
_software.mods 
_software.name 
_software.os 
_software.os_version 
_software.type 
_software.version 
_software.pdbx_ordinal 
? 'data reduction'  ? ? ? ? ? ? ? ? ? ? ? XDS         ? ? ? .      1 
? 'data scaling'    ? ? ? ? ? ? ? ? ? ? ? Aimless     ? ? ? 0.7.4  2 
? phasing           ? ? ? ? ? ? ? ? ? ? ? PHASER      ? ? ? .      3 
? refinement        ? ? ? ? ? ? ? ? ? ? ? PHENIX      ? ? ? 1.18.2 4 
? 'data extraction' ? ? ? ? ? ? ? ? ? ? ? PDB_EXTRACT ? ? ? 3.25   5 
# 
_cell.angle_alpha                  90.000 
_cell.angle_alpha_esd              ? 
_cell.angle_beta                   90.000 
_cell.angle_beta_esd               ? 
_cell.angle_gamma                  120.000 
_cell.angle_gamma_esd              ? 
_cell.entry_id                     7A3E 
_cell.details                      ? 
_cell.formula_units_Z              ? 
_cell.length_a                     46.981 
_cell.length_a_esd                 ? 
_cell.length_b                     46.981 
_cell.length_b_esd                 ? 
_cell.length_c                     125.986 
_cell.length_c_esd                 ? 
_cell.volume                       ? 
_cell.volume_esd                   ? 
_cell.Z_PDB                        12 
_cell.reciprocal_angle_alpha       ? 
_cell.reciprocal_angle_beta        ? 
_cell.reciprocal_angle_gamma       ? 
_cell.reciprocal_angle_alpha_esd   ? 
_cell.reciprocal_angle_beta_esd    ? 
_cell.reciprocal_angle_gamma_esd   ? 
_cell.reciprocal_length_a          ? 
_cell.reciprocal_length_b          ? 
_cell.reciprocal_length_c          ? 
_cell.reciprocal_length_a_esd      ? 
_cell.reciprocal_length_b_esd      ? 
_cell.reciprocal_length_c_esd      ? 
_cell.pdbx_unique_axis             ? 
# 
_symmetry.entry_id                         7A3E 
_symmetry.cell_setting                     ? 
_symmetry.Int_Tables_number                179 
_symmetry.space_group_name_Hall            ? 
_symmetry.space_group_name_H-M             'P 65 2 2' 
_symmetry.pdbx_full_space_group_name_H-M   ? 
# 
_exptl.absorpt_coefficient_mu     ? 
_exptl.absorpt_correction_T_max   ? 
_exptl.absorpt_correction_T_min   ? 
_exptl.absorpt_correction_type    ? 
_exptl.absorpt_process_details    ? 
_exptl.entry_id                   7A3E 
_exptl.crystals_number            1 
_exptl.details                    ? 
_exptl.method                     'X-RAY DIFFRACTION' 
_exptl.method_details             ? 
# 
_exptl_crystal.colour                      ? 
_exptl_crystal.density_diffrn              ? 
_exptl_crystal.density_Matthews            2.95 
_exptl_crystal.density_method              ? 
_exptl_crystal.density_percent_sol         58.37 
_exptl_crystal.description                 ? 
_exptl_crystal.F_000                       ? 
_exptl_crystal.id                          1 
_exptl_crystal.preparation                 ? 
_exptl_crystal.size_max                    ? 
_exptl_crystal.size_mid                    ? 
_exptl_crystal.size_min                    ? 
_exptl_crystal.size_rad                    ? 
_exptl_crystal.colour_lustre               ? 
_exptl_crystal.colour_modifier             ? 
_exptl_crystal.colour_primary              ? 
_exptl_crystal.density_meas                ? 
_exptl_crystal.density_meas_esd            ? 
_exptl_crystal.density_meas_gt             ? 
_exptl_crystal.density_meas_lt             ? 
_exptl_crystal.density_meas_temp           ? 
_exptl_crystal.density_meas_temp_esd       ? 
_exptl_crystal.density_meas_temp_gt        ? 
_exptl_crystal.density_meas_temp_lt        ? 
_exptl_crystal.pdbx_crystal_image_url      ? 
_exptl_crystal.pdbx_crystal_image_format   ? 
_exptl_crystal.pdbx_mosaicity              0.080 
_exptl_crystal.pdbx_mosaicity_esd          ? 
# 
_exptl_crystal_grow.apparatus       ? 
_exptl_crystal_grow.atmosphere      ? 
_exptl_crystal_grow.crystal_id      1 
_exptl_crystal_grow.details         ? 
_exptl_crystal_grow.method          'VAPOR DIFFUSION, SITTING DROP' 
_exptl_crystal_grow.method_ref      ? 
_exptl_crystal_grow.pH              6.0 
_exptl_crystal_grow.pressure        ? 
_exptl_crystal_grow.pressure_esd    ? 
_exptl_crystal_grow.seeding         ? 
_exptl_crystal_grow.seeding_ref     ? 
_exptl_crystal_grow.temp            298 
_exptl_crystal_grow.temp_details    ? 
_exptl_crystal_grow.temp_esd        ? 
_exptl_crystal_grow.time            ? 
_exptl_crystal_grow.pdbx_details    '5% PEG 300, 2.5 M ammomium sulfate, 0.1M MES' 
_exptl_crystal_grow.pdbx_pH_range   ? 
# 
_diffrn.ambient_environment              ? 
_diffrn.ambient_temp                     100 
_diffrn.ambient_temp_details             ? 
_diffrn.ambient_temp_esd                 ? 
_diffrn.crystal_id                       1 
_diffrn.crystal_support                  ? 
_diffrn.crystal_treatment                ? 
_diffrn.details                          ? 
_diffrn.id                               1 
_diffrn.ambient_pressure                 ? 
_diffrn.ambient_pressure_esd             ? 
_diffrn.ambient_pressure_gt              ? 
_diffrn.ambient_pressure_lt              ? 
_diffrn.ambient_temp_gt                  ? 
_diffrn.ambient_temp_lt                  ? 
_diffrn.pdbx_serial_crystal_experiment   N 
# 
_diffrn_detector.details                      ? 
_diffrn_detector.detector                     PIXEL 
_diffrn_detector.diffrn_id                    1 
_diffrn_detector.type                         'DECTRIS PILATUS 6M' 
_diffrn_detector.area_resol_mean              ? 
_diffrn_detector.dtime                        ? 
_diffrn_detector.pdbx_frames_total            ? 
_diffrn_detector.pdbx_collection_time_total   ? 
_diffrn_detector.pdbx_collection_date         2019-03-14 
_diffrn_detector.pdbx_frequency               ? 
# 
_diffrn_radiation.collimation                      ? 
_diffrn_radiation.diffrn_id                        1 
_diffrn_radiation.filter_edge                      ? 
_diffrn_radiation.inhomogeneity                    ? 
_diffrn_radiation.monochromator                    ? 
_diffrn_radiation.polarisn_norm                    ? 
_diffrn_radiation.polarisn_ratio                   ? 
_diffrn_radiation.probe                            ? 
_diffrn_radiation.type                             ? 
_diffrn_radiation.xray_symbol                      ? 
_diffrn_radiation.wavelength_id                    1 
_diffrn_radiation.pdbx_monochromatic_or_laue_m_l   M 
_diffrn_radiation.pdbx_wavelength_list             ? 
_diffrn_radiation.pdbx_wavelength                  ? 
_diffrn_radiation.pdbx_diffrn_protocol             'SINGLE WAVELENGTH' 
_diffrn_radiation.pdbx_analyzer                    ? 
_diffrn_radiation.pdbx_scattering_type             x-ray 
# 
_diffrn_radiation_wavelength.id           1 
_diffrn_radiation_wavelength.wavelength   0.9791 
_diffrn_radiation_wavelength.wt           1.0 
# 
_diffrn_source.current                     ? 
_diffrn_source.details                     ? 
_diffrn_source.diffrn_id                   1 
_diffrn_source.power                       ? 
_diffrn_source.size                        ? 
_diffrn_source.source                      SYNCHROTRON 
_diffrn_source.target                      ? 
_diffrn_source.type                        'ALBA BEAMLINE XALOC' 
_diffrn_source.voltage                     ? 
_diffrn_source.take-off_angle              ? 
_diffrn_source.pdbx_wavelength_list        0.9791 
_diffrn_source.pdbx_wavelength             ? 
_diffrn_source.pdbx_synchrotron_beamline   XALOC 
_diffrn_source.pdbx_synchrotron_site       ALBA 
# 
_reflns.B_iso_Wilson_estimate            ? 
_reflns.entry_id                         7A3E 
_reflns.data_reduction_details           ? 
_reflns.data_reduction_method            ? 
_reflns.d_resolution_high                1.520 
_reflns.d_resolution_low                 18.830 
_reflns.details                          ? 
_reflns.limit_h_max                      ? 
_reflns.limit_h_min                      ? 
_reflns.limit_k_max                      ? 
_reflns.limit_k_min                      ? 
_reflns.limit_l_max                      ? 
_reflns.limit_l_min                      ? 
_reflns.number_all                       ? 
_reflns.number_obs                       23671 
_reflns.observed_criterion               ? 
_reflns.observed_criterion_F_max         ? 
_reflns.observed_criterion_F_min         ? 
_reflns.observed_criterion_I_max         ? 
_reflns.observed_criterion_I_min         ? 
_reflns.observed_criterion_sigma_F       ? 
_reflns.observed_criterion_sigma_I       ? 
_reflns.percent_possible_obs             99.600 
_reflns.R_free_details                   ? 
_reflns.Rmerge_F_all                     ? 
_reflns.Rmerge_F_obs                     ? 
_reflns.Friedel_coverage                 ? 
_reflns.number_gt                        ? 
_reflns.threshold_expression             ? 
_reflns.pdbx_redundancy                  6.000 
_reflns.pdbx_Rmerge_I_obs                0.023 
_reflns.pdbx_Rmerge_I_all                ? 
_reflns.pdbx_Rsym_value                  ? 
_reflns.pdbx_netI_over_av_sigmaI         ? 
_reflns.pdbx_netI_over_sigmaI            30.400 
_reflns.pdbx_res_netI_over_av_sigmaI_2   ? 
_reflns.pdbx_res_netI_over_sigmaI_2      ? 
_reflns.pdbx_chi_squared                 ? 
_reflns.pdbx_scaling_rejects             ? 
_reflns.pdbx_d_res_high_opt              ? 
_reflns.pdbx_d_res_low_opt               ? 
_reflns.pdbx_d_res_opt_method            ? 
_reflns.phase_calculation_details        ? 
_reflns.pdbx_Rrim_I_all                  0.025 
_reflns.pdbx_Rpim_I_all                  0.010 
_reflns.pdbx_d_opt                       ? 
_reflns.pdbx_number_measured_all         ? 
_reflns.pdbx_diffrn_id                   1 
_reflns.pdbx_ordinal                     1 
_reflns.pdbx_CC_half                     1.000 
_reflns.pdbx_CC_star                     ? 
_reflns.pdbx_R_split                     ? 
# 
loop_
_reflns_shell.d_res_high 
_reflns_shell.d_res_low 
_reflns_shell.meanI_over_sigI_all 
_reflns_shell.meanI_over_sigI_obs 
_reflns_shell.number_measured_all 
_reflns_shell.number_measured_obs 
_reflns_shell.number_possible 
_reflns_shell.number_unique_all 
_reflns_shell.number_unique_obs 
_reflns_shell.percent_possible_all 
_reflns_shell.percent_possible_obs 
_reflns_shell.Rmerge_F_all 
_reflns_shell.Rmerge_F_obs 
_reflns_shell.Rmerge_I_all 
_reflns_shell.Rmerge_I_obs 
_reflns_shell.meanI_over_sigI_gt 
_reflns_shell.meanI_over_uI_all 
_reflns_shell.meanI_over_uI_gt 
_reflns_shell.number_measured_gt 
_reflns_shell.number_unique_gt 
_reflns_shell.percent_possible_gt 
_reflns_shell.Rmerge_F_gt 
_reflns_shell.Rmerge_I_gt 
_reflns_shell.pdbx_redundancy 
_reflns_shell.pdbx_Rsym_value 
_reflns_shell.pdbx_chi_squared 
_reflns_shell.pdbx_netI_over_sigmaI_all 
_reflns_shell.pdbx_netI_over_sigmaI_obs 
_reflns_shell.pdbx_Rrim_I_all 
_reflns_shell.pdbx_Rpim_I_all 
_reflns_shell.pdbx_rejects 
_reflns_shell.pdbx_ordinal 
_reflns_shell.pdbx_diffrn_id 
_reflns_shell.pdbx_CC_half 
_reflns_shell.pdbx_CC_star 
_reflns_shell.pdbx_R_split 
1.520 1.550  ? ? 3703 ? ? ? 624 99.600 ? ? ? ? 0.913 ? ? ? ? ? ? ? ? 5.900 ? ? ? 1.900  1.003 0.407 ? 1 1 0.721 ? ? 
8.330 18.830 ? ? 472  ? ? ? 106 90.000 ? ? ? ? 0.016 ? ? ? ? ? ? ? ? 4.500 ? ? ? 77.900 0.018 0.009 ? 2 1 0.999 ? ? 
# 
_refine.aniso_B[1][1]                            ? 
_refine.aniso_B[1][2]                            ? 
_refine.aniso_B[1][3]                            ? 
_refine.aniso_B[2][2]                            ? 
_refine.aniso_B[2][3]                            ? 
_refine.aniso_B[3][3]                            ? 
_refine.B_iso_max                                106.290 
_refine.B_iso_mean                               47.7605 
_refine.B_iso_min                                20.870 
_refine.correlation_coeff_Fo_to_Fc               ? 
_refine.correlation_coeff_Fo_to_Fc_free          ? 
_refine.details                                  ? 
_refine.diff_density_max                         ? 
_refine.diff_density_max_esd                     ? 
_refine.diff_density_min                         ? 
_refine.diff_density_min_esd                     ? 
_refine.diff_density_rms                         ? 
_refine.diff_density_rms_esd                     ? 
_refine.entry_id                                 7A3E 
_refine.pdbx_refine_id                           'X-RAY DIFFRACTION' 
_refine.ls_abs_structure_details                 ? 
_refine.ls_abs_structure_Flack                   ? 
_refine.ls_abs_structure_Flack_esd               ? 
_refine.ls_abs_structure_Rogers                  ? 
_refine.ls_abs_structure_Rogers_esd              ? 
_refine.ls_d_res_high                            1.5200 
_refine.ls_d_res_low                             18.8300 
_refine.ls_extinction_coef                       ? 
_refine.ls_extinction_coef_esd                   ? 
_refine.ls_extinction_expression                 ? 
_refine.ls_extinction_method                     ? 
_refine.ls_goodness_of_fit_all                   ? 
_refine.ls_goodness_of_fit_all_esd               ? 
_refine.ls_goodness_of_fit_obs                   ? 
_refine.ls_goodness_of_fit_obs_esd               ? 
_refine.ls_hydrogen_treatment                    ? 
_refine.ls_matrix_type                           ? 
_refine.ls_number_constraints                    ? 
_refine.ls_number_parameters                     ? 
_refine.ls_number_reflns_all                     ? 
_refine.ls_number_reflns_obs                     23671 
_refine.ls_number_reflns_R_free                  1235 
_refine.ls_number_reflns_R_work                  22436 
_refine.ls_number_restraints                     ? 
_refine.ls_percent_reflns_obs                    98.8600 
_refine.ls_percent_reflns_R_free                 5.2200 
_refine.ls_R_factor_all                          ? 
_refine.ls_R_factor_obs                          0.2109 
_refine.ls_R_factor_R_free                       0.2277 
_refine.ls_R_factor_R_free_error                 ? 
_refine.ls_R_factor_R_free_error_details         ? 
_refine.ls_R_factor_R_work                       0.2100 
_refine.ls_R_Fsqd_factor_obs                     ? 
_refine.ls_R_I_factor_obs                        ? 
_refine.ls_redundancy_reflns_all                 ? 
_refine.ls_redundancy_reflns_obs                 ? 
_refine.ls_restrained_S_all                      ? 
_refine.ls_restrained_S_obs                      ? 
_refine.ls_shift_over_esd_max                    ? 
_refine.ls_shift_over_esd_mean                   ? 
_refine.ls_structure_factor_coef                 ? 
_refine.ls_weighting_details                     ? 
_refine.ls_weighting_scheme                      ? 
_refine.ls_wR_factor_all                         ? 
_refine.ls_wR_factor_obs                         ? 
_refine.ls_wR_factor_R_free                      ? 
_refine.ls_wR_factor_R_work                      ? 
_refine.occupancy_max                            ? 
_refine.occupancy_min                            ? 
_refine.solvent_model_details                    'FLAT BULK SOLVENT MODEL' 
_refine.solvent_model_param_bsol                 ? 
_refine.solvent_model_param_ksol                 ? 
_refine.pdbx_R_complete                          ? 
_refine.ls_R_factor_gt                           ? 
_refine.ls_goodness_of_fit_gt                    ? 
_refine.ls_goodness_of_fit_ref                   ? 
_refine.ls_shift_over_su_max                     ? 
_refine.ls_shift_over_su_max_lt                  ? 
_refine.ls_shift_over_su_mean                    ? 
_refine.ls_shift_over_su_mean_lt                 ? 
_refine.pdbx_ls_sigma_I                          ? 
_refine.pdbx_ls_sigma_F                          0.110 
_refine.pdbx_ls_sigma_Fsqd                       ? 
_refine.pdbx_data_cutoff_high_absF               ? 
_refine.pdbx_data_cutoff_high_rms_absF           ? 
_refine.pdbx_data_cutoff_low_absF                ? 
_refine.pdbx_isotropic_thermal_model             ? 
_refine.pdbx_ls_cross_valid_method               THROUGHOUT 
_refine.pdbx_method_to_determine_struct          'MOLECULAR REPLACEMENT' 
_refine.pdbx_starting_model                      4JZ3 
_refine.pdbx_stereochemistry_target_values       ML 
_refine.pdbx_R_Free_selection_details            ? 
_refine.pdbx_stereochem_target_val_spec_case     ? 
_refine.pdbx_overall_ESU_R                       ? 
_refine.pdbx_overall_ESU_R_Free                  ? 
_refine.pdbx_solvent_vdw_probe_radii             1.1100 
_refine.pdbx_solvent_ion_probe_radii             ? 
_refine.pdbx_solvent_shrinkage_radii             0.9000 
_refine.pdbx_real_space_R                        ? 
_refine.pdbx_density_correlation                 ? 
_refine.pdbx_pd_number_of_powder_patterns        ? 
_refine.pdbx_pd_number_of_points                 ? 
_refine.pdbx_pd_meas_number_of_points            ? 
_refine.pdbx_pd_proc_ls_prof_R_factor            ? 
_refine.pdbx_pd_proc_ls_prof_wR_factor           ? 
_refine.pdbx_pd_Marquardt_correlation_coeff      ? 
_refine.pdbx_pd_Fsqrd_R_factor                   ? 
_refine.pdbx_pd_ls_matrix_band_width             ? 
_refine.pdbx_overall_phase_error                 27.2400 
_refine.pdbx_overall_SU_R_free_Cruickshank_DPI   ? 
_refine.pdbx_overall_SU_R_free_Blow_DPI          ? 
_refine.pdbx_overall_SU_R_Blow_DPI               ? 
_refine.pdbx_TLS_residual_ADP_flag               ? 
_refine.pdbx_diffrn_id                           1 
_refine.overall_SU_B                             ? 
_refine.overall_SU_ML                            0.2000 
_refine.overall_SU_R_Cruickshank_DPI             ? 
_refine.overall_SU_R_free                        ? 
_refine.overall_FOM_free_R_set                   ? 
_refine.overall_FOM_work_R_set                   ? 
_refine.pdbx_average_fsc_overall                 ? 
_refine.pdbx_average_fsc_work                    ? 
_refine.pdbx_average_fsc_free                    ? 
# 
_refine_hist.pdbx_refine_id                   'X-RAY DIFFRACTION' 
_refine_hist.cycle_id                         final 
_refine_hist.details                          ? 
_refine_hist.d_res_high                       1.5200 
_refine_hist.d_res_low                        18.8300 
_refine_hist.number_atoms_solvent             23 
_refine_hist.number_atoms_total               533 
_refine_hist.number_reflns_all                ? 
_refine_hist.number_reflns_obs                ? 
_refine_hist.number_reflns_R_free             ? 
_refine_hist.number_reflns_R_work             ? 
_refine_hist.R_factor_all                     ? 
_refine_hist.R_factor_obs                     ? 
_refine_hist.R_factor_R_free                  ? 
_refine_hist.R_factor_R_work                  ? 
_refine_hist.pdbx_number_residues_total       57 
_refine_hist.pdbx_B_iso_mean_ligand           68.08 
_refine_hist.pdbx_B_iso_mean_solvent          44.53 
_refine_hist.pdbx_number_atoms_protein        447 
_refine_hist.pdbx_number_atoms_nucleic_acid   0 
_refine_hist.pdbx_number_atoms_ligand         63 
_refine_hist.pdbx_number_atoms_lipid          ? 
_refine_hist.pdbx_number_atoms_carb           ? 
_refine_hist.pdbx_pseudo_atom_details         ? 
# 
loop_
_refine_ls_shell.pdbx_refine_id 
_refine_ls_shell.d_res_high 
_refine_ls_shell.d_res_low 
_refine_ls_shell.number_reflns_all 
_refine_ls_shell.number_reflns_obs 
_refine_ls_shell.number_reflns_R_free 
_refine_ls_shell.number_reflns_R_work 
_refine_ls_shell.percent_reflns_obs 
_refine_ls_shell.percent_reflns_R_free 
_refine_ls_shell.R_factor_all 
_refine_ls_shell.R_factor_obs 
_refine_ls_shell.R_factor_R_free 
_refine_ls_shell.R_factor_R_free_error 
_refine_ls_shell.R_factor_R_work 
_refine_ls_shell.redundancy_reflns_all 
_refine_ls_shell.redundancy_reflns_obs 
_refine_ls_shell.wR_factor_all 
_refine_ls_shell.wR_factor_obs 
_refine_ls_shell.wR_factor_R_free 
_refine_ls_shell.wR_factor_R_work 
_refine_ls_shell.pdbx_R_complete 
_refine_ls_shell.pdbx_total_number_of_bins_used 
_refine_ls_shell.pdbx_phase_error 
_refine_ls_shell.pdbx_fsc_work 
_refine_ls_shell.pdbx_fsc_free 
'X-RAY DIFFRACTION' 1.5200 1.5800  2640 . 137 2503 99.0000  . . . 0.3754 0.0000 0.3484 . . . . . . . 9 . . . 
'X-RAY DIFFRACTION' 1.5800 1.6500  2641 . 140 2501 100.0000 . . . 0.3211 0.0000 0.2750 . . . . . . . 9 . . . 
'X-RAY DIFFRACTION' 1.6500 1.7400  2650 . 123 2527 99.0000  . . . 0.2563 0.0000 0.2730 . . . . . . . 9 . . . 
'X-RAY DIFFRACTION' 1.7400 1.8500  2634 . 149 2485 100.0000 . . . 0.2683 0.0000 0.2640 . . . . . . . 9 . . . 
'X-RAY DIFFRACTION' 1.8500 1.9900  2646 . 145 2501 99.0000  . . . 0.2267 0.0000 0.2251 . . . . . . . 9 . . . 
'X-RAY DIFFRACTION' 1.9900 2.1900  2606 . 133 2473 99.0000  . . . 0.2017 0.0000 0.2322 . . . . . . . 9 . . . 
'X-RAY DIFFRACTION' 2.1900 2.5100  2647 . 149 2498 99.0000  . . . 0.2448 0.0000 0.2232 . . . . . . . 9 . . . 
'X-RAY DIFFRACTION' 2.5100 3.1600  2635 . 135 2500 98.0000  . . . 0.2140 0.0000 0.2223 . . . . . . . 9 . . . 
'X-RAY DIFFRACTION' 3.1600 18.8300 2572 . 124 2448 97.0000  . . . 0.2160 0.0000 0.1756 . . . . . . . 9 . . . 
# 
_struct.entry_id                     7A3E 
_struct.title                        'Intertwined dimer of the c-Src SH3 domain mutant T126S' 
_struct.pdbx_model_details           ? 
_struct.pdbx_formula_weight          ? 
_struct.pdbx_formula_weight_method   ? 
_struct.pdbx_model_type_details      ? 
_struct.pdbx_CASP_flag               N 
# 
_struct_keywords.entry_id        7A3E 
_struct_keywords.text            'beta barrel, SH3 domain, PROTEIN BINDING' 
_struct_keywords.pdbx_keywords   'PROTEIN BINDING' 
# 
loop_
_struct_asym.id 
_struct_asym.pdbx_blank_PDB_chainid_flag 
_struct_asym.pdbx_modified 
_struct_asym.entity_id 
_struct_asym.details 
A N N 1 ? 
B N N 2 ? 
C N N 2 ? 
D N N 3 ? 
E N N 4 ? 
F N N 5 ? 
# 
_struct_ref.id                         1 
_struct_ref.db_name                    UNP 
_struct_ref.db_code                    SRC_CHICK 
_struct_ref.pdbx_db_accession          P00523 
_struct_ref.pdbx_db_isoform            ? 
_struct_ref.entity_id                  1 
_struct_ref.pdbx_seq_one_letter_code   GGVTTFVALYDYESRTETDLSFKKGERLQIVNNTEGDWWLAHSLTTGQTGYIPSNYVAPSD 
_struct_ref.pdbx_align_begin           81 
# 
_struct_ref_seq.align_id                      1 
_struct_ref_seq.ref_id                        1 
_struct_ref_seq.pdbx_PDB_id_code              7A3E 
_struct_ref_seq.pdbx_strand_id                A 
_struct_ref_seq.seq_align_beg                 1 
_struct_ref_seq.pdbx_seq_align_beg_ins_code   ? 
_struct_ref_seq.seq_align_end                 61 
_struct_ref_seq.pdbx_seq_align_end_ins_code   ? 
_struct_ref_seq.pdbx_db_accession             P00523 
_struct_ref_seq.db_align_beg                  81 
_struct_ref_seq.pdbx_db_align_beg_ins_code    ? 
_struct_ref_seq.db_align_end                  141 
_struct_ref_seq.pdbx_db_align_end_ins_code    ? 
_struct_ref_seq.pdbx_auth_seq_align_beg       81 
_struct_ref_seq.pdbx_auth_seq_align_end       141 
# 
_struct_ref_seq_dif.align_id                     1 
_struct_ref_seq_dif.pdbx_pdb_id_code             7A3E 
_struct_ref_seq_dif.mon_id                       SER 
_struct_ref_seq_dif.pdbx_pdb_strand_id           A 
_struct_ref_seq_dif.seq_num                      46 
_struct_ref_seq_dif.pdbx_pdb_ins_code            ? 
_struct_ref_seq_dif.pdbx_seq_db_name             UNP 
_struct_ref_seq_dif.pdbx_seq_db_accession_code   P00523 
_struct_ref_seq_dif.db_mon_id                    THR 
_struct_ref_seq_dif.pdbx_seq_db_seq_num          126 
_struct_ref_seq_dif.details                      'engineered mutation' 
_struct_ref_seq_dif.pdbx_auth_seq_num            126 
_struct_ref_seq_dif.pdbx_ordinal                 1 
# 
_pdbx_struct_assembly.id                   1 
_pdbx_struct_assembly.details              author_and_software_defined_assembly 
_pdbx_struct_assembly.method_details       PISA 
_pdbx_struct_assembly.oligomeric_details   dimeric 
_pdbx_struct_assembly.oligomeric_count     2 
# 
loop_
_pdbx_struct_assembly_prop.biol_id 
_pdbx_struct_assembly_prop.type 
_pdbx_struct_assembly_prop.value 
_pdbx_struct_assembly_prop.details 
1 'ABSA (A^2)' 5390 ? 
1 MORE         -66  ? 
1 'SSA (A^2)'  7560 ? 
# 
_pdbx_struct_assembly_gen.assembly_id       1 
_pdbx_struct_assembly_gen.oper_expression   1,2 
_pdbx_struct_assembly_gen.asym_id_list      A,B,C,D,E,F 
# 
_pdbx_struct_assembly_auth_evidence.id                     1 
_pdbx_struct_assembly_auth_evidence.assembly_id            1 
_pdbx_struct_assembly_auth_evidence.experimental_support   'light scattering' 
_pdbx_struct_assembly_auth_evidence.details                ? 
# 
loop_
_pdbx_struct_oper_list.id 
_pdbx_struct_oper_list.type 
_pdbx_struct_oper_list.name 
_pdbx_struct_oper_list.symmetry_operation 
_pdbx_struct_oper_list.matrix[1][1] 
_pdbx_struct_oper_list.matrix[1][2] 
_pdbx_struct_oper_list.matrix[1][3] 
_pdbx_struct_oper_list.vector[1] 
_pdbx_struct_oper_list.matrix[2][1] 
_pdbx_struct_oper_list.matrix[2][2] 
_pdbx_struct_oper_list.matrix[2][3] 
_pdbx_struct_oper_list.vector[2] 
_pdbx_struct_oper_list.matrix[3][1] 
_pdbx_struct_oper_list.matrix[3][2] 
_pdbx_struct_oper_list.matrix[3][3] 
_pdbx_struct_oper_list.vector[3] 
1 'identity operation'         1_555 x,y,z         1.0000000000 0.0000000000  0.0000000000  0.0000000000 0.0000000000  1.0000000000  0.0000000000 0.0000000000 0.0000000000  0.0000000000 1.0000000000  0.0000000000  
2 'crystal symmetry operation' 8_675 x-y+1,-y+2,-z 0.4920724636 -0.8618398173 -0.1228691168 0.1212713173 -0.8618398173 -0.5021904842 0.0709707469 0.6623684386 -0.1228691168 0.0709707469 -0.9898819794 -3.1733759543 
# 
_struct_conf.conf_type_id            HELX_P 
_struct_conf.id                      HELX_P1 
_struct_conf.pdbx_PDB_helix_id       AA1 
_struct_conf.beg_label_comp_id       ASN 
_struct_conf.beg_label_asym_id       A 
_struct_conf.beg_label_seq_id        55 
_struct_conf.pdbx_beg_PDB_ins_code   ? 
_struct_conf.end_label_comp_id       VAL 
_struct_conf.end_label_asym_id       A 
_struct_conf.end_label_seq_id        57 
_struct_conf.pdbx_end_PDB_ins_code   ? 
_struct_conf.beg_auth_comp_id        ASN 
_struct_conf.beg_auth_asym_id        A 
_struct_conf.beg_auth_seq_id         135 
_struct_conf.end_auth_comp_id        VAL 
_struct_conf.end_auth_asym_id        A 
_struct_conf.end_auth_seq_id         137 
_struct_conf.pdbx_PDB_helix_class    5 
_struct_conf.details                 ? 
_struct_conf.pdbx_PDB_helix_length   3 
# 
_struct_conf_type.id          HELX_P 
_struct_conf_type.criteria    ? 
_struct_conf_type.reference   ? 
# 
loop_
_struct_sheet.id 
_struct_sheet.type 
_struct_sheet.number_strands 
_struct_sheet.details 
AA1 ? 2 ? 
AA2 ? 2 ? 
# 
loop_
_struct_sheet_order.sheet_id 
_struct_sheet_order.range_id_1 
_struct_sheet_order.range_id_2 
_struct_sheet_order.offset 
_struct_sheet_order.sense 
AA1 1 2 ? anti-parallel 
AA2 1 2 ? anti-parallel 
# 
loop_
_struct_sheet_range.sheet_id 
_struct_sheet_range.id 
_struct_sheet_range.beg_label_comp_id 
_struct_sheet_range.beg_label_asym_id 
_struct_sheet_range.beg_label_seq_id 
_struct_sheet_range.pdbx_beg_PDB_ins_code 
_struct_sheet_range.end_label_comp_id 
_struct_sheet_range.end_label_asym_id 
_struct_sheet_range.end_label_seq_id 
_struct_sheet_range.pdbx_end_PDB_ins_code 
_struct_sheet_range.beg_auth_comp_id 
_struct_sheet_range.beg_auth_asym_id 
_struct_sheet_range.beg_auth_seq_id 
_struct_sheet_range.end_auth_comp_id 
_struct_sheet_range.end_auth_asym_id 
_struct_sheet_range.end_auth_seq_id 
AA1 1 THR A 5  ? VAL A 7  ? THR A 85  VAL A 87  
AA1 2 ARG A 27 ? GLN A 29 ? ARG A 107 GLN A 109 
AA2 1 TRP A 38 ? HIS A 42 ? TRP A 118 HIS A 122 
AA2 2 THR A 49 ? PRO A 53 ? THR A 129 PRO A 133 
# 
loop_
_pdbx_struct_sheet_hbond.sheet_id 
_pdbx_struct_sheet_hbond.range_id_1 
_pdbx_struct_sheet_hbond.range_id_2 
_pdbx_struct_sheet_hbond.range_1_label_atom_id 
_pdbx_struct_sheet_hbond.range_1_label_comp_id 
_pdbx_struct_sheet_hbond.range_1_label_asym_id 
_pdbx_struct_sheet_hbond.range_1_label_seq_id 
_pdbx_struct_sheet_hbond.range_1_PDB_ins_code 
_pdbx_struct_sheet_hbond.range_1_auth_atom_id 
_pdbx_struct_sheet_hbond.range_1_auth_comp_id 
_pdbx_struct_sheet_hbond.range_1_auth_asym_id 
_pdbx_struct_sheet_hbond.range_1_auth_seq_id 
_pdbx_struct_sheet_hbond.range_2_label_atom_id 
_pdbx_struct_sheet_hbond.range_2_label_comp_id 
_pdbx_struct_sheet_hbond.range_2_label_asym_id 
_pdbx_struct_sheet_hbond.range_2_label_seq_id 
_pdbx_struct_sheet_hbond.range_2_PDB_ins_code 
_pdbx_struct_sheet_hbond.range_2_auth_atom_id 
_pdbx_struct_sheet_hbond.range_2_auth_comp_id 
_pdbx_struct_sheet_hbond.range_2_auth_asym_id 
_pdbx_struct_sheet_hbond.range_2_auth_seq_id 
AA1 1 2 N PHE A 6  ? N PHE A 86  O LEU A 28 ? O LEU A 108 
AA2 1 2 N TRP A 39 ? N TRP A 119 O ILE A 52 ? O ILE A 132 
# 
loop_
_struct_site.id 
_struct_site.pdbx_evidence_code 
_struct_site.pdbx_auth_asym_id 
_struct_site.pdbx_auth_comp_id 
_struct_site.pdbx_auth_seq_id 
_struct_site.pdbx_auth_ins_code 
_struct_site.pdbx_num_residues 
_struct_site.details 
AC1 Software A PEG 301 ? 2  'binding site for residue PEG A 301' 
AC2 Software A PEG 302 ? 2  'binding site for residue PEG A 302' 
AC3 Software A PGE 303 ? 10 'binding site for residue PGE A 303' 
AC4 Software A SO4 304 ? 4  'binding site for residue SO4 A 304' 
# 
loop_
_struct_site_gen.id 
_struct_site_gen.site_id 
_struct_site_gen.pdbx_num_res 
_struct_site_gen.label_comp_id 
_struct_site_gen.label_asym_id 
_struct_site_gen.label_seq_id 
_struct_site_gen.pdbx_auth_ins_code 
_struct_site_gen.auth_comp_id 
_struct_site_gen.auth_asym_id 
_struct_site_gen.auth_seq_id 
_struct_site_gen.label_atom_id 
_struct_site_gen.label_alt_id 
_struct_site_gen.symmetry 
_struct_site_gen.details 
1  AC1 2  LYS A 24 ? LYS A 104 . ? 1_555 ? 
2  AC1 2  GLY A 25 ? GLY A 105 . ? 1_555 ? 
3  AC2 2  LYS A 24 ? LYS A 104 . ? 6_644 ? 
4  AC2 2  TYR A 56 ? TYR A 136 . ? 1_555 ? 
5  AC3 10 ARG A 15 ? ARG A 95  . ? 1_555 ? 
6  AC3 10 ARG A 15 ? ARG A 95  . ? 8_675 ? 
7  AC3 10 THR A 18 ? THR A 98  . ? 1_555 ? 
8  AC3 10 ASP A 19 ? ASP A 99  . ? 1_555 ? 
9  AC3 10 ASP A 19 ? ASP A 99  . ? 8_675 ? 
10 AC3 10 TRP A 38 ? TRP A 118 . ? 1_555 ? 
11 AC3 10 TYR A 51 ? TYR A 131 . ? 8_675 ? 
12 AC3 10 TYR A 51 ? TYR A 131 . ? 1_555 ? 
13 AC3 10 HOH F .  ? HOH A 403 . ? 1_555 ? 
14 AC3 10 HOH F .  ? HOH A 403 . ? 8_675 ? 
15 AC4 4  THR A 16 ? THR A 96  . ? 1_555 ? 
16 AC4 4  THR A 16 ? THR A 96  . ? 8_675 ? 
17 AC4 4  GLU A 17 ? GLU A 97  . ? 1_555 ? 
18 AC4 4  GLU A 17 ? GLU A 97  . ? 8_675 ? 
# 
loop_
_pdbx_struct_special_symmetry.id 
_pdbx_struct_special_symmetry.PDB_model_num 
_pdbx_struct_special_symmetry.auth_asym_id 
_pdbx_struct_special_symmetry.auth_comp_id 
_pdbx_struct_special_symmetry.auth_seq_id 
_pdbx_struct_special_symmetry.PDB_ins_code 
_pdbx_struct_special_symmetry.label_asym_id 
_pdbx_struct_special_symmetry.label_comp_id 
_pdbx_struct_special_symmetry.label_seq_id 
1 1 A SO4 304 ? E SO4 . 
2 1 A HOH 409 ? F HOH . 
# 
_phasing.method   MR 
# 
_pdbx_entry_details.entry_id                 7A3E 
_pdbx_entry_details.has_ligand_of_interest   N 
_pdbx_entry_details.compound_details         ? 
_pdbx_entry_details.source_details           ? 
_pdbx_entry_details.nonpolymer_details       ? 
_pdbx_entry_details.sequence_details         ? 
# 
loop_
_pdbx_unobs_or_zero_occ_residues.id 
_pdbx_unobs_or_zero_occ_residues.PDB_model_num 
_pdbx_unobs_or_zero_occ_residues.polymer_flag 
_pdbx_unobs_or_zero_occ_residues.occupancy_flag 
_pdbx_unobs_or_zero_occ_residues.auth_asym_id 
_pdbx_unobs_or_zero_occ_residues.auth_comp_id 
_pdbx_unobs_or_zero_occ_residues.auth_seq_id 
_pdbx_unobs_or_zero_occ_residues.PDB_ins_code 
_pdbx_unobs_or_zero_occ_residues.label_asym_id 
_pdbx_unobs_or_zero_occ_residues.label_comp_id 
_pdbx_unobs_or_zero_occ_residues.label_seq_id 
1 1 Y 1 A GLY 81  ? A GLY 1  
2 1 Y 1 A GLY 82  ? A GLY 2  
3 1 Y 1 A VAL 83  ? A VAL 3  
4 1 Y 1 A ASP 141 ? A ASP 61 
# 
loop_
_chem_comp_atom.comp_id 
_chem_comp_atom.atom_id 
_chem_comp_atom.type_symbol 
_chem_comp_atom.pdbx_aromatic_flag 
_chem_comp_atom.pdbx_stereo_config 
_chem_comp_atom.pdbx_ordinal 
ALA N    N N N 1   
ALA CA   C N S 2   
ALA C    C N N 3   
ALA O    O N N 4   
ALA CB   C N N 5   
ALA OXT  O N N 6   
ALA H    H N N 7   
ALA H2   H N N 8   
ALA HA   H N N 9   
ALA HB1  H N N 10  
ALA HB2  H N N 11  
ALA HB3  H N N 12  
ALA HXT  H N N 13  
ARG N    N N N 14  
ARG CA   C N S 15  
ARG C    C N N 16  
ARG O    O N N 17  
ARG CB   C N N 18  
ARG CG   C N N 19  
ARG CD   C N N 20  
ARG NE   N N N 21  
ARG CZ   C N N 22  
ARG NH1  N N N 23  
ARG NH2  N N N 24  
ARG OXT  O N N 25  
ARG H    H N N 26  
ARG H2   H N N 27  
ARG HA   H N N 28  
ARG HB2  H N N 29  
ARG HB3  H N N 30  
ARG HG2  H N N 31  
ARG HG3  H N N 32  
ARG HD2  H N N 33  
ARG HD3  H N N 34  
ARG HE   H N N 35  
ARG HH11 H N N 36  
ARG HH12 H N N 37  
ARG HH21 H N N 38  
ARG HH22 H N N 39  
ARG HXT  H N N 40  
ASN N    N N N 41  
ASN CA   C N S 42  
ASN C    C N N 43  
ASN O    O N N 44  
ASN CB   C N N 45  
ASN CG   C N N 46  
ASN OD1  O N N 47  
ASN ND2  N N N 48  
ASN OXT  O N N 49  
ASN H    H N N 50  
ASN H2   H N N 51  
ASN HA   H N N 52  
ASN HB2  H N N 53  
ASN HB3  H N N 54  
ASN HD21 H N N 55  
ASN HD22 H N N 56  
ASN HXT  H N N 57  
ASP N    N N N 58  
ASP CA   C N S 59  
ASP C    C N N 60  
ASP O    O N N 61  
ASP CB   C N N 62  
ASP CG   C N N 63  
ASP OD1  O N N 64  
ASP OD2  O N N 65  
ASP OXT  O N N 66  
ASP H    H N N 67  
ASP H2   H N N 68  
ASP HA   H N N 69  
ASP HB2  H N N 70  
ASP HB3  H N N 71  
ASP HD2  H N N 72  
ASP HXT  H N N 73  
GLN N    N N N 74  
GLN CA   C N S 75  
GLN C    C N N 76  
GLN O    O N N 77  
GLN CB   C N N 78  
GLN CG   C N N 79  
GLN CD   C N N 80  
GLN OE1  O N N 81  
GLN NE2  N N N 82  
GLN OXT  O N N 83  
GLN H    H N N 84  
GLN H2   H N N 85  
GLN HA   H N N 86  
GLN HB2  H N N 87  
GLN HB3  H N N 88  
GLN HG2  H N N 89  
GLN HG3  H N N 90  
GLN HE21 H N N 91  
GLN HE22 H N N 92  
GLN HXT  H N N 93  
GLU N    N N N 94  
GLU CA   C N S 95  
GLU C    C N N 96  
GLU O    O N N 97  
GLU CB   C N N 98  
GLU CG   C N N 99  
GLU CD   C N N 100 
GLU OE1  O N N 101 
GLU OE2  O N N 102 
GLU OXT  O N N 103 
GLU H    H N N 104 
GLU H2   H N N 105 
GLU HA   H N N 106 
GLU HB2  H N N 107 
GLU HB3  H N N 108 
GLU HG2  H N N 109 
GLU HG3  H N N 110 
GLU HE2  H N N 111 
GLU HXT  H N N 112 
GLY N    N N N 113 
GLY CA   C N N 114 
GLY C    C N N 115 
GLY O    O N N 116 
GLY OXT  O N N 117 
GLY H    H N N 118 
GLY H2   H N N 119 
GLY HA2  H N N 120 
GLY HA3  H N N 121 
GLY HXT  H N N 122 
HIS N    N N N 123 
HIS CA   C N S 124 
HIS C    C N N 125 
HIS O    O N N 126 
HIS CB   C N N 127 
HIS CG   C Y N 128 
HIS ND1  N Y N 129 
HIS CD2  C Y N 130 
HIS CE1  C Y N 131 
HIS NE2  N Y N 132 
HIS OXT  O N N 133 
HIS H    H N N 134 
HIS H2   H N N 135 
HIS HA   H N N 136 
HIS HB2  H N N 137 
HIS HB3  H N N 138 
HIS HD1  H N N 139 
HIS HD2  H N N 140 
HIS HE1  H N N 141 
HIS HE2  H N N 142 
HIS HXT  H N N 143 
HOH O    O N N 144 
HOH H1   H N N 145 
HOH H2   H N N 146 
ILE N    N N N 147 
ILE CA   C N S 148 
ILE C    C N N 149 
ILE O    O N N 150 
ILE CB   C N S 151 
ILE CG1  C N N 152 
ILE CG2  C N N 153 
ILE CD1  C N N 154 
ILE OXT  O N N 155 
ILE H    H N N 156 
ILE H2   H N N 157 
ILE HA   H N N 158 
ILE HB   H N N 159 
ILE HG12 H N N 160 
ILE HG13 H N N 161 
ILE HG21 H N N 162 
ILE HG22 H N N 163 
ILE HG23 H N N 164 
ILE HD11 H N N 165 
ILE HD12 H N N 166 
ILE HD13 H N N 167 
ILE HXT  H N N 168 
LEU N    N N N 169 
LEU CA   C N S 170 
LEU C    C N N 171 
LEU O    O N N 172 
LEU CB   C N N 173 
LEU CG   C N N 174 
LEU CD1  C N N 175 
LEU CD2  C N N 176 
LEU OXT  O N N 177 
LEU H    H N N 178 
LEU H2   H N N 179 
LEU HA   H N N 180 
LEU HB2  H N N 181 
LEU HB3  H N N 182 
LEU HG   H N N 183 
LEU HD11 H N N 184 
LEU HD12 H N N 185 
LEU HD13 H N N 186 
LEU HD21 H N N 187 
LEU HD22 H N N 188 
LEU HD23 H N N 189 
LEU HXT  H N N 190 
LYS N    N N N 191 
LYS CA   C N S 192 
LYS C    C N N 193 
LYS O    O N N 194 
LYS CB   C N N 195 
LYS CG   C N N 196 
LYS CD   C N N 197 
LYS CE   C N N 198 
LYS NZ   N N N 199 
LYS OXT  O N N 200 
LYS H    H N N 201 
LYS H2   H N N 202 
LYS HA   H N N 203 
LYS HB2  H N N 204 
LYS HB3  H N N 205 
LYS HG2  H N N 206 
LYS HG3  H N N 207 
LYS HD2  H N N 208 
LYS HD3  H N N 209 
LYS HE2  H N N 210 
LYS HE3  H N N 211 
LYS HZ1  H N N 212 
LYS HZ2  H N N 213 
LYS HZ3  H N N 214 
LYS HXT  H N N 215 
PEG C1   C N N 216 
PEG O1   O N N 217 
PEG C2   C N N 218 
PEG O2   O N N 219 
PEG C3   C N N 220 
PEG C4   C N N 221 
PEG O4   O N N 222 
PEG H11  H N N 223 
PEG H12  H N N 224 
PEG HO1  H N N 225 
PEG H21  H N N 226 
PEG H22  H N N 227 
PEG H31  H N N 228 
PEG H32  H N N 229 
PEG H41  H N N 230 
PEG H42  H N N 231 
PEG HO4  H N N 232 
PGE C1   C N N 233 
PGE O1   O N N 234 
PGE C2   C N N 235 
PGE O2   O N N 236 
PGE C3   C N N 237 
PGE C4   C N N 238 
PGE O4   O N N 239 
PGE C6   C N N 240 
PGE C5   C N N 241 
PGE O3   O N N 242 
PGE H1   H N N 243 
PGE H12  H N N 244 
PGE HO1  H N N 245 
PGE H2   H N N 246 
PGE H22  H N N 247 
PGE H3   H N N 248 
PGE H32  H N N 249 
PGE H4   H N N 250 
PGE H42  H N N 251 
PGE HO4  H N N 252 
PGE H6   H N N 253 
PGE H62  H N N 254 
PGE H5   H N N 255 
PGE H52  H N N 256 
PHE N    N N N 257 
PHE CA   C N S 258 
PHE C    C N N 259 
PHE O    O N N 260 
PHE CB   C N N 261 
PHE CG   C Y N 262 
PHE CD1  C Y N 263 
PHE CD2  C Y N 264 
PHE CE1  C Y N 265 
PHE CE2  C Y N 266 
PHE CZ   C Y N 267 
PHE OXT  O N N 268 
PHE H    H N N 269 
PHE H2   H N N 270 
PHE HA   H N N 271 
PHE HB2  H N N 272 
PHE HB3  H N N 273 
PHE HD1  H N N 274 
PHE HD2  H N N 275 
PHE HE1  H N N 276 
PHE HE2  H N N 277 
PHE HZ   H N N 278 
PHE HXT  H N N 279 
PRO N    N N N 280 
PRO CA   C N S 281 
PRO C    C N N 282 
PRO O    O N N 283 
PRO CB   C N N 284 
PRO CG   C N N 285 
PRO CD   C N N 286 
PRO OXT  O N N 287 
PRO H    H N N 288 
PRO HA   H N N 289 
PRO HB2  H N N 290 
PRO HB3  H N N 291 
PRO HG2  H N N 292 
PRO HG3  H N N 293 
PRO HD2  H N N 294 
PRO HD3  H N N 295 
PRO HXT  H N N 296 
SER N    N N N 297 
SER CA   C N S 298 
SER C    C N N 299 
SER O    O N N 300 
SER CB   C N N 301 
SER OG   O N N 302 
SER OXT  O N N 303 
SER H    H N N 304 
SER H2   H N N 305 
SER HA   H N N 306 
SER HB2  H N N 307 
SER HB3  H N N 308 
SER HG   H N N 309 
SER HXT  H N N 310 
SO4 S    S N N 311 
SO4 O1   O N N 312 
SO4 O2   O N N 313 
SO4 O3   O N N 314 
SO4 O4   O N N 315 
THR N    N N N 316 
THR CA   C N S 317 
THR C    C N N 318 
THR O    O N N 319 
THR CB   C N R 320 
THR OG1  O N N 321 
THR CG2  C N N 322 
THR OXT  O N N 323 
THR H    H N N 324 
THR H2   H N N 325 
THR HA   H N N 326 
THR HB   H N N 327 
THR HG1  H N N 328 
THR HG21 H N N 329 
THR HG22 H N N 330 
THR HG23 H N N 331 
THR HXT  H N N 332 
TRP N    N N N 333 
TRP CA   C N S 334 
TRP C    C N N 335 
TRP O    O N N 336 
TRP CB   C N N 337 
TRP CG   C Y N 338 
TRP CD1  C Y N 339 
TRP CD2  C Y N 340 
TRP NE1  N Y N 341 
TRP CE2  C Y N 342 
TRP CE3  C Y N 343 
TRP CZ2  C Y N 344 
TRP CZ3  C Y N 345 
TRP CH2  C Y N 346 
TRP OXT  O N N 347 
TRP H    H N N 348 
TRP H2   H N N 349 
TRP HA   H N N 350 
TRP HB2  H N N 351 
TRP HB3  H N N 352 
TRP HD1  H N N 353 
TRP HE1  H N N 354 
TRP HE3  H N N 355 
TRP HZ2  H N N 356 
TRP HZ3  H N N 357 
TRP HH2  H N N 358 
TRP HXT  H N N 359 
TYR N    N N N 360 
TYR CA   C N S 361 
TYR C    C N N 362 
TYR O    O N N 363 
TYR CB   C N N 364 
TYR CG   C Y N 365 
TYR CD1  C Y N 366 
TYR CD2  C Y N 367 
TYR CE1  C Y N 368 
TYR CE2  C Y N 369 
TYR CZ   C Y N 370 
TYR OH   O N N 371 
TYR OXT  O N N 372 
TYR H    H N N 373 
TYR H2   H N N 374 
TYR HA   H N N 375 
TYR HB2  H N N 376 
TYR HB3  H N N 377 
TYR HD1  H N N 378 
TYR HD2  H N N 379 
TYR HE1  H N N 380 
TYR HE2  H N N 381 
TYR HH   H N N 382 
TYR HXT  H N N 383 
VAL N    N N N 384 
VAL CA   C N S 385 
VAL C    C N N 386 
VAL O    O N N 387 
VAL CB   C N N 388 
VAL CG1  C N N 389 
VAL CG2  C N N 390 
VAL OXT  O N N 391 
VAL H    H N N 392 
VAL H2   H N N 393 
VAL HA   H N N 394 
VAL HB   H N N 395 
VAL HG11 H N N 396 
VAL HG12 H N N 397 
VAL HG13 H N N 398 
VAL HG21 H N N 399 
VAL HG22 H N N 400 
VAL HG23 H N N 401 
VAL HXT  H N N 402 
# 
loop_
_chem_comp_bond.comp_id 
_chem_comp_bond.atom_id_1 
_chem_comp_bond.atom_id_2 
_chem_comp_bond.value_order 
_chem_comp_bond.pdbx_aromatic_flag 
_chem_comp_bond.pdbx_stereo_config 
_chem_comp_bond.pdbx_ordinal 
ALA N   CA   sing N N 1   
ALA N   H    sing N N 2   
ALA N   H2   sing N N 3   
ALA CA  C    sing N N 4   
ALA CA  CB   sing N N 5   
ALA CA  HA   sing N N 6   
ALA C   O    doub N N 7   
ALA C   OXT  sing N N 8   
ALA CB  HB1  sing N N 9   
ALA CB  HB2  sing N N 10  
ALA CB  HB3  sing N N 11  
ALA OXT HXT  sing N N 12  
ARG N   CA   sing N N 13  
ARG N   H    sing N N 14  
ARG N   H2   sing N N 15  
ARG CA  C    sing N N 16  
ARG CA  CB   sing N N 17  
ARG CA  HA   sing N N 18  
ARG C   O    doub N N 19  
ARG C   OXT  sing N N 20  
ARG CB  CG   sing N N 21  
ARG CB  HB2  sing N N 22  
ARG CB  HB3  sing N N 23  
ARG CG  CD   sing N N 24  
ARG CG  HG2  sing N N 25  
ARG CG  HG3  sing N N 26  
ARG CD  NE   sing N N 27  
ARG CD  HD2  sing N N 28  
ARG CD  HD3  sing N N 29  
ARG NE  CZ   sing N N 30  
ARG NE  HE   sing N N 31  
ARG CZ  NH1  sing N N 32  
ARG CZ  NH2  doub N N 33  
ARG NH1 HH11 sing N N 34  
ARG NH1 HH12 sing N N 35  
ARG NH2 HH21 sing N N 36  
ARG NH2 HH22 sing N N 37  
ARG OXT HXT  sing N N 38  
ASN N   CA   sing N N 39  
ASN N   H    sing N N 40  
ASN N   H2   sing N N 41  
ASN CA  C    sing N N 42  
ASN CA  CB   sing N N 43  
ASN CA  HA   sing N N 44  
ASN C   O    doub N N 45  
ASN C   OXT  sing N N 46  
ASN CB  CG   sing N N 47  
ASN CB  HB2  sing N N 48  
ASN CB  HB3  sing N N 49  
ASN CG  OD1  doub N N 50  
ASN CG  ND2  sing N N 51  
ASN ND2 HD21 sing N N 52  
ASN ND2 HD22 sing N N 53  
ASN OXT HXT  sing N N 54  
ASP N   CA   sing N N 55  
ASP N   H    sing N N 56  
ASP N   H2   sing N N 57  
ASP CA  C    sing N N 58  
ASP CA  CB   sing N N 59  
ASP CA  HA   sing N N 60  
ASP C   O    doub N N 61  
ASP C   OXT  sing N N 62  
ASP CB  CG   sing N N 63  
ASP CB  HB2  sing N N 64  
ASP CB  HB3  sing N N 65  
ASP CG  OD1  doub N N 66  
ASP CG  OD2  sing N N 67  
ASP OD2 HD2  sing N N 68  
ASP OXT HXT  sing N N 69  
GLN N   CA   sing N N 70  
GLN N   H    sing N N 71  
GLN N   H2   sing N N 72  
GLN CA  C    sing N N 73  
GLN CA  CB   sing N N 74  
GLN CA  HA   sing N N 75  
GLN C   O    doub N N 76  
GLN C   OXT  sing N N 77  
GLN CB  CG   sing N N 78  
GLN CB  HB2  sing N N 79  
GLN CB  HB3  sing N N 80  
GLN CG  CD   sing N N 81  
GLN CG  HG2  sing N N 82  
GLN CG  HG3  sing N N 83  
GLN CD  OE1  doub N N 84  
GLN CD  NE2  sing N N 85  
GLN NE2 HE21 sing N N 86  
GLN NE2 HE22 sing N N 87  
GLN OXT HXT  sing N N 88  
GLU N   CA   sing N N 89  
GLU N   H    sing N N 90  
GLU N   H2   sing N N 91  
GLU CA  C    sing N N 92  
GLU CA  CB   sing N N 93  
GLU CA  HA   sing N N 94  
GLU C   O    doub N N 95  
GLU C   OXT  sing N N 96  
GLU CB  CG   sing N N 97  
GLU CB  HB2  sing N N 98  
GLU CB  HB3  sing N N 99  
GLU CG  CD   sing N N 100 
GLU CG  HG2  sing N N 101 
GLU CG  HG3  sing N N 102 
GLU CD  OE1  doub N N 103 
GLU CD  OE2  sing N N 104 
GLU OE2 HE2  sing N N 105 
GLU OXT HXT  sing N N 106 
GLY N   CA   sing N N 107 
GLY N   H    sing N N 108 
GLY N   H2   sing N N 109 
GLY CA  C    sing N N 110 
GLY CA  HA2  sing N N 111 
GLY CA  HA3  sing N N 112 
GLY C   O    doub N N 113 
GLY C   OXT  sing N N 114 
GLY OXT HXT  sing N N 115 
HIS N   CA   sing N N 116 
HIS N   H    sing N N 117 
HIS N   H2   sing N N 118 
HIS CA  C    sing N N 119 
HIS CA  CB   sing N N 120 
HIS CA  HA   sing N N 121 
HIS C   O    doub N N 122 
HIS C   OXT  sing N N 123 
HIS CB  CG   sing N N 124 
HIS CB  HB2  sing N N 125 
HIS CB  HB3  sing N N 126 
HIS CG  ND1  sing Y N 127 
HIS CG  CD2  doub Y N 128 
HIS ND1 CE1  doub Y N 129 
HIS ND1 HD1  sing N N 130 
HIS CD2 NE2  sing Y N 131 
HIS CD2 HD2  sing N N 132 
HIS CE1 NE2  sing Y N 133 
HIS CE1 HE1  sing N N 134 
HIS NE2 HE2  sing N N 135 
HIS OXT HXT  sing N N 136 
HOH O   H1   sing N N 137 
HOH O   H2   sing N N 138 
ILE N   CA   sing N N 139 
ILE N   H    sing N N 140 
ILE N   H2   sing N N 141 
ILE CA  C    sing N N 142 
ILE CA  CB   sing N N 143 
ILE CA  HA   sing N N 144 
ILE C   O    doub N N 145 
ILE C   OXT  sing N N 146 
ILE CB  CG1  sing N N 147 
ILE CB  CG2  sing N N 148 
ILE CB  HB   sing N N 149 
ILE CG1 CD1  sing N N 150 
ILE CG1 HG12 sing N N 151 
ILE CG1 HG13 sing N N 152 
ILE CG2 HG21 sing N N 153 
ILE CG2 HG22 sing N N 154 
ILE CG2 HG23 sing N N 155 
ILE CD1 HD11 sing N N 156 
ILE CD1 HD12 sing N N 157 
ILE CD1 HD13 sing N N 158 
ILE OXT HXT  sing N N 159 
LEU N   CA   sing N N 160 
LEU N   H    sing N N 161 
LEU N   H2   sing N N 162 
LEU CA  C    sing N N 163 
LEU CA  CB   sing N N 164 
LEU CA  HA   sing N N 165 
LEU C   O    doub N N 166 
LEU C   OXT  sing N N 167 
LEU CB  CG   sing N N 168 
LEU CB  HB2  sing N N 169 
LEU CB  HB3  sing N N 170 
LEU CG  CD1  sing N N 171 
LEU CG  CD2  sing N N 172 
LEU CG  HG   sing N N 173 
LEU CD1 HD11 sing N N 174 
LEU CD1 HD12 sing N N 175 
LEU CD1 HD13 sing N N 176 
LEU CD2 HD21 sing N N 177 
LEU CD2 HD22 sing N N 178 
LEU CD2 HD23 sing N N 179 
LEU OXT HXT  sing N N 180 
LYS N   CA   sing N N 181 
LYS N   H    sing N N 182 
LYS N   H2   sing N N 183 
LYS CA  C    sing N N 184 
LYS CA  CB   sing N N 185 
LYS CA  HA   sing N N 186 
LYS C   O    doub N N 187 
LYS C   OXT  sing N N 188 
LYS CB  CG   sing N N 189 
LYS CB  HB2  sing N N 190 
LYS CB  HB3  sing N N 191 
LYS CG  CD   sing N N 192 
LYS CG  HG2  sing N N 193 
LYS CG  HG3  sing N N 194 
LYS CD  CE   sing N N 195 
LYS CD  HD2  sing N N 196 
LYS CD  HD3  sing N N 197 
LYS CE  NZ   sing N N 198 
LYS CE  HE2  sing N N 199 
LYS CE  HE3  sing N N 200 
LYS NZ  HZ1  sing N N 201 
LYS NZ  HZ2  sing N N 202 
LYS NZ  HZ3  sing N N 203 
LYS OXT HXT  sing N N 204 
PEG C1  O1   sing N N 205 
PEG C1  C2   sing N N 206 
PEG C1  H11  sing N N 207 
PEG C1  H12  sing N N 208 
PEG O1  HO1  sing N N 209 
PEG C2  O2   sing N N 210 
PEG C2  H21  sing N N 211 
PEG C2  H22  sing N N 212 
PEG O2  C3   sing N N 213 
PEG C3  C4   sing N N 214 
PEG C3  H31  sing N N 215 
PEG C3  H32  sing N N 216 
PEG C4  O4   sing N N 217 
PEG C4  H41  sing N N 218 
PEG C4  H42  sing N N 219 
PEG O4  HO4  sing N N 220 
PGE C1  O1   sing N N 221 
PGE C1  C2   sing N N 222 
PGE C1  H1   sing N N 223 
PGE C1  H12  sing N N 224 
PGE O1  HO1  sing N N 225 
PGE C2  O2   sing N N 226 
PGE C2  H2   sing N N 227 
PGE C2  H22  sing N N 228 
PGE O2  C3   sing N N 229 
PGE C3  C4   sing N N 230 
PGE C3  H3   sing N N 231 
PGE C3  H32  sing N N 232 
PGE C4  O3   sing N N 233 
PGE C4  H4   sing N N 234 
PGE C4  H42  sing N N 235 
PGE O4  C6   sing N N 236 
PGE O4  HO4  sing N N 237 
PGE C6  C5   sing N N 238 
PGE C6  H6   sing N N 239 
PGE C6  H62  sing N N 240 
PGE C5  O3   sing N N 241 
PGE C5  H5   sing N N 242 
PGE C5  H52  sing N N 243 
PHE N   CA   sing N N 244 
PHE N   H    sing N N 245 
PHE N   H2   sing N N 246 
PHE CA  C    sing N N 247 
PHE CA  CB   sing N N 248 
PHE CA  HA   sing N N 249 
PHE C   O    doub N N 250 
PHE C   OXT  sing N N 251 
PHE CB  CG   sing N N 252 
PHE CB  HB2  sing N N 253 
PHE CB  HB3  sing N N 254 
PHE CG  CD1  doub Y N 255 
PHE CG  CD2  sing Y N 256 
PHE CD1 CE1  sing Y N 257 
PHE CD1 HD1  sing N N 258 
PHE CD2 CE2  doub Y N 259 
PHE CD2 HD2  sing N N 260 
PHE CE1 CZ   doub Y N 261 
PHE CE1 HE1  sing N N 262 
PHE CE2 CZ   sing Y N 263 
PHE CE2 HE2  sing N N 264 
PHE CZ  HZ   sing N N 265 
PHE OXT HXT  sing N N 266 
PRO N   CA   sing N N 267 
PRO N   CD   sing N N 268 
PRO N   H    sing N N 269 
PRO CA  C    sing N N 270 
PRO CA  CB   sing N N 271 
PRO CA  HA   sing N N 272 
PRO C   O    doub N N 273 
PRO C   OXT  sing N N 274 
PRO CB  CG   sing N N 275 
PRO CB  HB2  sing N N 276 
PRO CB  HB3  sing N N 277 
PRO CG  CD   sing N N 278 
PRO CG  HG2  sing N N 279 
PRO CG  HG3  sing N N 280 
PRO CD  HD2  sing N N 281 
PRO CD  HD3  sing N N 282 
PRO OXT HXT  sing N N 283 
SER N   CA   sing N N 284 
SER N   H    sing N N 285 
SER N   H2   sing N N 286 
SER CA  C    sing N N 287 
SER CA  CB   sing N N 288 
SER CA  HA   sing N N 289 
SER C   O    doub N N 290 
SER C   OXT  sing N N 291 
SER CB  OG   sing N N 292 
SER CB  HB2  sing N N 293 
SER CB  HB3  sing N N 294 
SER OG  HG   sing N N 295 
SER OXT HXT  sing N N 296 
SO4 S   O1   doub N N 297 
SO4 S   O2   doub N N 298 
SO4 S   O3   sing N N 299 
SO4 S   O4   sing N N 300 
THR N   CA   sing N N 301 
THR N   H    sing N N 302 
THR N   H2   sing N N 303 
THR CA  C    sing N N 304 
THR CA  CB   sing N N 305 
THR CA  HA   sing N N 306 
THR C   O    doub N N 307 
THR C   OXT  sing N N 308 
THR CB  OG1  sing N N 309 
THR CB  CG2  sing N N 310 
THR CB  HB   sing N N 311 
THR OG1 HG1  sing N N 312 
THR CG2 HG21 sing N N 313 
THR CG2 HG22 sing N N 314 
THR CG2 HG23 sing N N 315 
THR OXT HXT  sing N N 316 
TRP N   CA   sing N N 317 
TRP N   H    sing N N 318 
TRP N   H2   sing N N 319 
TRP CA  C    sing N N 320 
TRP CA  CB   sing N N 321 
TRP CA  HA   sing N N 322 
TRP C   O    doub N N 323 
TRP C   OXT  sing N N 324 
TRP CB  CG   sing N N 325 
TRP CB  HB2  sing N N 326 
TRP CB  HB3  sing N N 327 
TRP CG  CD1  doub Y N 328 
TRP CG  CD2  sing Y N 329 
TRP CD1 NE1  sing Y N 330 
TRP CD1 HD1  sing N N 331 
TRP CD2 CE2  doub Y N 332 
TRP CD2 CE3  sing Y N 333 
TRP NE1 CE2  sing Y N 334 
TRP NE1 HE1  sing N N 335 
TRP CE2 CZ2  sing Y N 336 
TRP CE3 CZ3  doub Y N 337 
TRP CE3 HE3  sing N N 338 
TRP CZ2 CH2  doub Y N 339 
TRP CZ2 HZ2  sing N N 340 
TRP CZ3 CH2  sing Y N 341 
TRP CZ3 HZ3  sing N N 342 
TRP CH2 HH2  sing N N 343 
TRP OXT HXT  sing N N 344 
TYR N   CA   sing N N 345 
TYR N   H    sing N N 346 
TYR N   H2   sing N N 347 
TYR CA  C    sing N N 348 
TYR CA  CB   sing N N 349 
TYR CA  HA   sing N N 350 
TYR C   O    doub N N 351 
TYR C   OXT  sing N N 352 
TYR CB  CG   sing N N 353 
TYR CB  HB2  sing N N 354 
TYR CB  HB3  sing N N 355 
TYR CG  CD1  doub Y N 356 
TYR CG  CD2  sing Y N 357 
TYR CD1 CE1  sing Y N 358 
TYR CD1 HD1  sing N N 359 
TYR CD2 CE2  doub Y N 360 
TYR CD2 HD2  sing N N 361 
TYR CE1 CZ   doub Y N 362 
TYR CE1 HE1  sing N N 363 
TYR CE2 CZ   sing Y N 364 
TYR CE2 HE2  sing N N 365 
TYR CZ  OH   sing N N 366 
TYR OH  HH   sing N N 367 
TYR OXT HXT  sing N N 368 
VAL N   CA   sing N N 369 
VAL N   H    sing N N 370 
VAL N   H2   sing N N 371 
VAL CA  C    sing N N 372 
VAL CA  CB   sing N N 373 
VAL CA  HA   sing N N 374 
VAL C   O    doub N N 375 
VAL C   OXT  sing N N 376 
VAL CB  CG1  sing N N 377 
VAL CB  CG2  sing N N 378 
VAL CB  HB   sing N N 379 
VAL CG1 HG11 sing N N 380 
VAL CG1 HG12 sing N N 381 
VAL CG1 HG13 sing N N 382 
VAL CG2 HG21 sing N N 383 
VAL CG2 HG22 sing N N 384 
VAL CG2 HG23 sing N N 385 
VAL OXT HXT  sing N N 386 
# 
_pdbx_audit_support.funding_organization   'Spanish Ministry of Economy and Competitiveness' 
_pdbx_audit_support.country                Spain 
_pdbx_audit_support.grant_number           BIO2016-78020-R 
_pdbx_audit_support.ordinal                1 
# 
_pdbx_initial_refinement_model.id               1 
_pdbx_initial_refinement_model.entity_id_list   ? 
_pdbx_initial_refinement_model.type             'experimental model' 
_pdbx_initial_refinement_model.source_name      PDB 
_pdbx_initial_refinement_model.accession_code   4JZ3 
_pdbx_initial_refinement_model.details          ? 
# 
_atom_sites.entry_id                    7A3E 
_atom_sites.Cartn_transf_matrix[1][1]   ? 
_atom_sites.Cartn_transf_matrix[1][2]   ? 
_atom_sites.Cartn_transf_matrix[1][3]   ? 
_atom_sites.Cartn_transf_matrix[2][1]   ? 
_atom_sites.Cartn_transf_matrix[2][2]   ? 
_atom_sites.Cartn_transf_matrix[2][3]   ? 
_atom_sites.Cartn_transf_matrix[3][1]   ? 
_atom_sites.Cartn_transf_matrix[3][2]   ? 
_atom_sites.Cartn_transf_matrix[3][3]   ? 
_atom_sites.Cartn_transf_vector[1]      ? 
_atom_sites.Cartn_transf_vector[2]      ? 
_atom_sites.Cartn_transf_vector[3]      ? 
_atom_sites.fract_transf_matrix[1][1]   -0.02416747 
_atom_sites.fract_transf_matrix[1][2]   0.00018620 
_atom_sites.fract_transf_matrix[1][3]   0.00446875 
_atom_sites.fract_transf_matrix[2][1]   -0.01156578 
_atom_sites.fract_transf_matrix[2][2]   -0.02086593 
_atom_sites.fract_transf_matrix[2][3]   0.00590963 
_atom_sites.fract_transf_matrix[3][1]   0.00143138 
_atom_sites.fract_transf_matrix[3][2]   0.00138270 
_atom_sites.fract_transf_matrix[3][3]   0.00768344 
_atom_sites.fract_transf_vector[1]      1.324350 
_atom_sites.fract_transf_vector[2]      1.016987 
_atom_sites.fract_transf_vector[3]      0.011647 
_atom_sites.solution_primary            ? 
_atom_sites.solution_secondary          ? 
_atom_sites.solution_hydrogens          ? 
_atom_sites.special_details             ? 
# 
loop_
_atom_type.symbol 
C 
H 
N 
O 
S 
# 
loop_
_atom_site.group_PDB 
_atom_site.id 
_atom_site.type_symbol 
_atom_site.label_atom_id 
_atom_site.label_alt_id 
_atom_site.label_comp_id 
_atom_site.label_asym_id 
_atom_site.label_entity_id 
_atom_site.label_seq_id 
_atom_site.pdbx_PDB_ins_code 
_atom_site.Cartn_x 
_atom_site.Cartn_y 
_atom_site.Cartn_z 
_atom_site.occupancy 
_atom_site.B_iso_or_equiv 
_atom_site.pdbx_formal_charge 
_atom_site.auth_seq_id 
_atom_site.auth_comp_id 
_atom_site.auth_asym_id 
_atom_site.auth_atom_id 
_atom_site.pdbx_PDB_model_num 
ATOM   1   N N    . THR A 1 4  ? -6.971  9.692   12.722  1.00 75.90  ? 84  THR A N    1 
ATOM   2   C CA   . THR A 1 4  ? -5.561  9.992   12.524  1.00 65.79  ? 84  THR A CA   1 
ATOM   3   C C    . THR A 1 4  ? -4.695  8.768   12.880  1.00 78.28  ? 84  THR A C    1 
ATOM   4   O O    . THR A 1 4  ? -3.689  8.502   12.231  1.00 68.95  ? 84  THR A O    1 
ATOM   5   C CB   . THR A 1 4  ? -5.087  11.202  13.375  1.00 70.47  ? 84  THR A CB   1 
ATOM   6   H HA   . THR A 1 4  ? -5.420  10.219  11.592  1.00 78.96  ? 84  THR A HA   1 
ATOM   7   N N    . THR A 1 5  ? -5.085  8.033   13.922  1.00 67.14  ? 85  THR A N    1 
ATOM   8   C CA   . THR A 1 5  ? -4.374  6.837   14.370  1.00 57.31  ? 85  THR A CA   1 
ATOM   9   C C    . THR A 1 5  ? -5.231  5.609   14.082  1.00 74.35  ? 85  THR A C    1 
ATOM   10  O O    . THR A 1 5  ? -6.413  5.612   14.417  1.00 63.16  ? 85  THR A O    1 
ATOM   11  C CB   . THR A 1 5  ? -4.125  6.916   15.876  1.00 60.79  ? 85  THR A CB   1 
ATOM   12  O OG1  . THR A 1 5  ? -3.318  8.060   16.148  1.00 55.14  ? 85  THR A OG1  1 
ATOM   13  C CG2  . THR A 1 5  ? -3.413  5.665   16.375  1.00 64.74  ? 85  THR A CG2  1 
ATOM   14  H H    . THR A 1 5  ? -5.779  8.211   14.397  1.00 80.58  ? 85  THR A H    1 
ATOM   15  H HA   . THR A 1 5  ? -3.530  6.760   13.898  1.00 68.79  ? 85  THR A HA   1 
ATOM   16  H HB   . THR A 1 5  ? -4.969  6.983   16.346  1.00 72.96  ? 85  THR A HB   1 
ATOM   17  H HG1  . THR A 1 5  ? -3.176  8.122   16.974  1.00 66.19  ? 85  THR A HG1  1 
ATOM   18  H HG21 . THR A 1 5  ? -3.032  5.828   17.252  1.00 77.71  ? 85  THR A HG21 1 
ATOM   19  H HG22 . THR A 1 5  ? -4.042  4.929   16.438  1.00 77.71  ? 85  THR A HG22 1 
ATOM   20  H HG23 . THR A 1 5  ? -2.702  5.420   15.763  1.00 77.71  ? 85  THR A HG23 1 
ATOM   21  N N    . PHE A 1 6  ? -4.636  4.555   13.502  1.00 42.02  ? 86  PHE A N    1 
ATOM   22  C CA   . PHE A 1 6  ? -5.299  3.273   13.267  1.00 37.78  ? 86  PHE A CA   1 
ATOM   23  C C    . PHE A 1 6  ? -4.750  2.186   14.189  1.00 36.14  ? 86  PHE A C    1 
ATOM   24  O O    . PHE A 1 6  ? -3.628  2.274   14.695  1.00 38.63  ? 86  PHE A O    1 
ATOM   25  C CB   . PHE A 1 6  ? -5.068  2.834   11.804  1.00 37.77  ? 86  PHE A CB   1 
ATOM   26  C CG   . PHE A 1 6  ? -5.715  3.746   10.835  1.00 41.28  ? 86  PHE A CG   1 
ATOM   27  C CD1  . PHE A 1 6  ? -5.120  4.953   10.481  1.00 38.95  ? 86  PHE A CD1  1 
ATOM   28  C CD2  . PHE A 1 6  ? -6.949  3.447   10.332  1.00 47.39  ? 86  PHE A CD2  1 
ATOM   29  C CE1  . PHE A 1 6  ? -5.748  5.822   9.600   1.00 50.44  ? 86  PHE A CE1  1 
ATOM   30  C CE2  . PHE A 1 6  ? -7.569  4.310   9.458   1.00 42.08  ? 86  PHE A CE2  1 
ATOM   31  C CZ   . PHE A 1 6  ? -6.937  5.476   9.064   1.00 50.92  ? 86  PHE A CZ   1 
ATOM   32  H H    . PHE A 1 6  ? -3.820  4.564   13.230  1.00 50.44  ? 86  PHE A H    1 
ATOM   33  H HA   . PHE A 1 6  ? -6.247  3.370   13.449  1.00 45.36  ? 86  PHE A HA   1 
ATOM   34  H HB2  . PHE A 1 6  ? -4.116  2.825   11.621  1.00 45.34  ? 86  PHE A HB2  1 
ATOM   35  H HB3  . PHE A 1 6  ? -5.439  1.946   11.677  1.00 45.34  ? 86  PHE A HB3  1 
ATOM   36  H HD1  . PHE A 1 6  ? -4.292  5.180   10.839  1.00 46.76  ? 86  PHE A HD1  1 
ATOM   37  H HD2  . PHE A 1 6  ? -7.372  2.656   10.581  1.00 56.88  ? 86  PHE A HD2  1 
ATOM   38  H HE1  . PHE A 1 6  ? -5.353  6.635   9.380   1.00 60.55  ? 86  PHE A HE1  1 
ATOM   39  H HE2  . PHE A 1 6  ? -8.416  4.109   9.130   1.00 50.52  ? 86  PHE A HE2  1 
ATOM   40  H HZ   . PHE A 1 6  ? -7.333  6.025   8.427   1.00 61.12  ? 86  PHE A HZ   1 
ATOM   41  N N    . VAL A 1 7  ? -5.544  1.136   14.374  1.00 38.56  ? 87  VAL A N    1 
ATOM   42  C CA   . VAL A 1 7  ? -5.152  -0.013  15.183  1.00 38.69  ? 87  VAL A CA   1 
ATOM   43  C C    . VAL A 1 7  ? -5.166  -1.259  14.294  1.00 40.72  ? 87  VAL A C    1 
ATOM   44  O O    . VAL A 1 7  ? -6.106  -1.482  13.522  1.00 39.47  ? 87  VAL A O    1 
ATOM   45  C CB   . VAL A 1 7  ? -6.049  -0.157  16.432  1.00 38.59  ? 87  VAL A CB   1 
ATOM   46  C CG1  . VAL A 1 7  ? -7.439  -0.081  16.066  1.00 51.74  ? 87  VAL A CG1  1 
ATOM   47  C CG2  . VAL A 1 7  ? -5.684  -1.432  17.207  1.00 45.01  ? 87  VAL A CG2  1 
ATOM   48  H H    . VAL A 1 7  ? -6.331  1.065   14.034  1.00 46.29  ? 87  VAL A H    1 
ATOM   49  H HA   . VAL A 1 7  ? -4.239  0.096   15.495  1.00 46.45  ? 87  VAL A HA   1 
ATOM   50  H HB   . VAL A 1 7  ? -5.894  0.582   17.042  1.00 46.33  ? 87  VAL A HB   1 
ATOM   51  H HG11 . VAL A 1 7  ? -7.982  -0.168  16.865  1.00 62.11  ? 87  VAL A HG11 1 
ATOM   52  H HG12 . VAL A 1 7  ? -7.608  0.777   15.645  1.00 62.11  ? 87  VAL A HG12 1 
ATOM   53  H HG13 . VAL A 1 7  ? -7.643  -0.799  15.447  1.00 62.11  ? 87  VAL A HG13 1 
ATOM   54  H HG21 . VAL A 1 7  ? -6.240  -1.489  18.000  1.00 54.03  ? 87  VAL A HG21 1 
ATOM   55  H HG22 . VAL A 1 7  ? -5.840  -2.202  16.638  1.00 54.03  ? 87  VAL A HG22 1 
ATOM   56  H HG23 . VAL A 1 7  ? -4.748  -1.392  17.459  1.00 54.03  ? 87  VAL A HG23 1 
ATOM   57  N N    . ALA A 1 8  ? -4.115  -2.057  14.394  1.00 38.43  ? 88  ALA A N    1 
ATOM   58  C CA   . ALA A 1 8  ? -4.079  -3.297  13.635  1.00 39.23  ? 88  ALA A CA   1 
ATOM   59  C C    . ALA A 1 8  ? -5.086  -4.312  14.149  1.00 40.97  ? 88  ALA A C    1 
ATOM   60  O O    . ALA A 1 8  ? -5.150  -4.617  15.352  1.00 39.72  ? 88  ALA A O    1 
ATOM   61  C CB   . ALA A 1 8  ? -2.673  -3.896  13.651  1.00 33.69  ? 88  ALA A CB   1 
ATOM   62  H H    . ALA A 1 8  ? -3.425  -1.908  14.884  1.00 46.14  ? 88  ALA A H    1 
ATOM   63  H HA   . ALA A 1 8  ? -4.319  -3.091  12.718  1.00 47.09  ? 88  ALA A HA   1 
ATOM   64  H HB1  . ALA A 1 8  ? -2.673  -4.714  13.128  1.00 40.44  ? 88  ALA A HB1  1 
ATOM   65  H HB2  . ALA A 1 8  ? -2.054  -3.258  13.264  1.00 40.44  ? 88  ALA A HB2  1 
ATOM   66  H HB3  . ALA A 1 8  ? -2.422  -4.089  14.567  1.00 40.44  ? 88  ALA A HB3  1 
ATOM   67  N N    . LEU A 1 9  ? -5.843  -4.892  13.211  1.00 42.28  ? 89  LEU A N    1 
ATOM   68  C CA   . LEU A 1 9  ? -6.823  -5.914  13.572  1.00 40.38  ? 89  LEU A CA   1 
ATOM   69  C C    . LEU A 1 9  ? -6.183  -7.287  13.546  1.00 45.56  ? 89  LEU A C    1 
ATOM   70  O O    . LEU A 1 9  ? -6.699  -8.226  14.140  1.00 45.02  ? 89  LEU A O    1 
ATOM   71  C CB   . LEU A 1 9  ? -7.954  -5.912  12.558  1.00 44.73  ? 89  LEU A CB   1 
ATOM   72  C CG   . LEU A 1 9  ? -8.630  -4.573  12.340  1.00 50.25  ? 89  LEU A CG   1 
ATOM   73  C CD1  . LEU A 1 9  ? -9.504  -4.654  10.991  1.00 57.34  ? 89  LEU A CD1  1 
ATOM   74  C CD2  . LEU A 1 9  ? -9.466  -4.266  13.568  1.00 61.34  ? 89  LEU A CD2  1 
ATOM   75  H H    . LEU A 1 9  ? -5.806  -4.711  12.371  1.00 50.76  ? 89  LEU A H    1 
ATOM   76  H HA   . LEU A 1 9  ? -7.188  -5.727  14.450  1.00 48.36  ? 89  LEU A HA   1 
ATOM   77  H HB2  . LEU A 1 9  ? -7.597  -6.200  11.703  1.00 53.69  ? 89  LEU A HB2  1 
ATOM   78  H HB3  . LEU A 1 9  ? -8.634  -6.534  12.860  1.00 53.69  ? 89  LEU A HB3  1 
ATOM   79  H HG   . LEU A 1 9  ? -7.998  -3.846  12.225  1.00 60.32  ? 89  LEU A HG   1 
ATOM   80  H HD11 . LEU A 1 9  ? -9.917  -3.791  10.830  1.00 68.83  ? 89  LEU A HD11 1 
ATOM   81  H HD12 . LEU A 1 9  ? -8.921  -4.884  10.250  1.00 68.83  ? 89  LEU A HD12 1 
ATOM   82  H HD13 . LEU A 1 9  ? -10.188 -5.333  11.098  1.00 68.83  ? 89  LEU A HD13 1 
ATOM   83  H HD21 . LEU A 1 9  ? -9.893  -3.403  13.452  1.00 73.62  ? 89  LEU A HD21 1 
ATOM   84  H HD22 . LEU A 1 9  ? -10.139 -4.957  13.672  1.00 73.62  ? 89  LEU A HD22 1 
ATOM   85  H HD23 . LEU A 1 9  ? -8.888  -4.248  14.347  1.00 73.62  ? 89  LEU A HD23 1 
ATOM   86  N N    . TYR A 1 10 ? -5.092  -7.415  12.785  1.00 39.84  ? 90  TYR A N    1 
ATOM   87  C CA   . TYR A 1 10 ? -4.460  -8.697  12.572  1.00 38.47  ? 90  TYR A CA   1 
ATOM   88  C C    . TYR A 1 10 ? -2.965  -8.541  12.584  1.00 40.89  ? 90  TYR A C    1 
ATOM   89  O O    . TYR A 1 10 ? -2.454  -7.446  12.331  1.00 41.89  ? 90  TYR A O    1 
ATOM   90  C CB   . TYR A 1 10 ? -4.803  -9.294  11.215  1.00 42.10  ? 90  TYR A CB   1 
ATOM   91  C CG   . TYR A 1 10 ? -6.281  -9.296  10.888  1.00 42.15  ? 90  TYR A CG   1 
ATOM   92  C CD1  . TYR A 1 10 ? -7.082  -10.287 11.393  1.00 43.73  ? 90  TYR A CD1  1 
ATOM   93  C CD2  . TYR A 1 10 ? -6.872  -8.268  10.166  1.00 44.21  ? 90  TYR A CD2  1 
ATOM   94  C CE1  . TYR A 1 10 ? -8.422  -10.316 11.135  1.00 46.01  ? 90  TYR A CE1  1 
ATOM   95  C CE2  . TYR A 1 10 ? -8.220  -8.284  9.887   1.00 51.67  ? 90  TYR A CE2  1 
ATOM   96  C CZ   . TYR A 1 10 ? -8.999  -9.315  10.390  1.00 48.20  ? 90  TYR A CZ   1 
ATOM   97  O OH   . TYR A 1 10 ? -10.362 -9.344  10.195  1.00 49.49  ? 90  TYR A OH   1 
ATOM   98  H H    . TYR A 1 10 ? -4.703  -6.761  12.382  1.00 47.83  ? 90  TYR A H    1 
ATOM   99  H HA   . TYR A 1 10 ? -4.754  -9.279  13.289  1.00 46.18  ? 90  TYR A HA   1 
ATOM   100 H HB2  . TYR A 1 10 ? -4.351  -8.781  10.527  1.00 50.54  ? 90  TYR A HB2  1 
ATOM   101 H HB3  . TYR A 1 10 ? -4.497  -10.215 11.196  1.00 50.54  ? 90  TYR A HB3  1 
ATOM   102 H HD1  . TYR A 1 10 ? -6.705  -10.953 11.922  1.00 52.47  ? 90  TYR A HD1  1 
ATOM   103 H HD2  . TYR A 1 10 ? -6.351  -7.559  9.867   1.00 53.07  ? 90  TYR A HD2  1 
ATOM   104 H HE1  . TYR A 1 10 ? -8.945  -11.013 11.464  1.00 55.24  ? 90  TYR A HE1  1 
ATOM   105 H HE2  . TYR A 1 10 ? -8.601  -7.614  9.368   1.00 62.03  ? 90  TYR A HE2  1 
ATOM   106 H HH   . TYR A 1 10 ? -10.605 -8.668  9.759   1.00 59.40  ? 90  TYR A HH   1 
ATOM   107 N N    . ASP A 1 11 ? -2.260  -9.664  12.668  1.00 40.08  ? 91  ASP A N    1 
ATOM   108 C CA   . ASP A 1 11 ? -0.818  -9.683  12.550  1.00 36.19  ? 91  ASP A CA   1 
ATOM   109 C C    . ASP A 1 11 ? -0.453  -9.682  11.049  1.00 36.49  ? 91  ASP A C    1 
ATOM   110 O O    . ASP A 1 11 ? -1.074  -10.400 10.265  1.00 39.51  ? 91  ASP A O    1 
ATOM   111 C CB   . ASP A 1 11 ? -0.257  -10.997 13.114  1.00 40.25  ? 91  ASP A CB   1 
ATOM   112 C CG   . ASP A 1 11 ? -0.172  -11.014 14.624  1.00 62.73  ? 91  ASP A CG   1 
ATOM   113 O OD1  . ASP A 1 11 ? -0.626  -10.054 15.263  1.00 48.29  ? 91  ASP A OD1  1 
ATOM   114 O OD2  . ASP A 1 11 ? 0.352   -12.005 15.174  1.00 61.82  ? 91  ASP A OD2  1 
ATOM   115 H H    . ASP A 1 11 ? -2.606  -10.441 12.795  1.00 48.12  ? 91  ASP A H    1 
ATOM   116 H HA   . ASP A 1 11 ? -0.428  -8.920  13.025  1.00 43.45  ? 91  ASP A HA   1 
ATOM   117 H HB2  . ASP A 1 11 ? -0.833  -11.727 12.839  1.00 48.32  ? 91  ASP A HB2  1 
ATOM   118 H HB3  . ASP A 1 11 ? 0.637   -11.132 12.764  1.00 48.32  ? 91  ASP A HB3  1 
ATOM   119 N N    . TYR A 1 12 ? 0.542   -8.892  10.649  1.00 36.08  ? 92  TYR A N    1 
ATOM   120 C CA   . TYR A 1 12 ? 1.070   -8.923  9.301   1.00 32.40  ? 92  TYR A CA   1 
ATOM   121 C C    . TYR A 1 12 ? 2.590   -9.063  9.301   1.00 35.99  ? 92  TYR A C    1 
ATOM   122 O O    . TYR A 1 12 ? 3.271   -8.274  9.954   1.00 34.34  ? 92  TYR A O    1 
ATOM   123 C CB   . TYR A 1 12 ? 0.659   -7.663  8.552   1.00 30.80  ? 92  TYR A CB   1 
ATOM   124 C CG   . TYR A 1 12 ? 1.232   -7.628  7.183   1.00 32.46  ? 92  TYR A CG   1 
ATOM   125 C CD1  . TYR A 1 12 ? 0.682   -8.428  6.189   1.00 38.14  ? 92  TYR A CD1  1 
ATOM   126 C CD2  . TYR A 1 12 ? 2.365   -6.900  6.854   1.00 29.19  ? 92  TYR A CD2  1 
ATOM   127 C CE1  . TYR A 1 12 ? 1.213   -8.444  4.938   1.00 32.14  ? 92  TYR A CE1  1 
ATOM   128 C CE2  . TYR A 1 12 ? 2.880   -6.942  5.583   1.00 28.84  ? 92  TYR A CE2  1 
ATOM   129 C CZ   . TYR A 1 12 ? 2.308   -7.708  4.640   1.00 28.86  ? 92  TYR A CZ   1 
ATOM   130 O OH   . TYR A 1 12 ? 2.830   -7.743  3.394   1.00 29.64  ? 92  TYR A OH   1 
ATOM   131 H H    . TYR A 1 12 ? 1.022   -8.423  11.187  1.00 43.31  ? 92  TYR A H    1 
ATOM   132 H HA   . TYR A 1 12 ? 0.724   -9.708  8.849   1.00 38.90  ? 92  TYR A HA   1 
ATOM   133 H HB2  . TYR A 1 12 ? -0.308  -7.635  8.478   1.00 36.99  ? 92  TYR A HB2  1 
ATOM   134 H HB3  . TYR A 1 12 ? 0.977   -6.884  9.035   1.00 36.99  ? 92  TYR A HB3  1 
ATOM   135 H HD1  . TYR A 1 12 ? -0.058  -8.957  6.381   1.00 45.79  ? 92  TYR A HD1  1 
ATOM   136 H HD2  . TYR A 1 12 ? 2.779   -6.376  7.502   1.00 35.05  ? 92  TYR A HD2  1 
ATOM   137 H HE1  . TYR A 1 12 ? 0.820   -8.969  4.278   1.00 38.59  ? 92  TYR A HE1  1 
ATOM   138 H HE2  . TYR A 1 12 ? 3.633   -6.437  5.372   1.00 34.62  ? 92  TYR A HE2  1 
ATOM   139 H HH   . TYR A 1 12 ? 3.521   -7.267  3.358   1.00 35.58  ? 92  TYR A HH   1 
ATOM   140 N N    . GLU A 1 13 ? 3.097   -10.040 8.528   1.00 45.39  ? 93  GLU A N    1 
ATOM   141 C CA   . GLU A 1 13 ? 4.516   -10.291 8.313   1.00 35.04  ? 93  GLU A CA   1 
ATOM   142 C C    . GLU A 1 13 ? 4.953   -9.746  6.953   1.00 41.71  ? 93  GLU A C    1 
ATOM   143 O O    . GLU A 1 13 ? 4.355   -10.062 5.927   1.00 39.61  ? 93  GLU A O    1 
ATOM   144 C CB   . GLU A 1 13 ? 4.753   -11.810 8.403   1.00 45.27  ? 93  GLU A CB   1 
ATOM   145 H H    . GLU A 1 13 ? 2.602   -10.598 8.098   1.00 54.49  ? 93  GLU A H    1 
ATOM   146 H HA   . GLU A 1 13 ? 5.054   -9.832  8.977   1.00 42.07  ? 93  GLU A HA   1 
ATOM   147 N N    . SER A 1 14 ? 6.027   -8.951  6.962   1.00 38.85  ? 94  SER A N    1 
ATOM   148 C CA   . SER A 1 14 ? 6.488   -8.274  5.757   1.00 33.93  ? 94  SER A CA   1 
ATOM   149 C C    . SER A 1 14 ? 6.964   -9.274  4.746   1.00 43.20  ? 94  SER A C    1 
ATOM   150 O O    . SER A 1 14 ? 7.500   -10.330 5.095   1.00 47.71  ? 94  SER A O    1 
ATOM   151 C CB   . SER A 1 14 ? 7.581   -7.279  6.148   1.00 46.31  ? 94  SER A CB   1 
ATOM   152 O OG   . SER A 1 14 ? 8.632   -7.933  6.823   1.00 55.30  ? 94  SER A OG   1 
ATOM   153 H H    . SER A 1 14 ? 6.506   -8.790  7.657   1.00 46.64  ? 94  SER A H    1 
ATOM   154 H HA   . SER A 1 14 ? 5.771   -7.778  5.334   1.00 40.73  ? 94  SER A HA   1 
ATOM   155 H HB2  . SER A 1 14 ? 7.932   -6.863  5.345   1.00 55.59  ? 94  SER A HB2  1 
ATOM   156 H HB3  . SER A 1 14 ? 7.201   -6.605  6.732   1.00 55.59  ? 94  SER A HB3  1 
ATOM   157 H HG   . SER A 1 14 ? 9.206   -7.374  7.073   1.00 66.37  ? 94  SER A HG   1 
ATOM   158 N N    . ARG A 1 15 ? 6.669   -8.952  3.491   1.00 33.90  ? 95  ARG A N    1 
ATOM   159 C CA   . ARG A 1 15 ? 7.066   -9.786  2.377   1.00 37.14  ? 95  ARG A CA   1 
ATOM   160 C C    . ARG A 1 15 ? 8.104   -9.163  1.500   1.00 38.37  ? 95  ARG A C    1 
ATOM   161 O O    . ARG A 1 15 ? 8.675   -9.881  0.647   1.00 41.74  ? 95  ARG A O    1 
ATOM   162 C CB   . ARG A 1 15 ? 5.870   -10.231 1.563   1.00 40.31  ? 95  ARG A CB   1 
ATOM   163 C CG   . ARG A 1 15 ? 4.738   -10.763 2.422   1.00 48.13  ? 95  ARG A CG   1 
ATOM   164 C CD   . ARG A 1 15 ? 3.646   -11.104 1.457   1.00 62.94  ? 95  ARG A CD   1 
ATOM   165 N NE   . ARG A 1 15 ? 2.919   -9.983  0.923   1.00 56.92  ? 95  ARG A NE   1 
ATOM   166 C CZ   . ARG A 1 15 ? 1.605   -9.821  0.899   1.00 68.91  ? 95  ARG A CZ   1 
ATOM   167 N NH1  . ARG A 1 15 ? 0.757   -10.752 1.349   1.00 43.56  ? 95  ARG A NH1  1 
ATOM   168 N NH2  . ARG A 1 15 ? 1.128   -8.709  0.358   1.00 65.32  ? 95  ARG A NH2  1 
ATOM   169 H H    . ARG A 1 15 ? 6.233   -8.246  3.262   1.00 40.59  ? 95  ARG A H    1 
ATOM   170 H HA   . ARG A 1 15 ? 7.459   -10.592 2.744   1.00 44.48  ? 95  ARG A HA   1 
ATOM   171 H HB2  . ARG A 1 15 ? 5.533   -9.474  1.058   1.00 48.39  ? 95  ARG A HB2  1 
ATOM   172 H HB3  . ARG A 1 15 ? 6.146   -10.938 0.958   1.00 48.39  ? 95  ARG A HB3  1 
ATOM   173 H HG2  . ARG A 1 15 ? 5.014   -11.558 2.904   1.00 57.77  ? 95  ARG A HG2  1 
ATOM   174 H HG3  . ARG A 1 15 ? 4.430   -10.087 3.046   1.00 57.77  ? 95  ARG A HG3  1 
ATOM   175 H HD2  . ARG A 1 15 ? 4.038   -11.577 0.707   1.00 75.55  ? 95  ARG A HD2  1 
ATOM   176 H HD3  . ARG A 1 15 ? 3.005   -11.674 1.910   1.00 75.55  ? 95  ARG A HD3  1 
ATOM   177 H HE   . ARG A 1 15 ? 3.389   -9.350  0.582   1.00 68.33  ? 95  ARG A HE   1 
ATOM   178 H HH11 . ARG A 1 15 ? 1.061   -11.490 1.669   1.00 52.29  ? 95  ARG A HH11 1 
ATOM   179 H HH12 . ARG A 1 15 ? -0.091  -10.612 1.318   1.00 52.29  ? 95  ARG A HH12 1 
ATOM   180 H HH21 . ARG A 1 15 ? 1.667   -8.121  0.036   1.00 78.39  ? 95  ARG A HH21 1 
ATOM   181 H HH22 . ARG A 1 15 ? 0.279   -8.576  0.328   1.00 78.39  ? 95  ARG A HH22 1 
ATOM   182 N N    . THR A 1 16 ? 8.517   -7.941  1.807   1.00 38.45  ? 96  THR A N    1 
ATOM   183 C CA   . THR A 1 16 ? 9.476   -7.233  0.993   1.00 34.86  ? 96  THR A CA   1 
ATOM   184 C C    . THR A 1 16 ? 10.279  -6.345  1.963   1.00 32.97  ? 96  THR A C    1 
ATOM   185 O O    . THR A 1 16 ? 10.082  -6.379  3.177   1.00 46.17  ? 96  THR A O    1 
ATOM   186 C CB   . THR A 1 16 ? 8.828   -6.412  -0.128  1.00 35.29  ? 96  THR A CB   1 
ATOM   187 O OG1  . THR A 1 16 ? 8.198   -5.244  0.356   1.00 36.95  ? 96  THR A OG1  1 
ATOM   188 C CG2  . THR A 1 16 ? 7.763   -7.241  -0.930  1.00 38.87  ? 96  THR A CG2  1 
ATOM   189 H H    . THR A 1 16 ? 8.246   -7.498  2.493   1.00 46.16  ? 96  THR A H    1 
ATOM   190 H HA   . THR A 1 16 ? 10.060  -7.867  0.549   1.00 41.85  ? 96  THR A HA   1 
ATOM   191 H HB   . THR A 1 16 ? 9.549   -6.159  -0.726  1.00 42.37  ? 96  THR A HB   1 
ATOM   192 H HG1  . THR A 1 16 ? 7.938   -4.770  -0.286  1.00 44.36  ? 96  THR A HG1  1 
ATOM   193 H HG21 . THR A 1 16 ? 7.444   -6.726  -1.688  1.00 46.66  ? 96  THR A HG21 1 
ATOM   194 H HG22 . THR A 1 16 ? 8.159   -8.065  -1.254  1.00 46.66  ? 96  THR A HG22 1 
ATOM   195 H HG23 . THR A 1 16 ? 7.011   -7.457  -0.357  1.00 46.66  ? 96  THR A HG23 1 
ATOM   196 N N    . GLU A 1 17 ? 11.221  -5.645  1.397   1.00 39.31  ? 97  GLU A N    1 
ATOM   197 C CA   . GLU A 1 17 ? 11.951  -4.647  2.164   1.00 38.54  ? 97  GLU A CA   1 
ATOM   198 C C    . GLU A 1 17 ? 11.157  -3.381  2.416   1.00 35.74  ? 97  GLU A C    1 
ATOM   199 O O    . GLU A 1 17 ? 11.659  -2.487  3.098   1.00 31.82  ? 97  GLU A O    1 
ATOM   200 C CB   . GLU A 1 17 ? 13.209  -4.259  1.378   1.00 40.01  ? 97  GLU A CB   1 
ATOM   201 C CG   . GLU A 1 17 ? 14.057  -5.440  0.868   1.00 66.25  ? 97  GLU A CG   1 
ATOM   202 C CD   . GLU A 1 17 ? 14.713  -6.224  1.961   1.00 76.52  ? 97  GLU A CD   1 
ATOM   203 O OE1  . GLU A 1 17 ? 15.814  -5.830  2.398   1.00 91.63  ? 97  GLU A OE1  1 
ATOM   204 O OE2  . GLU A 1 17 ? 14.103  -7.223  2.406   1.00 95.94  ? 97  GLU A OE2  1 
ATOM   205 H H    . GLU A 1 17 ? 11.465  -5.719  0.576   1.00 47.19  ? 97  GLU A H    1 
ATOM   206 H HA   . GLU A 1 17 ? 12.189  -5.029  3.023   1.00 46.27  ? 97  GLU A HA   1 
ATOM   207 H HB2  . GLU A 1 17 ? 12.939  -3.741  0.604   1.00 48.03  ? 97  GLU A HB2  1 
ATOM   208 H HB3  . GLU A 1 17 ? 13.777  -3.723  1.955   1.00 48.03  ? 97  GLU A HB3  1 
ATOM   209 H HG2  . GLU A 1 17 ? 13.485  -6.045  0.372   1.00 79.52  ? 97  GLU A HG2  1 
ATOM   210 H HG3  . GLU A 1 17 ? 14.756  -5.097  0.290   1.00 79.52  ? 97  GLU A HG3  1 
ATOM   211 N N    . THR A 1 18 ? 10.012  -3.203  1.802   1.00 27.13  ? 98  THR A N    1 
ATOM   212 C CA   . THR A 1 18 ? 9.324   -1.950  1.894   1.00 25.25  ? 98  THR A CA   1 
ATOM   213 C C    . THR A 1 18 ? 8.062   -2.021  2.693   1.00 24.08  ? 98  THR A C    1 
ATOM   214 O O    . THR A 1 18 ? 7.495   -0.954  3.008   1.00 23.23  ? 98  THR A O    1 
ATOM   215 C CB   . THR A 1 18 ? 9.069   -1.390  0.489   1.00 26.68  ? 98  THR A CB   1 
ATOM   216 O OG1  . THR A 1 18 ? 8.254   -2.342  -0.226  1.00 29.27  ? 98  THR A OG1  1 
ATOM   217 C CG2  . THR A 1 18 ? 10.311  -1.042  -0.313  1.00 27.16  ? 98  THR A CG2  1 
ATOM   218 H H    . THR A 1 18 ? 9.614   -3.797  1.324   1.00 32.46  ? 98  THR A H    1 
ATOM   219 H HA   . THR A 1 18 ? 9.885   -1.301  2.348   1.00 30.20  ? 98  THR A HA   1 
ATOM   220 H HB   . THR A 1 18 ? 8.620   -0.536  0.588   1.00 32.03  ? 98  THR A HB   1 
ATOM   221 H HG1  . THR A 1 18 ? 8.277   -2.178  -1.050  1.00 35.14  ? 98  THR A HG1  1 
ATOM   222 H HG21 . THR A 1 18 ? 10.057  -0.648  -1.163  1.00 32.50  ? 98  THR A HG21 1 
ATOM   223 H HG22 . THR A 1 18 ? 10.856  -0.407  0.178   1.00 32.50  ? 98  THR A HG22 1 
ATOM   224 H HG23 . THR A 1 18 ? 10.833  -1.842  -0.481  1.00 32.50  ? 98  THR A HG23 1 
ATOM   225 N N    . ASP A 1 19 ? 7.557   -3.204  3.037   1.00 25.31  ? 99  ASP A N    1 
ATOM   226 C CA   . ASP A 1 19 ? 6.357   -3.239  3.815   1.00 24.48  ? 99  ASP A CA   1 
ATOM   227 C C    . ASP A 1 19 ? 6.724   -3.226  5.288   1.00 26.81  ? 99  ASP A C    1 
ATOM   228 O O    . ASP A 1 19 ? 7.836   -3.397  5.647   1.00 26.39  ? 99  ASP A O    1 
ATOM   229 C CB   . ASP A 1 19 ? 5.380   -4.348  3.412   1.00 26.51  ? 99  ASP A CB   1 
ATOM   230 C CG   . ASP A 1 19 ? 5.996   -5.639  3.248   1.00 48.37  ? 99  ASP A CG   1 
ATOM   231 O OD1  . ASP A 1 19 ? 7.168   -5.730  3.503   1.00 51.90  ? 99  ASP A OD1  1 
ATOM   232 O OD2  . ASP A 1 19 ? 5.312   -6.591  2.872   1.00 36.32  ? 99  ASP A OD2  1 
ATOM   233 H H    . ASP A 1 19 ? 7.851   -3.991  2.898   1.00 30.39  ? 99  ASP A H    1 
ATOM   234 H HA   . ASP A 1 19 ? 5.885   -2.397  3.649   1.00 29.39  ? 99  ASP A HA   1 
ATOM   235 H HB2  . ASP A 1 19 ? 4.660   -4.442  4.054   1.00 31.83  ? 99  ASP A HB2  1 
ATOM   236 H HB3  . ASP A 1 19 ? 5.002   -4.108  2.552   1.00 31.83  ? 99  ASP A HB3  1 
ATOM   237 N N    . LEU A 1 20 ? 5.732   -2.974  6.104   1.00 23.49  ? 100 LEU A N    1 
ATOM   238 C CA   . LEU A 1 20 ? 5.878   -2.862  7.544   1.00 23.29  ? 100 LEU A CA   1 
ATOM   239 C C    . LEU A 1 20 ? 5.229   -4.067  8.217   1.00 26.28  ? 100 LEU A C    1 
ATOM   240 O O    . LEU A 1 20 ? 4.042   -4.314  8.000   1.00 29.07  ? 100 LEU A O    1 
ATOM   241 C CB   . LEU A 1 20 ? 5.217   -1.564  8.032   1.00 22.87  ? 100 LEU A CB   1 
ATOM   242 C CG   . LEU A 1 20 ? 5.054   -1.409  9.528   1.00 23.98  ? 100 LEU A CG   1 
ATOM   243 C CD1  . LEU A 1 20 ? 6.419   -1.283  10.147  1.00 24.30  ? 100 LEU A CD1  1 
ATOM   244 C CD2  . LEU A 1 20 ? 4.314   -0.176  9.882   1.00 28.49  ? 100 LEU A CD2  1 
ATOM   245 H H    A LEU A 1 20 ? 4.927   -2.832  5.838   0.61 28.20  ? 100 LEU A H    1 
ATOM   246 H H    B LEU A 1 20 ? 4.927   -2.832  5.838   0.39 28.20  ? 100 LEU A H    1 
ATOM   247 H HA   . LEU A 1 20 ? 6.818   -2.861  7.781   1.00 27.93  ? 100 LEU A HA   1 
ATOM   248 H HB2  . LEU A 1 20 ? 5.758   -0.819  7.725   1.00 27.42  ? 100 LEU A HB2  1 
ATOM   249 H HB3  . LEU A 1 20 ? 4.331   -1.513  7.641   1.00 27.42  ? 100 LEU A HB3  1 
ATOM   250 H HG   . LEU A 1 20 ? 4.564   -2.179  9.858   1.00 28.80  ? 100 LEU A HG   1 
ATOM   251 H HD11 . LEU A 1 20 ? 6.321   -1.124  11.099  1.00 29.17  ? 100 LEU A HD11 1 
ATOM   252 H HD12 . LEU A 1 20 ? 6.910   -2.106  9.999   1.00 29.17  ? 100 LEU A HD12 1 
ATOM   253 H HD13 . LEU A 1 20 ? 6.886   -0.540  9.733   1.00 29.17  ? 100 LEU A HD13 1 
ATOM   254 H HD21 . LEU A 1 20 ? 4.269   -0.101  10.848  1.00 34.21  ? 100 LEU A HD21 1 
ATOM   255 H HD22 . LEU A 1 20 ? 4.781   0.589   9.512   1.00 34.21  ? 100 LEU A HD22 1 
ATOM   256 H HD23 . LEU A 1 20 ? 3.419   -0.227  9.511   1.00 34.21  ? 100 LEU A HD23 1 
ATOM   257 N N    . SER A 1 21 ? 6.008   -4.836  8.977   1.00 27.01  ? 101 SER A N    1 
ATOM   258 C CA   . SER A 1 21 ? 5.459   -5.850  9.863   1.00 26.67  ? 101 SER A CA   1 
ATOM   259 C C    . SER A 1 21 ? 4.839   -5.225  11.093  1.00 28.20  ? 101 SER A C    1 
ATOM   260 O O    . SER A 1 21 ? 5.390   -4.280  11.686  1.00 30.50  ? 101 SER A O    1 
ATOM   261 C CB   . SER A 1 21 ? 6.589   -6.737  10.378  1.00 35.39  ? 101 SER A CB   1 
ATOM   262 O OG   . SER A 1 21 ? 7.111   -7.423  9.260   1.00 37.13  ? 101 SER A OG   1 
ATOM   263 H H    . SER A 1 21 ? 6.866   -4.787  8.997   1.00 32.43  ? 101 SER A H    1 
ATOM   264 H HA   . SER A 1 21 ? 4.793   -6.355  9.371   1.00 31.90  ? 101 SER A HA   1 
ATOM   265 H HB2  . SER A 1 21 ? 7.280   -6.191  10.783  1.00 42.49  ? 101 SER A HB2  1 
ATOM   266 H HB3  . SER A 1 21 ? 6.244   -7.372  11.025  1.00 42.49  ? 101 SER A HB3  1 
ATOM   267 H HG   . SER A 1 21 ? 7.777   -7.880  9.489   1.00 44.57  ? 101 SER A HG   1 
ATOM   268 N N    . PHE A 1 22 ? 3.759   -5.852  11.566  1.00 29.42  ? 102 PHE A N    1 
ATOM   269 C CA   . PHE A 1 22 ? 3.137   -5.378  12.772  1.00 29.94  ? 102 PHE A CA   1 
ATOM   270 C C    . PHE A 1 22 ? 2.299   -6.484  13.376  1.00 32.92  ? 102 PHE A C    1 
ATOM   271 O O    . PHE A 1 22 ? 1.965   -7.478  12.751  1.00 33.20  ? 102 PHE A O    1 
ATOM   272 C CB   . PHE A 1 22 ? 2.235   -4.169  12.515  1.00 30.61  ? 102 PHE A CB   1 
ATOM   273 C CG   . PHE A 1 22 ? 1.190   -4.383  11.429  1.00 33.35  ? 102 PHE A CG   1 
ATOM   274 C CD1  . PHE A 1 22 ? -0.020  -5.019  11.677  1.00 34.79  ? 102 PHE A CD1  1 
ATOM   275 C CD2  . PHE A 1 22 ? 1.400   -3.865  10.167  1.00 31.48  ? 102 PHE A CD2  1 
ATOM   276 C CE1  . PHE A 1 22 ? -0.951  -5.130  10.610  1.00 33.15  ? 102 PHE A CE1  1 
ATOM   277 C CE2  . PHE A 1 22 ? 0.494   -3.967  9.139   1.00 29.02  ? 102 PHE A CE2  1 
ATOM   278 C CZ   . PHE A 1 22 ? -0.671  -4.598  9.341   1.00 34.43  ? 102 PHE A CZ   1 
ATOM   279 H H    . PHE A 1 22 ? 3.386   -6.538  11.204  1.00 35.32  ? 102 PHE A H    1 
ATOM   280 H HA   . PHE A 1 22 ? 3.842   -5.132  13.392  1.00 35.94  ? 102 PHE A HA   1 
ATOM   281 H HB2  . PHE A 1 22 ? 1.765   -3.955  13.335  1.00 36.75  ? 102 PHE A HB2  1 
ATOM   282 H HB3  . PHE A 1 22 ? 2.790   -3.422  12.244  1.00 36.75  ? 102 PHE A HB3  1 
ATOM   283 H HD1  . PHE A 1 22 ? -0.215  -5.363  12.519  1.00 41.76  ? 102 PHE A HD1  1 
ATOM   284 H HD2  . PHE A 1 22 ? 2.201   -3.420  10.003  1.00 37.80  ? 102 PHE A HD2  1 
ATOM   285 H HE1  . PHE A 1 22 ? -1.762  -5.563  10.755  1.00 39.80  ? 102 PHE A HE1  1 
ATOM   286 H HE2  . PHE A 1 22 ? 0.688   -3.601  8.306   1.00 34.85  ? 102 PHE A HE2  1 
ATOM   287 H HZ   . PHE A 1 22 ? -1.287  -4.682  8.650   1.00 41.33  ? 102 PHE A HZ   1 
ATOM   288 N N    . LYS A 1 23 ? 1.951   -6.270  14.637  1.00 33.92  ? 103 LYS A N    1 
ATOM   289 C CA   . LYS A 1 23 ? 1.168   -7.261  15.359  1.00 39.59  ? 103 LYS A CA   1 
ATOM   290 C C    . LYS A 1 23 ? -0.214  -6.712  15.654  1.00 43.79  ? 103 LYS A C    1 
ATOM   291 O O    . LYS A 1 23 ? -0.410  -5.498  15.698  1.00 39.93  ? 103 LYS A O    1 
ATOM   292 C CB   . LYS A 1 23 ? 1.844   -7.671  16.663  1.00 36.56  ? 103 LYS A CB   1 
ATOM   293 C CG   . LYS A 1 23 ? 3.246   -8.268  16.536  1.00 49.40  ? 103 LYS A CG   1 
ATOM   294 C CD   . LYS A 1 23 ? 3.202   -9.596  15.825  1.00 55.91  ? 103 LYS A CD   1 
ATOM   295 C CE   . LYS A 1 23 ? 4.461   -10.419 16.104  1.00 78.95  ? 103 LYS A CE   1 
ATOM   296 N NZ   . LYS A 1 23 ? 4.371   -11.823 15.550  1.00 88.56  ? 103 LYS A NZ   1 
ATOM   297 H H    . LYS A 1 23 ? 2.154   -5.568  15.089  1.00 40.72  ? 103 LYS A H    1 
ATOM   298 H HA   . LYS A 1 23 ? 1.075   -8.055  14.809  1.00 47.52  ? 103 LYS A HA   1 
ATOM   299 H HB2  . LYS A 1 23 ? 1.919   -6.885  17.225  1.00 43.90  ? 103 LYS A HB2  1 
ATOM   300 H HB3  . LYS A 1 23 ? 1.289   -8.338  17.095  1.00 43.90  ? 103 LYS A HB3  1 
ATOM   301 H HG2  . LYS A 1 23 ? 3.809   -7.665  16.027  1.00 59.29  ? 103 LYS A HG2  1 
ATOM   302 H HG3  . LYS A 1 23 ? 3.620   -8.404  17.420  1.00 59.29  ? 103 LYS A HG3  1 
ATOM   303 H HD2  . LYS A 1 23 ? 2.434   -10.102 16.134  1.00 67.12  ? 103 LYS A HD2  1 
ATOM   304 H HD3  . LYS A 1 23 ? 3.140   -9.447  14.869  1.00 67.12  ? 103 LYS A HD3  1 
ATOM   305 H HE2  . LYS A 1 23 ? 5.223   -9.981  15.692  1.00 94.76  ? 103 LYS A HE2  1 
ATOM   306 H HE3  . LYS A 1 23 ? 4.593   -10.482 17.062  1.00 94.76  ? 103 LYS A HE3  1 
ATOM   307 H HZ1  . LYS A 1 23 ? 5.117   -12.271 15.734  1.00 106.29 ? 103 LYS A HZ1  1 
ATOM   308 H HZ2  . LYS A 1 23 ? 3.680   -12.251 15.913  1.00 106.29 ? 103 LYS A HZ2  1 
ATOM   309 H HZ3  . LYS A 1 23 ? 4.261   -11.796 14.667  1.00 106.29 ? 103 LYS A HZ3  1 
ATOM   310 N N    . LYS A 1 24 ? -1.158  -7.621  15.856  1.00 42.58  ? 104 LYS A N    1 
ATOM   311 C CA   . LYS A 1 24 ? -2.500  -7.283  16.195  1.00 41.15  ? 104 LYS A CA   1 
ATOM   312 C C    . LYS A 1 24 ? -2.481  -6.344  17.414  1.00 52.14  ? 104 LYS A C    1 
ATOM   313 O O    . LYS A 1 24 ? -1.847  -6.632  18.395  1.00 48.63  ? 104 LYS A O    1 
ATOM   314 C CB   . LYS A 1 24 ? -3.202  -8.594  16.517  1.00 48.20  ? 104 LYS A CB   1 
ATOM   315 C CG   . LYS A 1 24 ? -4.667  -8.493  16.816  1.00 58.23  ? 104 LYS A CG   1 
ATOM   316 C CD   . LYS A 1 24 ? -5.333  -9.840  16.829  1.00 63.85  ? 104 LYS A CD   1 
ATOM   317 C CE   . LYS A 1 24 ? -6.784  -9.746  17.244  1.00 63.96  ? 104 LYS A CE   1 
ATOM   318 N NZ   . LYS A 1 24 ? -6.861  -9.400  18.661  1.00 57.53  ? 104 LYS A NZ   1 
ATOM   319 H H    . LYS A 1 24 ? -1.048  -8.473  15.820  1.00 51.11  ? 104 LYS A H    1 
ATOM   320 H HA   . LYS A 1 24 ? -2.934  -6.876  15.415  1.00 49.40  ? 104 LYS A HA   1 
ATOM   321 H HB2  . LYS A 1 24 ? -3.102  -9.190  15.757  1.00 57.86  ? 104 LYS A HB2  1 
ATOM   322 H HB3  . LYS A 1 24 ? -2.774  -8.987  17.293  1.00 57.86  ? 104 LYS A HB3  1 
ATOM   323 H HG2  . LYS A 1 24 ? -4.742  -8.224  17.711  1.00 69.90  ? 104 LYS A HG2  1 
ATOM   324 H HG3  . LYS A 1 24 ? -5.121  -7.891  16.205  1.00 69.90  ? 104 LYS A HG3  1 
ATOM   325 H HD2  . LYS A 1 24 ? -5.295  -10.222 15.939  1.00 76.64  ? 104 LYS A HD2  1 
ATOM   326 H HD3  . LYS A 1 24 ? -4.875  -10.416 17.460  1.00 76.64  ? 104 LYS A HD3  1 
ATOM   327 H HE2  . LYS A 1 24 ? -7.225  -9.050  16.731  1.00 76.77  ? 104 LYS A HE2  1 
ATOM   328 H HE3  . LYS A 1 24 ? -7.221  -10.601 17.107  1.00 76.77  ? 104 LYS A HE3  1 
ATOM   329 H HZ1  . LYS A 1 24 ? -6.948  -10.179 19.215  1.00 69.06  ? 104 LYS A HZ1  1 
ATOM   330 H HZ2  . LYS A 1 24 ? -6.014  -8.999  18.778  1.00 69.06  ? 104 LYS A HZ2  1 
ATOM   331 H HZ3  . LYS A 1 24 ? -7.564  -8.770  18.837  1.00 69.06  ? 104 LYS A HZ3  1 
ATOM   332 N N    . GLY A 1 25 ? -3.163  -5.230  17.344  1.00 42.68  ? 105 GLY A N    1 
ATOM   333 C CA   . GLY A 1 25 ? -3.116  -4.290  18.461  1.00 44.27  ? 105 GLY A CA   1 
ATOM   334 C C    . GLY A 1 25 ? -2.168  -3.113  18.299  1.00 42.10  ? 105 GLY A C    1 
ATOM   335 O O    . GLY A 1 25 ? -2.256  -2.166  19.123  1.00 45.17  ? 105 GLY A O    1 
ATOM   336 H H    . GLY A 1 25 ? -3.681  -5.004  16.697  1.00 51.12  ? 105 GLY A H    1 
ATOM   337 H HA2  . GLY A 1 25 ? -4.006  -3.929  18.596  1.00 53.03  ? 105 GLY A HA2  1 
ATOM   338 H HA3  . GLY A 1 25 ? -2.846  -4.773  19.258  1.00 53.03  ? 105 GLY A HA3  1 
ATOM   339 N N    . GLU A 1 26 ? -1.276  -3.138  17.313  1.00 44.63  ? 106 GLU A N    1 
ATOM   340 C CA   . GLU A 1 26 ? -0.311  -2.054  17.198  1.00 37.13  ? 106 GLU A CA   1 
ATOM   341 C C    . GLU A 1 26 ? -1.023  -0.802  16.725  1.00 43.49  ? 106 GLU A C    1 
ATOM   342 O O    . GLU A 1 26 ? -1.967  -0.862  15.942  1.00 38.18  ? 106 GLU A O    1 
ATOM   343 C CB   . GLU A 1 26 ? 0.844   -2.363  16.240  1.00 40.47  ? 106 GLU A CB   1 
ATOM   344 C CG   . GLU A 1 26 ? 1.861   -3.217  16.774  1.00 42.78  ? 106 GLU A CG   1 
ATOM   345 C CD   . GLU A 1 26 ? 3.088   -3.319  15.873  1.00 31.75  ? 106 GLU A CD   1 
ATOM   346 O OE1  . GLU A 1 26 ? 3.626   -2.325  15.281  1.00 34.44  ? 106 GLU A OE1  1 
ATOM   347 O OE2  . GLU A 1 26 ? 3.625   -4.438  15.942  1.00 42.46  ? 106 GLU A OE2  1 
ATOM   348 H H    . GLU A 1 26 ? -1.210  -3.753  16.717  1.00 53.58  ? 106 GLU A H    1 
ATOM   349 H HA   . GLU A 1 26 ? 0.091   -1.917  18.069  1.00 44.47  ? 106 GLU A HA   1 
ATOM   350 H HB2  . GLU A 1 26 ? 0.482   -2.800  15.453  1.00 48.58  ? 106 GLU A HB2  1 
ATOM   351 H HB3  . GLU A 1 26 ? 1.268   -1.528  15.990  1.00 48.58  ? 106 GLU A HB3  1 
ATOM   352 H HG2  . GLU A 1 26 ? 2.148   -2.866  17.632  1.00 51.36  ? 106 GLU A HG2  1 
ATOM   353 H HG3  . GLU A 1 26 ? 1.497   -4.109  16.887  1.00 51.36  ? 106 GLU A HG3  1 
ATOM   354 N N    . ARG A 1 27 ? -0.576  0.336   17.186  1.00 38.76  ? 107 ARG A N    1 
ATOM   355 C CA   . ARG A 1 27 ? -1.109  1.617   16.753  1.00 40.04  ? 107 ARG A CA   1 
ATOM   356 C C    . ARG A 1 27 ? -0.218  2.194   15.677  1.00 37.80  ? 107 ARG A C    1 
ATOM   357 O O    . ARG A 1 27 ? 1.003   2.227   15.840  1.00 35.79  ? 107 ARG A O    1 
ATOM   358 C CB   . ARG A 1 27 ? -1.214  2.536   17.957  1.00 44.96  ? 107 ARG A CB   1 
ATOM   359 C CG   . ARG A 1 27 ? -1.902  1.831   19.150  1.00 49.67  ? 107 ARG A CG   1 
ATOM   360 C CD   . ARG A 1 27 ? -2.107  2.816   20.349  1.00 57.95  ? 107 ARG A CD   1 
ATOM   361 N NE   . ARG A 1 27 ? -3.173  3.782   20.112  1.00 68.03  ? 107 ARG A NE   1 
ATOM   362 C CZ   . ARG A 1 27 ? -3.022  5.103   20.083  1.00 92.58  ? 107 ARG A CZ   1 
ATOM   363 N NH1  . ARG A 1 27 ? -1.835  5.680   20.275  1.00 84.62  ? 107 ARG A NH1  1 
ATOM   364 N NH2  . ARG A 1 27 ? -4.090  5.864   19.844  1.00 87.02  ? 107 ARG A NH2  1 
ATOM   365 H H    . ARG A 1 27 ? 0.054   0.404   17.768  1.00 46.42  ? 107 ARG A H    1 
ATOM   366 H HA   . ARG A 1 27 ? -1.991  1.523   16.361  1.00 47.95  ? 107 ARG A HA   1 
ATOM   367 H HB2  . ARG A 1 27 ? -0.324  2.804   18.234  1.00 53.97  ? 107 ARG A HB2  1 
ATOM   368 H HB3  . ARG A 1 27 ? -1.738  3.316   17.720  1.00 53.97  ? 107 ARG A HB3  1 
ATOM   369 H HG2  . ARG A 1 27 ? -2.771  1.503   18.873  1.00 59.62  ? 107 ARG A HG2  1 
ATOM   370 H HG3  . ARG A 1 27 ? -1.349  1.093   19.451  1.00 59.62  ? 107 ARG A HG3  1 
ATOM   371 H HD2  . ARG A 1 27 ? -2.336  2.305   21.142  1.00 69.56  ? 107 ARG A HD2  1 
ATOM   372 H HD3  . ARG A 1 27 ? -1.284  3.307   20.499  1.00 69.56  ? 107 ARG A HD3  1 
ATOM   373 H HE   . ARG A 1 27 ? -3.965  3.472   19.981  1.00 81.66  ? 107 ARG A HE   1 
ATOM   374 H HH11 . ARG A 1 27 ? -1.141  5.196   20.422  1.00 101.57 ? 107 ARG A HH11 1 
ATOM   375 H HH12 . ARG A 1 27 ? -1.765  6.537   20.250  1.00 101.57 ? 107 ARG A HH12 1 
ATOM   376 H HH21 . ARG A 1 27 ? -4.858  5.498   19.713  1.00 104.44 ? 107 ARG A HH21 1 
ATOM   377 H HH22 . ARG A 1 27 ? -4.011  6.719   19.821  1.00 104.44 ? 107 ARG A HH22 1 
ATOM   378 N N    . LEU A 1 28 ? -0.829  2.599   14.562  1.00 36.76  ? 108 LEU A N    1 
ATOM   379 C CA   . LEU A 1 28 ? -0.123  2.995   13.344  1.00 34.22  ? 108 LEU A CA   1 
ATOM   380 C C    . LEU A 1 28 ? -0.664  4.348   12.911  1.00 38.38  ? 108 LEU A C    1 
ATOM   381 O O    . LEU A 1 28 ? -1.848  4.617   13.061  1.00 46.37  ? 108 LEU A O    1 
ATOM   382 C CB   . LEU A 1 28 ? -0.267  1.991   12.262  1.00 35.58  ? 108 LEU A CB   1 
ATOM   383 C CG   . LEU A 1 28 ? -0.052  0.546   12.637  1.00 31.02  ? 108 LEU A CG   1 
ATOM   384 C CD1  . LEU A 1 28 ? -0.716  -0.439  11.626  1.00 35.93  ? 108 LEU A CD1  1 
ATOM   385 C CD2  . LEU A 1 28 ? 1.404   0.226   12.637  1.00 50.48  ? 108 LEU A CD2  1 
ATOM   386 H H    . LEU A 1 28 ? -1.683  2.653   14.484  1.00 44.02  ? 108 LEU A H    1 
ATOM   387 H HA   . LEU A 1 28 ? 0.828   3.077   13.514  1.00 40.97  ? 108 LEU A HA   1 
ATOM   388 H HB2  . LEU A 1 28 ? -1.168  2.060   11.908  1.00 42.72  ? 108 LEU A HB2  1 
ATOM   389 H HB3  . LEU A 1 28 ? 0.378   2.203   11.570  1.00 42.72  ? 108 LEU A HB3  1 
ATOM   390 H HG   . LEU A 1 28 ? -0.449  0.427   13.514  1.00 37.13  ? 108 LEU A HG   1 
ATOM   391 H HD11 . LEU A 1 28 ? -0.539  -1.350  11.908  1.00 43.14  ? 108 LEU A HD11 1 
ATOM   392 H HD12 . LEU A 1 28 ? -1.671  -0.277  11.608  1.00 43.14  ? 108 LEU A HD12 1 
ATOM   393 H HD13 . LEU A 1 28 ? -0.338  -0.288  10.744  1.00 43.14  ? 108 LEU A HD13 1 
ATOM   394 H HD21 . LEU A 1 28 ? 1.520   -0.717  12.831  1.00 60.59  ? 108 LEU A HD21 1 
ATOM   395 H HD22 . LEU A 1 28 ? 1.772   0.430   11.763  1.00 60.59  ? 108 LEU A HD22 1 
ATOM   396 H HD23 . LEU A 1 28 ? 1.845   0.761   13.315  1.00 60.59  ? 108 LEU A HD23 1 
ATOM   397 N N    . GLN A 1 29 ? 0.214   5.259   12.497  1.00 39.08  ? 109 GLN A N    1 
ATOM   398 C CA   . GLN A 1 29 ? -0.230  6.501   11.873  1.00 41.32  ? 109 GLN A CA   1 
ATOM   399 C C    . GLN A 1 29 ? 0.122   6.535   10.414  1.00 35.20  ? 109 GLN A C    1 
ATOM   400 O O    . GLN A 1 29 ? 1.175   6.028   10.014  1.00 33.10  ? 109 GLN A O    1 
ATOM   401 C CB   . GLN A 1 29 ? 0.375   7.680   12.590  1.00 52.72  ? 109 GLN A CB   1 
ATOM   402 C CG   . GLN A 1 29 ? -0.585  8.091   13.702  1.00 67.93  ? 109 GLN A CG   1 
ATOM   403 C CD   . GLN A 1 29 ? -0.038  9.155   14.612  1.00 67.89  ? 109 GLN A CD   1 
ATOM   404 O OE1  . GLN A 1 29 ? 1.074   9.640   14.400  1.00 62.96  ? 109 GLN A OE1  1 
ATOM   405 N NE2  . GLN A 1 29 ? -0.821  9.536   15.631  1.00 71.57  ? 109 GLN A NE2  1 
ATOM   406 H H    . GLN A 1 29 ? 1.067   5.179   12.566  1.00 46.92  ? 109 GLN A H    1 
ATOM   407 H HA   . GLN A 1 29 ? -1.198  6.559   11.921  1.00 49.61  ? 109 GLN A HA   1 
ATOM   408 H HB2  . GLN A 1 29 ? 1.229   7.432   12.979  1.00 63.28  ? 109 GLN A HB2  1 
ATOM   409 H HB3  . GLN A 1 29 ? 0.492   8.421   11.976  1.00 63.28  ? 109 GLN A HB3  1 
ATOM   410 H HG2  . GLN A 1 29 ? -1.399  8.436   13.300  1.00 81.54  ? 109 GLN A HG2  1 
ATOM   411 H HG3  . GLN A 1 29 ? -0.787  7.313   14.245  1.00 81.54  ? 109 GLN A HG3  1 
ATOM   412 H HE21 . GLN A 1 29 ? -1.594  9.174   15.737  1.00 85.91  ? 109 GLN A HE21 1 
ATOM   413 H HE22 . GLN A 1 29 ? -0.550  10.140  16.178  1.00 85.91  ? 109 GLN A HE22 1 
ATOM   414 N N    . ILE A 1 30 ? -0.714  7.182   9.617   1.00 46.72  ? 110 ILE A N    1 
ATOM   415 C CA   . ILE A 1 30 ? -0.488  7.213   8.179   1.00 44.50  ? 110 ILE A CA   1 
ATOM   416 C C    . ILE A 1 30 ? 0.452   8.336   7.806   1.00 46.48  ? 110 ILE A C    1 
ATOM   417 O O    . ILE A 1 30 ? 0.308   9.470   8.292   1.00 51.50  ? 110 ILE A O    1 
ATOM   418 C CB   . ILE A 1 30 ? -1.805  7.327   7.395   1.00 56.70  ? 110 ILE A CB   1 
ATOM   419 C CG1  . ILE A 1 30 ? -2.784  6.203   7.727   1.00 79.96  ? 110 ILE A CG1  1 
ATOM   420 C CG2  . ILE A 1 30 ? -1.567  7.295   5.893   1.00 69.55  ? 110 ILE A CG2  1 
ATOM   421 C CD1  . ILE A 1 30 ? -2.151  4.831   7.914   1.00 75.12  ? 110 ILE A CD1  1 
ATOM   422 H H    A ILE A 1 30 ? -1.412  7.609   9.882   0.43 56.08  ? 110 ILE A H    1 
ATOM   423 H H    B ILE A 1 30 ? -1.412  7.609   9.882   0.57 56.08  ? 110 ILE A H    1 
ATOM   424 H HA   . ILE A 1 30 ? -0.060  6.375   7.944   1.00 53.30  ? 110 ILE A HA   1 
ATOM   425 H HB   . ILE A 1 30 ? -2.185  8.179   7.663   1.00 68.06  ? 110 ILE A HB   1 
ATOM   426 H HG12 . ILE A 1 30 ? -3.241  6.427   8.554   1.00 95.96  ? 110 ILE A HG12 1 
ATOM   427 H HG13 . ILE A 1 30 ? -3.426  6.131   7.003   1.00 95.96  ? 110 ILE A HG13 1 
ATOM   428 H HG21 . ILE A 1 30 ? -2.420  7.212   5.438   1.00 83.47  ? 110 ILE A HG21 1 
ATOM   429 H HG22 . ILE A 1 30 ? -1.128  8.117   5.625   1.00 83.47  ? 110 ILE A HG22 1 
ATOM   430 H HG23 . ILE A 1 30 ? -1.004  6.535   5.679   1.00 83.47  ? 110 ILE A HG23 1 
ATOM   431 H HD11 . ILE A 1 30 ? -2.854  4.169   8.003   1.00 90.17  ? 110 ILE A HD11 1 
ATOM   432 H HD12 . ILE A 1 30 ? -1.602  4.630   7.140   1.00 90.17  ? 110 ILE A HD12 1 
ATOM   433 H HD13 . ILE A 1 30 ? -1.603  4.843   8.713   1.00 90.17  ? 110 ILE A HD13 1 
ATOM   434 N N    . VAL A 1 31 ? 1.369   8.027   6.902   1.00 48.32  ? 111 VAL A N    1 
ATOM   435 C CA   . VAL A 1 31 ? 2.384   8.950   6.418   1.00 53.52  ? 111 VAL A CA   1 
ATOM   436 C C    . VAL A 1 31 ? 1.863   9.483   5.091   1.00 70.54  ? 111 VAL A C    1 
ATOM   437 O O    . VAL A 1 31 ? 1.737   8.733   4.121   1.00 68.11  ? 111 VAL A O    1 
ATOM   438 C CB   . VAL A 1 31 ? 3.735   8.247   6.210   1.00 52.52  ? 111 VAL A CB   1 
ATOM   439 C CG1  . VAL A 1 31 ? 4.686   9.184   5.452   1.00 66.66  ? 111 VAL A CG1  1 
ATOM   440 C CG2  . VAL A 1 31 ? 4.271   7.733   7.494   1.00 46.68  ? 111 VAL A CG2  1 
ATOM   441 H H    . VAL A 1 31 ? 1.428   7.251   6.537   1.00 58.01  ? 111 VAL A H    1 
ATOM   442 H HA   . VAL A 1 31 ? 2.509   9.673   7.052   1.00 64.24  ? 111 VAL A HA   1 
ATOM   443 H HB   . VAL A 1 31 ? 3.629   7.457   5.656   1.00 63.04  ? 111 VAL A HB   1 
ATOM   444 H HG11 . VAL A 1 31 ? 5.598   8.874   5.573   1.00 80.01  ? 111 VAL A HG11 1 
ATOM   445 H HG12 . VAL A 1 31 ? 4.456   9.172   4.509   1.00 80.01  ? 111 VAL A HG12 1 
ATOM   446 H HG13 . VAL A 1 31 ? 4.592   10.083  5.804   1.00 80.01  ? 111 VAL A HG13 1 
ATOM   447 H HG21 . VAL A 1 31 ? 5.131   7.315   7.332   1.00 56.04  ? 111 VAL A HG21 1 
ATOM   448 H HG22 . VAL A 1 31 ? 4.374   8.473   8.112   1.00 56.04  ? 111 VAL A HG22 1 
ATOM   449 H HG23 . VAL A 1 31 ? 3.650   7.082   7.857   1.00 56.04  ? 111 VAL A HG23 1 
ATOM   450 N N    . ASN A 1 32 ? 1.525   10.763  5.057   1.00 76.27  ? 112 ASN A N    1 
ATOM   451 C CA   . ASN A 1 32 ? 1.104   11.372  3.807   1.00 71.24  ? 112 ASN A CA   1 
ATOM   452 C C    . ASN A 1 32 ? 2.358   11.608  2.981   1.00 75.03  ? 112 ASN A C    1 
ATOM   453 O O    . ASN A 1 32 ? 3.397   12.024  3.516   1.00 82.17  ? 112 ASN A O    1 
ATOM   454 C CB   . ASN A 1 32 ? 0.330   12.667  4.067   1.00 70.46  ? 112 ASN A CB   1 
ATOM   455 H H    . ASN A 1 32 ? 1.530   11.292  5.735   1.00 91.54  ? 112 ASN A H    1 
ATOM   456 H HA   . ASN A 1 32 ? 0.495   10.806  3.309   1.00 85.51  ? 112 ASN A HA   1 
ATOM   457 N N    . ASN A 1 33 ? 2.285   11.252  1.693   1.00 77.57  ? 113 ASN A N    1 
ATOM   458 C CA   . ASN A 1 33 ? 3.411   11.455  0.794   1.00 59.58  ? 113 ASN A CA   1 
ATOM   459 C C    . ASN A 1 33 ? 2.936   11.636  -0.643  1.00 67.93  ? 113 ASN A C    1 
ATOM   460 O O    . ASN A 1 33 ? 1.745   11.540  -0.964  1.00 66.23  ? 113 ASN A O    1 
ATOM   461 C CB   . ASN A 1 33 ? 4.421   10.312  0.874   1.00 56.51  ? 113 ASN A CB   1 
ATOM   462 C CG   . ASN A 1 33 ? 3.928   9.060   0.217   1.00 65.90  ? 113 ASN A CG   1 
ATOM   463 O OD1  . ASN A 1 33 ? 2.734   8.879   0.003   1.00 72.99  ? 113 ASN A OD1  1 
ATOM   464 N ND2  . ASN A 1 33 ? 4.848   8.190   -0.126  1.00 81.50  ? 113 ASN A ND2  1 
ATOM   465 H H    . ASN A 1 33 ? 1.596   10.894  1.324   1.00 93.11  ? 113 ASN A H    1 
ATOM   466 H HA   . ASN A 1 33 ? 3.835   12.281  1.076   1.00 71.52  ? 113 ASN A HA   1 
ATOM   467 H HB2  . ASN A 1 33 ? 5.239   10.582  0.430   1.00 67.83  ? 113 ASN A HB2  1 
ATOM   468 H HB3  . ASN A 1 33 ? 4.599   10.112  1.805   1.00 67.83  ? 113 ASN A HB3  1 
ATOM   469 H HD21 . ASN A 1 33 ? 4.623   7.454   -0.507  1.00 97.82  ? 113 ASN A HD21 1 
ATOM   470 H HD22 . ASN A 1 33 ? 5.677   8.357   0.032   1.00 97.82  ? 113 ASN A HD22 1 
ATOM   471 N N    . THR A 1 34 ? 3.898   11.945  -1.501  1.00 60.99  ? 114 THR A N    1 
ATOM   472 C CA   . THR A 1 34 ? 3.572   12.360  -2.855  1.00 52.43  ? 114 THR A CA   1 
ATOM   473 C C    . THR A 1 34 ? 3.034   11.206  -3.705  1.00 49.77  ? 114 THR A C    1 
ATOM   474 O O    . THR A 1 34 ? 2.413   11.444  -4.740  1.00 59.30  ? 114 THR A O    1 
ATOM   475 C CB   . THR A 1 34 ? 4.812   12.961  -3.518  1.00 55.77  ? 114 THR A CB   1 
ATOM   476 O OG1  . THR A 1 34 ? 5.946   12.103  -3.332  1.00 69.44  ? 114 THR A OG1  1 
ATOM   477 C CG2  . THR A 1 34 ? 5.127   14.308  -2.912  1.00 69.49  ? 114 THR A CG2  1 
ATOM   478 H H    . THR A 1 34 ? 4.739   11.921  -1.326  1.00 73.21  ? 114 THR A H    1 
ATOM   479 H HA   . THR A 1 34 ? 2.884   13.043  -2.819  1.00 62.82  ? 114 THR A HA   1 
ATOM   480 H HB   . THR A 1 34 ? 4.639   13.065  -4.466  1.00 66.94  ? 114 THR A HB   1 
ATOM   481 H HG1  . THR A 1 34 ? 6.631   12.453  -3.670  1.00 83.34  ? 114 THR A HG1  1 
ATOM   482 H HG21 . THR A 1 34 ? 5.912   14.688  -3.337  1.00 83.40  ? 114 THR A HG21 1 
ATOM   483 H HG22 . THR A 1 34 ? 4.378   14.911  -3.038  1.00 83.40  ? 114 THR A HG22 1 
ATOM   484 H HG23 . THR A 1 34 ? 5.300   14.213  -1.962  1.00 83.40  ? 114 THR A HG23 1 
ATOM   485 N N    . GLU A 1 35 ? 3.258   9.968   -3.297  1.00 47.70  ? 115 GLU A N    1 
ATOM   486 C CA   . GLU A 1 35 ? 2.861   8.868   -4.180  1.00 45.47  ? 115 GLU A CA   1 
ATOM   487 C C    . GLU A 1 35 ? 1.374   8.565   -4.110  1.00 57.25  ? 115 GLU A C    1 
ATOM   488 O O    . GLU A 1 35 ? 0.805   8.036   -5.073  1.00 43.30  ? 115 GLU A O    1 
ATOM   489 C CB   . GLU A 1 35 ? 3.630   7.609   -3.819  1.00 43.84  ? 115 GLU A CB   1 
ATOM   490 C CG   . GLU A 1 35 ? 5.106   7.664   -3.878  1.00 53.07  ? 115 GLU A CG   1 
ATOM   491 C CD   . GLU A 1 35 ? 5.725   6.718   -2.851  1.00 66.61  ? 115 GLU A CD   1 
ATOM   492 O OE1  . GLU A 1 35 ? 4.991   6.207   -1.911  1.00 42.71  ? 115 GLU A OE1  1 
ATOM   493 O OE2  . GLU A 1 35 ? 6.940   6.449   -3.073  1.00 44.21  ? 115 GLU A OE2  1 
ATOM   494 H H    . GLU A 1 35 ? 3.620   9.741   -2.551  1.00 57.15  ? 115 GLU A H    1 
ATOM   495 H HA   . GLU A 1 35 ? 3.079   9.126   -5.089  1.00 54.47  ? 115 GLU A HA   1 
ATOM   496 H HB2  . GLU A 1 35 ? 3.396   7.368   -2.908  1.00 52.52  ? 115 GLU A HB2  1 
ATOM   497 H HB3  . GLU A 1 35 ? 3.353   6.907   -4.429  1.00 52.52  ? 115 GLU A HB3  1 
ATOM   498 H HG2  . GLU A 1 35 ? 5.404   7.398   -4.762  1.00 63.71  ? 115 GLU A HG2  1 
ATOM   499 H HG3  . GLU A 1 35 ? 5.403   8.567   -3.685  1.00 63.71  ? 115 GLU A HG3  1 
ATOM   500 N N    . GLY A 1 36 ? 0.747   8.820   -2.985  1.00 51.94  ? 116 GLY A N    1 
ATOM   501 C CA   . GLY A 1 36 ? -0.663  8.540   -2.791  1.00 44.32  ? 116 GLY A CA   1 
ATOM   502 C C    . GLY A 1 36 ? -0.784  7.083   -2.351  1.00 42.07  ? 116 GLY A C    1 
ATOM   503 O O    . GLY A 1 36 ? 0.220   6.392   -2.207  1.00 41.17  ? 116 GLY A O    1 
ATOM   504 H H    . GLY A 1 36 ? 1.123   9.166   -2.293  1.00 62.35  ? 116 GLY A H    1 
ATOM   505 H HA2  . GLY A 1 36 ? -1.034  9.119   -2.107  1.00 53.09  ? 116 GLY A HA2  1 
ATOM   506 H HA3  . GLY A 1 36 ? -1.153  8.674   -3.617  1.00 53.09  ? 116 GLY A HA3  1 
ATOM   507 N N    . ASP A 1 37 ? -2.014  6.630   -2.064  1.00 48.66  ? 117 ASP A N    1 
ATOM   508 C CA   . ASP A 1 37 ? -2.253  5.205   -1.766  1.00 39.40  ? 117 ASP A CA   1 
ATOM   509 C C    . ASP A 1 37 ? -1.729  4.335   -2.917  1.00 38.04  ? 117 ASP A C    1 
ATOM   510 O O    . ASP A 1 37 ? -1.793  4.724   -4.070  1.00 46.04  ? 117 ASP A O    1 
ATOM   511 C CB   . ASP A 1 37 ? -3.763  4.918   -1.643  1.00 46.08  ? 117 ASP A CB   1 
ATOM   512 C CG   . ASP A 1 37 ? -4.407  5.607   -0.475  1.00 60.27  ? 117 ASP A CG   1 
ATOM   513 O OD1  . ASP A 1 37 ? -3.639  6.239   0.289   1.00 49.13  ? 117 ASP A OD1  1 
ATOM   514 O OD2  . ASP A 1 37 ? -5.672  5.500   -0.397  1.00 53.65  ? 117 ASP A OD2  1 
ATOM   515 H H    . ASP A 1 37 ? -2.720  7.119   -2.034  1.00 58.42  ? 117 ASP A H    1 
ATOM   516 H HA   . ASP A 1 37 ? -1.807  4.986   -0.933  1.00 47.19  ? 117 ASP A HA   1 
ATOM   517 H HB2  . ASP A 1 37 ? -4.208  5.223   -2.450  1.00 55.31  ? 117 ASP A HB2  1 
ATOM   518 H HB3  . ASP A 1 37 ? -3.893  3.963   -1.533  1.00 55.31  ? 117 ASP A HB3  1 
ATOM   519 N N    . TRP A 1 38 ? -1.236  3.145   -2.623  1.00 32.94  ? 118 TRP A N    1 
ATOM   520 C CA   . TRP A 1 38 ? -0.857  2.209   -3.679  1.00 34.62  ? 118 TRP A CA   1 
ATOM   521 C C    . TRP A 1 38 ? -1.964  1.204   -3.958  1.00 35.80  ? 118 TRP A C    1 
ATOM   522 O O    . TRP A 1 38 ? -2.639  0.704   -3.046  1.00 34.29  ? 118 TRP A O    1 
ATOM   523 C CB   . TRP A 1 38 ? 0.395   1.463   -3.248  1.00 29.73  ? 118 TRP A CB   1 
ATOM   524 C CG   . TRP A 1 38 ? 1.610   2.373   -3.268  1.00 30.32  ? 118 TRP A CG   1 
ATOM   525 C CD1  . TRP A 1 38 ? 1.875   3.393   -2.420  1.00 36.39  ? 118 TRP A CD1  1 
ATOM   526 C CD2  . TRP A 1 38 ? 2.694   2.310   -4.198  1.00 26.69  ? 118 TRP A CD2  1 
ATOM   527 N NE1  . TRP A 1 38 ? 3.027   4.032   -2.790  1.00 34.66  ? 118 TRP A NE1  1 
ATOM   528 C CE2  . TRP A 1 38 ? 3.587   3.344   -3.830  1.00 30.10  ? 118 TRP A CE2  1 
ATOM   529 C CE3  . TRP A 1 38 ? 3.026   1.492   -5.243  1.00 28.77  ? 118 TRP A CE3  1 
ATOM   530 C CZ2  . TRP A 1 38 ? 4.754   3.574   -4.529  1.00 30.80  ? 118 TRP A CZ2  1 
ATOM   531 C CZ3  . TRP A 1 38 ? 4.196   1.714   -5.948  1.00 27.25  ? 118 TRP A CZ3  1 
ATOM   532 C CH2  . TRP A 1 38 ? 5.067   2.698   -5.556  1.00 29.27  ? 118 TRP A CH2  1 
ATOM   533 H H    . TRP A 1 38 ? -1.111  2.853   -1.823  1.00 39.55  ? 118 TRP A H    1 
ATOM   534 H HA   . TRP A 1 38 ? -0.698  2.696   -4.502  1.00 41.56  ? 118 TRP A HA   1 
ATOM   535 H HB2  . TRP A 1 38 ? 0.276   1.130   -2.345  1.00 35.70  ? 118 TRP A HB2  1 
ATOM   536 H HB3  . TRP A 1 38 ? 0.554   0.725   -3.857  1.00 35.70  ? 118 TRP A HB3  1 
ATOM   537 H HD1  . TRP A 1 38 ? 1.350   3.627   -1.690  1.00 43.68  ? 118 TRP A HD1  1 
ATOM   538 H HE1  . TRP A 1 38 ? 3.344   4.745   -2.429  1.00 41.60  ? 118 TRP A HE1  1 
ATOM   539 H HE3  . TRP A 1 38 ? 2.465   0.788   -5.480  1.00 34.55  ? 118 TRP A HE3  1 
ATOM   540 H HZ2  . TRP A 1 38 ? 5.310   4.290   -4.319  1.00 36.98  ? 118 TRP A HZ2  1 
ATOM   541 H HZ3  . TRP A 1 38 ? 4.392   1.192   -6.692  1.00 32.71  ? 118 TRP A HZ3  1 
ATOM   542 H HH2  . TRP A 1 38 ? 5.886   2.779   -5.989  1.00 35.15  ? 118 TRP A HH2  1 
ATOM   543 N N    . TRP A 1 39 ? -2.132  0.909   -5.242  1.00 28.59  ? 119 TRP A N    1 
ATOM   544 C CA   . TRP A 1 39 ? -3.153  -0.022  -5.719  1.00 29.06  ? 119 TRP A CA   1 
ATOM   545 C C    . TRP A 1 39 ? -2.508  -1.132  -6.465  1.00 28.55  ? 119 TRP A C    1 
ATOM   546 O O    . TRP A 1 39 ? -1.520  -0.936  -7.189  1.00 25.81  ? 119 TRP A O    1 
ATOM   547 C CB   . TRP A 1 39 ? -4.095  0.704   -6.670  1.00 30.19  ? 119 TRP A CB   1 
ATOM   548 C CG   . TRP A 1 39 ? -4.803  1.941   -6.133  1.00 32.61  ? 119 TRP A CG   1 
ATOM   549 C CD1  . TRP A 1 39 ? -5.063  2.267   -4.809  1.00 33.97  ? 119 TRP A CD1  1 
ATOM   550 C CD2  . TRP A 1 39 ? -5.416  2.954   -6.918  1.00 34.28  ? 119 TRP A CD2  1 
ATOM   551 N NE1  . TRP A 1 39 ? -5.791  3.406   -4.746  1.00 42.09  ? 119 TRP A NE1  1 
ATOM   552 C CE2  . TRP A 1 39 ? -6.021  3.856   -6.023  1.00 45.77  ? 119 TRP A CE2  1 
ATOM   553 C CE3  . TRP A 1 39 ? -5.535  3.203   -8.299  1.00 39.51  ? 119 TRP A CE3  1 
ATOM   554 C CZ2  . TRP A 1 39 ? -6.681  4.982   -6.441  1.00 53.29  ? 119 TRP A CZ2  1 
ATOM   555 C CZ3  . TRP A 1 39 ? -6.212  4.344   -8.704  1.00 39.75  ? 119 TRP A CZ3  1 
ATOM   556 C CH2  . TRP A 1 39 ? -6.801  5.194   -7.775  1.00 46.06  ? 119 TRP A CH2  1 
ATOM   557 H H    . TRP A 1 39 ? -1.654  1.243   -5.873  1.00 34.21  ? 119 TRP A H    1 
ATOM   558 H HA   . TRP A 1 39 ? -3.643  -0.390  -4.967  1.00 34.89  ? 119 TRP A HA   1 
ATOM   559 H HB2  . TRP A 1 39 ? -3.581  0.986   -7.444  1.00 36.13  ? 119 TRP A HB2  1 
ATOM   560 H HB3  . TRP A 1 39 ? -4.787  0.079   -6.943  1.00 36.13  ? 119 TRP A HB3  1 
ATOM   561 H HD1  . TRP A 1 39 ? -4.779  1.773   -4.074  1.00 40.66  ? 119 TRP A HD1  1 
ATOM   562 H HE1  . TRP A 1 39 ? -6.064  3.787   -4.025  1.00 50.53  ? 119 TRP A HE1  1 
ATOM   563 H HE3  . TRP A 1 39 ? -5.169  2.617   -8.922  1.00 47.43  ? 119 TRP A HE3  1 
ATOM   564 H HZ2  . TRP A 1 39 ? -7.037  5.583   -5.828  1.00 63.97  ? 119 TRP A HZ2  1 
ATOM   565 H HZ3  . TRP A 1 39 ? -6.272  4.544   -9.610  1.00 47.72  ? 119 TRP A HZ3  1 
ATOM   566 H HH2  . TRP A 1 39 ? -7.289  5.926   -8.075  1.00 55.29  ? 119 TRP A HH2  1 
ATOM   567 N N    . LEU A 1 40 ? -3.106  -2.324  -6.395  1.00 27.22  ? 120 LEU A N    1 
ATOM   568 C CA   . LEU A 1 40 ? -2.701  -3.397  -7.288  1.00 26.27  ? 120 LEU A CA   1 
ATOM   569 C C    . LEU A 1 40 ? -3.359  -3.223  -8.646  1.00 27.86  ? 120 LEU A C    1 
ATOM   570 O O    . LEU A 1 40 ? -4.565  -3.008  -8.742  1.00 31.50  ? 120 LEU A O    1 
ATOM   571 C CB   . LEU A 1 40 ? -3.116  -4.706  -6.673  1.00 28.71  ? 120 LEU A CB   1 
ATOM   572 C CG   . LEU A 1 40 ? -2.604  -5.984  -7.326  1.00 26.93  ? 120 LEU A CG   1 
ATOM   573 C CD1  . LEU A 1 40 ? -1.161  -6.006  -7.354  1.00 26.59  ? 120 LEU A CD1  1 
ATOM   574 C CD2  . LEU A 1 40 ? -3.024  -7.254  -6.630  1.00 35.02  ? 120 LEU A CD2  1 
ATOM   575 H H    . LEU A 1 40 ? -3.737  -2.527  -5.846  1.00 32.68  ? 120 LEU A H    1 
ATOM   576 H HA   . LEU A 1 40 ? -1.740  -3.377  -7.421  1.00 31.55  ? 120 LEU A HA   1 
ATOM   577 H HB2  . LEU A 1 40 ? -2.802  -4.716  -5.754  1.00 34.48  ? 120 LEU A HB2  1 
ATOM   578 H HB3  . LEU A 1 40 ? -4.085  -4.749  -6.692  1.00 34.48  ? 120 LEU A HB3  1 
ATOM   579 H HG   . LEU A 1 40 ? -2.992  -5.973  -8.215  1.00 32.34  ? 120 LEU A HG   1 
ATOM   580 H HD11 . LEU A 1 40 ? -0.863  -6.901  -7.578  1.00 31.92  ? 120 LEU A HD11 1 
ATOM   581 H HD12 . LEU A 1 40 ? -0.848  -5.376  -8.021  1.00 31.92  ? 120 LEU A HD12 1 
ATOM   582 H HD13 . LEU A 1 40 ? -0.824  -5.755  -6.479  1.00 31.92  ? 120 LEU A HD13 1 
ATOM   583 H HD21 . LEU A 1 40 ? -2.767  -8.014  -7.176  1.00 42.04  ? 120 LEU A HD21 1 
ATOM   584 H HD22 . LEU A 1 40 ? -2.582  -7.303  -5.768  1.00 42.04  ? 120 LEU A HD22 1 
ATOM   585 H HD23 . LEU A 1 40 ? -3.986  -7.244  -6.509  1.00 42.04  ? 120 LEU A HD23 1 
ATOM   586 N N    . ALA A 1 41 ? -2.539  -3.228  -9.706  1.00 27.20  ? 121 ALA A N    1 
ATOM   587 C CA   . ALA A 1 41 ? -2.988  -2.855  -11.029 1.00 27.10  ? 121 ALA A CA   1 
ATOM   588 C C    . ALA A 1 41 ? -2.427  -3.805  -12.095 1.00 25.32  ? 121 ALA A C    1 
ATOM   589 O O    . ALA A 1 41 ? -1.346  -4.377  -11.970 1.00 25.35  ? 121 ALA A O    1 
ATOM   590 C CB   . ALA A 1 41 ? -2.581  -1.442  -11.442 1.00 33.42  ? 121 ALA A CB   1 
ATOM   591 H H    . ALA A 1 41 ? -1.708  -3.448  -9.672  1.00 32.65  ? 121 ALA A H    1 
ATOM   592 H HA   . ALA A 1 41 ? -3.955  -2.921  -11.006 1.00 32.54  ? 121 ALA A HA   1 
ATOM   593 H HB1  . ALA A 1 41 ? -2.930  -1.260  -12.328 1.00 40.12  ? 121 ALA A HB1  1 
ATOM   594 H HB2  . ALA A 1 41 ? -2.948  -0.810  -10.805 1.00 40.12  ? 121 ALA A HB2  1 
ATOM   595 H HB3  . ALA A 1 41 ? -1.613  -1.381  -11.448 1.00 40.12  ? 121 ALA A HB3  1 
ATOM   596 N N    . HIS A 1 42 ? -3.201  -3.941  -13.155 1.00 29.21  ? 122 HIS A N    1 
ATOM   597 C CA   . HIS A 1 42 ? -2.848  -4.724  -14.322 1.00 30.21  ? 122 HIS A CA   1 
ATOM   598 C C    . HIS A 1 42 ? -2.778  -3.813  -15.530 1.00 29.03  ? 122 HIS A C    1 
ATOM   599 O O    . HIS A 1 42 ? -3.730  -3.044  -15.814 1.00 32.73  ? 122 HIS A O    1 
ATOM   600 C CB   . HIS A 1 42 ? -3.868  -5.817  -14.475 1.00 29.46  ? 122 HIS A CB   1 
ATOM   601 C CG   . HIS A 1 42 ? -3.641  -6.679  -15.659 1.00 31.66  ? 122 HIS A CG   1 
ATOM   602 N ND1  . HIS A 1 42 ? -2.539  -7.488  -15.817 1.00 28.35  ? 122 HIS A ND1  1 
ATOM   603 C CD2  . HIS A 1 42 ? -4.443  -6.910  -16.711 1.00 33.16  ? 122 HIS A CD2  1 
ATOM   604 C CE1  . HIS A 1 42 ? -2.633  -8.102  -16.982 1.00 32.98  ? 122 HIS A CE1  1 
ATOM   605 N NE2  . HIS A 1 42 ? -3.797  -7.802  -17.519 1.00 38.06  ? 122 HIS A NE2  1 
ATOM   606 H H    . HIS A 1 42 ? -3.974  -3.571  -13.224 1.00 35.07  ? 122 HIS A H    1 
ATOM   607 H HA   . HIS A 1 42 ? -1.966  -5.120  -14.242 1.00 36.28  ? 122 HIS A HA   1 
ATOM   608 H HB2  . HIS A 1 42 ? -3.842  -6.381  -13.687 1.00 35.37  ? 122 HIS A HB2  1 
ATOM   609 H HB3  . HIS A 1 42 ? -4.746  -5.414  -14.566 1.00 35.37  ? 122 HIS A HB3  1 
ATOM   610 H HD2  . HIS A 1 42 ? -5.281  -6.534  -16.860 1.00 39.81  ? 122 HIS A HD2  1 
ATOM   611 H HE1  . HIS A 1 42 ? -1.987  -8.652  -17.359 1.00 39.60  ? 122 HIS A HE1  1 
ATOM   612 H HE2  . HIS A 1 42 ? -4.101  -8.117  -18.259 1.00 45.69  ? 122 HIS A HE2  1 
ATOM   613 N N    . SER A 1 43 ? -1.633  -3.831  -16.177 1.00 27.79  ? 123 SER A N    1 
ATOM   614 C CA   . SER A 1 43 ? -1.438  -3.029  -17.396 1.00 31.40  ? 123 SER A CA   1 
ATOM   615 C C    . SER A 1 43 ? -2.085  -3.749  -18.568 1.00 30.93  ? 123 SER A C    1 
ATOM   616 O O    . SER A 1 43 ? -1.672  -4.862  -18.970 1.00 31.41  ? 123 SER A O    1 
ATOM   617 C CB   . SER A 1 43 ? 0.041   -2.802  -17.683 1.00 32.37  ? 123 SER A CB   1 
ATOM   618 O OG   . SER A 1 43 ? 0.127   -2.135  -18.935 1.00 31.85  ? 123 SER A OG   1 
ATOM   619 H H    . SER A 1 43 ? -0.948  -4.294  -15.944 1.00 33.36  ? 123 SER A H    1 
ATOM   620 H HA   . SER A 1 43 ? -1.855  -2.162  -17.269 1.00 37.70  ? 123 SER A HA   1 
ATOM   621 H HB2  . SER A 1 43 ? 0.432   -2.251  -16.988 1.00 38.86  ? 123 SER A HB2  1 
ATOM   622 H HB3  . SER A 1 43 ? 0.502   -3.654  -17.730 1.00 38.86  ? 123 SER A HB3  1 
ATOM   623 H HG   . SER A 1 43 ? 0.929   -2.093  -19.183 1.00 38.24  ? 123 SER A HG   1 
ATOM   624 N N    . LEU A 1 44 ? -3.086  -3.137  -19.200 1.00 31.41  ? 124 LEU A N    1 
ATOM   625 C CA   . LEU A 1 44 ? -3.669  -3.747  -20.381 1.00 32.47  ? 124 LEU A CA   1 
ATOM   626 C C    . LEU A 1 44 ? -2.638  -3.653  -21.513 1.00 33.03  ? 124 LEU A C    1 
ATOM   627 O O    . LEU A 1 44 ? -2.620  -4.490  -22.417 1.00 40.14  ? 124 LEU A O    1 
ATOM   628 C CB   . LEU A 1 44 ? -4.961  -3.032  -20.777 1.00 34.65  ? 124 LEU A CB   1 
ATOM   629 C CG   . LEU A 1 44 ? -6.081  -3.076  -19.736 1.00 50.51  ? 124 LEU A CG   1 
ATOM   630 C CD1  . LEU A 1 44 ? -7.200  -2.120  -20.116 1.00 45.98  ? 124 LEU A CD1  1 
ATOM   631 C CD2  . LEU A 1 44 ? -6.612  -4.492  -19.577 1.00 52.56  ? 124 LEU A CD2  1 
ATOM   632 H H    . LEU A 1 44 ? -3.473  -2.394  -19.000 1.00 37.71  ? 124 LEU A H    1 
ATOM   633 H HA   . LEU A 1 44 ? -3.867  -4.690  -20.206 1.00 38.89  ? 124 LEU A HA   1 
ATOM   634 H HB2  . LEU A 1 44 ? -4.756  -2.099  -20.945 1.00 41.50  ? 124 LEU A HB2  1 
ATOM   635 H HB3  . LEU A 1 44 ? -5.301  -3.441  -21.589 1.00 41.50  ? 124 LEU A HB3  1 
ATOM   636 H HG   . LEU A 1 44 ? -5.725  -2.792  -18.880 1.00 60.63  ? 124 LEU A HG   1 
ATOM   637 H HD11 . LEU A 1 44 ? -7.928  -2.231  -19.499 1.00 55.20  ? 124 LEU A HD11 1 
ATOM   638 H HD12 . LEU A 1 44 ? -6.870  -1.219  -20.075 1.00 55.20  ? 124 LEU A HD12 1 
ATOM   639 H HD13 . LEU A 1 44 ? -7.494  -2.320  -21.008 1.00 55.20  ? 124 LEU A HD13 1 
ATOM   640 H HD21 . LEU A 1 44 ? -7.413  -4.467  -19.050 1.00 63.09  ? 124 LEU A HD21 1 
ATOM   641 H HD22 . LEU A 1 44 ? -6.803  -4.854  -20.445 1.00 63.09  ? 124 LEU A HD22 1 
ATOM   642 H HD23 . LEU A 1 44 ? -5.948  -5.028  -19.137 1.00 63.09  ? 124 LEU A HD23 1 
ATOM   643 N N    . THR A 1 45 ? -1.783  -2.630  -21.457 1.00 36.41  ? 125 THR A N    1 
ATOM   644 C CA   . THR A 1 45 ? -0.747  -2.407  -22.461 1.00 37.55  ? 125 THR A CA   1 
ATOM   645 C C    . THR A 1 45 ? 0.421   -3.400  -22.425 1.00 36.52  ? 125 THR A C    1 
ATOM   646 O O    . THR A 1 45 ? 0.862   -3.857  -23.479 1.00 46.12  ? 125 THR A O    1 
ATOM   647 C CB   . THR A 1 45 ? -0.166  -0.986  -22.335 1.00 45.66  ? 125 THR A CB   1 
ATOM   648 O OG1  . THR A 1 45 ? -1.233  -0.030  -22.295 1.00 45.84  ? 125 THR A OG1  1 
ATOM   649 C CG2  . THR A 1 45 ? 0.748   -0.675  -23.511 1.00 39.62  ? 125 THR A CG2  1 
ATOM   650 H H    . THR A 1 45 ? -1.790  -2.009  -20.864 1.00 43.71  ? 125 THR A H    1 
ATOM   651 H HA   . THR A 1 45 ? -1.161  -2.478  -23.346 1.00 45.08  ? 125 THR A HA   1 
ATOM   652 H HB   . THR A 1 45 ? 0.353   -0.922  -21.518 1.00 54.80  ? 125 THR A HB   1 
ATOM   653 H HG1  . THR A 1 45 ? -0.944  0.703   -22.072 1.00 55.03  ? 125 THR A HG1  1 
ATOM   654 H HG21 . THR A 1 45 ? 1.061   0.231   -23.451 1.00 47.57  ? 125 THR A HG21 1 
ATOM   655 H HG22 . THR A 1 45 ? 1.504   -1.268  -23.504 1.00 47.57  ? 125 THR A HG22 1 
ATOM   656 H HG23 . THR A 1 45 ? 0.272   -0.787  -24.336 1.00 47.57  ? 125 THR A HG23 1 
ATOM   657 N N    . SER A 1 46 ? 0.931   -3.739  -21.240 1.00 33.27  ? 126 SER A N    1 
ATOM   658 C CA   . SER A 1 46 ? 2.056   -4.669  -21.182 1.00 31.80  ? 126 SER A CA   1 
ATOM   659 C C    . SER A 1 46 ? 1.734   -6.070  -20.692 1.00 27.77  ? 126 SER A C    1 
ATOM   660 O O    . SER A 1 46 ? 2.557   -6.989  -20.812 1.00 30.87  ? 126 SER A O    1 
ATOM   661 C CB   . SER A 1 46 ? 3.112   -4.107  -20.196 1.00 34.95  ? 126 SER A CB   1 
ATOM   662 O OG   . SER A 1 46 ? 2.726   -4.152  -18.832 1.00 31.07  ? 126 SER A OG   1 
ATOM   663 H H    . SER A 1 46 ? 0.627   -3.494  -20.474 1.00 39.95  ? 126 SER A H    1 
ATOM   664 H HA   . SER A 1 46 ? 2.409   -4.750  -22.082 1.00 38.18  ? 126 SER A HA   1 
ATOM   665 H HB2  . SER A 1 46 ? 3.925   -4.627  -20.297 1.00 41.96  ? 126 SER A HB2  1 
ATOM   666 H HB3  . SER A 1 46 ? 3.280   -3.181  -20.432 1.00 41.96  ? 126 SER A HB3  1 
ATOM   667 H HG   . SER A 1 46 ? 3.351   -3.870  -18.347 1.00 37.30  ? 126 SER A HG   1 
ATOM   668 N N    . GLY A 1 47 ? 0.619   -6.190  -20.026 1.00 28.41  ? 127 GLY A N    1 
ATOM   669 C CA   . GLY A 1 47 ? 0.312   -7.474  -19.475 1.00 26.66  ? 127 GLY A CA   1 
ATOM   670 C C    . GLY A 1 47 ? 0.825   -7.691  -18.075 1.00 24.79  ? 127 GLY A C    1 
ATOM   671 O O    . GLY A 1 47 ? 0.449   -8.705  -17.472 1.00 26.02  ? 127 GLY A O    1 
ATOM   672 H H    . GLY A 1 47 ? 0.045   -5.565  -19.886 1.00 34.11  ? 127 GLY A H    1 
ATOM   673 H HA2  . GLY A 1 47 ? -0.652  -7.585  -19.458 1.00 32.02  ? 127 GLY A HA2  1 
ATOM   674 H HA3  . GLY A 1 47 ? 0.698   -8.159  -20.042 1.00 32.02  ? 127 GLY A HA3  1 
ATOM   675 N N    . GLN A 1 48 ? 1.659   -6.812  -17.574 1.00 24.30  ? 128 GLN A N    1 
ATOM   676 C CA   . GLN A 1 48 ? 2.309   -6.953  -16.265 1.00 23.61  ? 128 GLN A CA   1 
ATOM   677 C C    . GLN A 1 48 ? 1.334   -6.499  -15.203 1.00 24.65  ? 128 GLN A C    1 
ATOM   678 O O    . GLN A 1 48 ? 0.394   -5.738  -15.463 1.00 25.06  ? 128 GLN A O    1 
ATOM   679 C CB   . GLN A 1 48 ? 3.622   -6.138  -16.244 1.00 25.94  ? 128 GLN A CB   1 
ATOM   680 C CG   . GLN A 1 48 ? 4.604   -6.747  -17.249 1.00 27.88  ? 128 GLN A CG   1 
ATOM   681 C CD   . GLN A 1 48 ? 5.813   -5.926  -17.436 1.00 35.41  ? 128 GLN A CD   1 
ATOM   682 O OE1  . GLN A 1 48 ? 6.194   -5.159  -16.532 1.00 37.30  ? 128 GLN A OE1  1 
ATOM   683 N NE2  . GLN A 1 48 ? 6.443   -6.025  -18.621 1.00 38.10  ? 128 GLN A NE2  1 
ATOM   684 H H    . GLN A 1 48 ? 1.884   -6.087  -17.980 1.00 29.18  ? 128 GLN A H    1 
ATOM   685 H HA   . GLN A 1 48 ? 2.553   -7.872  -16.073 1.00 28.35  ? 128 GLN A HA   1 
ATOM   686 H HB2  . GLN A 1 48 ? 3.443   -5.218  -16.495 1.00 31.15  ? 128 GLN A HB2  1 
ATOM   687 H HB3  . GLN A 1 48 ? 4.017   -6.170  -15.360 1.00 31.15  ? 128 GLN A HB3  1 
ATOM   688 H HG2  . GLN A 1 48 ? 4.881   -7.619  -16.931 1.00 33.48  ? 128 GLN A HG2  1 
ATOM   689 H HG3  . GLN A 1 48 ? 4.163   -6.831  -18.110 1.00 33.48  ? 128 GLN A HG3  1 
ATOM   690 H HE21 . GLN A 1 48 ? 6.136   -6.550  -19.229 1.00 45.74  ? 128 GLN A HE21 1 
ATOM   691 H HE22 . GLN A 1 48 ? 7.152   -5.563  -18.771 1.00 45.74  ? 128 GLN A HE22 1 
ATOM   692 N N    . THR A 1 49 ? 1.603   -6.924  -13.983 1.00 21.81  ? 129 THR A N    1 
ATOM   693 C CA   . THR A 1 49 ? 0.715   -6.694  -12.852 1.00 23.25  ? 129 THR A CA   1 
ATOM   694 C C    . THR A 1 49 ? 1.512   -6.443  -11.604 1.00 23.41  ? 129 THR A C    1 
ATOM   695 O O    . THR A 1 49 ? 2.557   -7.071  -11.367 1.00 25.55  ? 129 THR A O    1 
ATOM   696 C CB   . THR A 1 49 ? -0.172  -7.892  -12.575 1.00 25.14  ? 129 THR A CB   1 
ATOM   697 O OG1  . THR A 1 49 ? -0.769  -8.388  -13.795 1.00 25.96  ? 129 THR A OG1  1 
ATOM   698 C CG2  . THR A 1 49 ? -1.290  -7.541  -11.752 1.00 31.00  ? 129 THR A CG2  1 
ATOM   699 H H    . THR A 1 49 ? 2.313   -7.361  -13.774 1.00 26.19  ? 129 THR A H    1 
ATOM   700 H HA   . THR A 1 49 ? 0.173   -5.916  -13.058 1.00 27.92  ? 129 THR A HA   1 
ATOM   701 H HB   . THR A 1 49 ? 0.392   -8.554  -12.147 1.00 30.19  ? 129 THR A HB   1 
ATOM   702 H HG1  . THR A 1 49 ? -0.772  -7.784  -14.380 1.00 31.17  ? 129 THR A HG1  1 
ATOM   703 H HG21 . THR A 1 49 ? -1.874  -8.307  -11.641 1.00 37.21  ? 129 THR A HG21 1 
ATOM   704 H HG22 . THR A 1 49 ? -0.981  -7.253  -10.879 1.00 37.21  ? 129 THR A HG22 1 
ATOM   705 H HG23 . THR A 1 49 ? -1.791  -6.818  -12.162 1.00 37.21  ? 129 THR A HG23 1 
ATOM   706 N N    . GLY A 1 50 ? 1.110   -5.445  -10.867 1.00 23.02  ? 130 GLY A N    1 
ATOM   707 C CA   . GLY A 1 50 ? 1.794   -5.170  -9.615  1.00 22.97  ? 130 GLY A CA   1 
ATOM   708 C C    . GLY A 1 50 ? 1.277   -3.881  -9.008  1.00 20.87  ? 130 GLY A C    1 
ATOM   709 O O    . GLY A 1 50 ? 0.380   -3.244  -9.526  1.00 24.34  ? 130 GLY A O    1 
ATOM   710 H H    . GLY A 1 50 ? 0.459   -4.916  -11.056 1.00 27.64  ? 130 GLY A H    1 
ATOM   711 H HA2  . GLY A 1 50 ? 1.641   -5.897  -8.990  1.00 27.58  ? 130 GLY A HA2  1 
ATOM   712 H HA3  . GLY A 1 50 ? 2.748   -5.085  -9.772  1.00 27.58  ? 130 GLY A HA3  1 
ATOM   713 N N    . TYR A 1 51 ? 1.896   -3.434  -7.933  1.00 21.32  ? 131 TYR A N    1 
ATOM   714 C CA   . TYR A 1 51 ? 1.381   -2.260  -7.247  1.00 22.89  ? 131 TYR A CA   1 
ATOM   715 C C    . TYR A 1 51 ? 1.834   -0.968  -7.884  1.00 26.05  ? 131 TYR A C    1 
ATOM   716 O O    . TYR A 1 51 ? 2.992   -0.839  -8.328  1.00 22.92  ? 131 TYR A O    1 
ATOM   717 C CB   . TYR A 1 51 ? 1.816   -2.226  -5.792  1.00 23.87  ? 131 TYR A CB   1 
ATOM   718 C CG   . TYR A 1 51 ? 1.207   -3.358  -4.979  1.00 23.47  ? 131 TYR A CG   1 
ATOM   719 C CD1  . TYR A 1 51 ? -0.142  -3.296  -4.480  1.00 25.45  ? 131 TYR A CD1  1 
ATOM   720 C CD2  . TYR A 1 51 ? 1.882   -4.555  -4.843  1.00 22.14  ? 131 TYR A CD2  1 
ATOM   721 C CE1  . TYR A 1 51 ? -0.675  -4.387  -3.745  1.00 26.36  ? 131 TYR A CE1  1 
ATOM   722 C CE2  . TYR A 1 51 ? 1.314   -5.617  -4.159  1.00 22.89  ? 131 TYR A CE2  1 
ATOM   723 C CZ   . TYR A 1 51 ? 0.071   -5.518  -3.651  1.00 24.52  ? 131 TYR A CZ   1 
ATOM   724 O OH   . TYR A 1 51 ? -0.400  -6.618  -2.960  1.00 30.21  ? 131 TYR A OH   1 
ATOM   725 H H    . TYR A 1 51 ? 2.601   -3.784  -7.585  1.00 25.60  ? 131 TYR A H    1 
ATOM   726 H HA   . TYR A 1 51 ? 0.414   -2.317  -7.303  1.00 27.49  ? 131 TYR A HA   1 
ATOM   727 H HB2  . TYR A 1 51 ? 2.782   -2.306  -5.748  1.00 28.67  ? 131 TYR A HB2  1 
ATOM   728 H HB3  . TYR A 1 51 ? 1.535   -1.385  -5.397  1.00 28.67  ? 131 TYR A HB3  1 
ATOM   729 H HD1  . TYR A 1 51 ? -0.664  -2.542  -4.639  1.00 30.56  ? 131 TYR A HD1  1 
ATOM   730 H HD2  . TYR A 1 51 ? 2.728   -4.650  -5.216  1.00 26.59  ? 131 TYR A HD2  1 
ATOM   731 H HE1  . TYR A 1 51 ? -1.512  -4.330  -3.340  1.00 31.66  ? 131 TYR A HE1  1 
ATOM   732 H HE2  . TYR A 1 51 ? 1.795   -6.405  -4.050  1.00 27.49  ? 131 TYR A HE2  1 
ATOM   733 H HH   . TYR A 1 51 ? 0.217   -7.179  -2.858  1.00 36.27  ? 131 TYR A HH   1 
ATOM   734 N N    . ILE A 1 52 ? 0.940   0.012   -7.880  1.00 26.07  ? 132 ILE A N    1 
ATOM   735 C CA   . ILE A 1 52 ? 1.244   1.322   -8.453  1.00 25.39  ? 132 ILE A CA   1 
ATOM   736 C C    . ILE A 1 52 ? 0.924   2.447   -7.521  1.00 31.67  ? 132 ILE A C    1 
ATOM   737 O O    . ILE A 1 52 ? 0.040   2.352   -6.624  1.00 29.63  ? 132 ILE A O    1 
ATOM   738 C CB   . ILE A 1 52 ? 0.467   1.563   -9.758  1.00 27.41  ? 132 ILE A CB   1 
ATOM   739 C CG1  . ILE A 1 52 ? -1.041  1.585   -9.538  1.00 30.55  ? 132 ILE A CG1  1 
ATOM   740 C CG2  . ILE A 1 52 ? 0.776   0.436   -10.749 1.00 25.75  ? 132 ILE A CG2  1 
ATOM   741 C CD1  . ILE A 1 52 ? -1.841  2.094   -10.751 1.00 35.70  ? 132 ILE A CD1  1 
ATOM   742 H H    . ILE A 1 52 ? 0.148   -0.055  -7.551  1.00 31.30  ? 132 ILE A H    1 
ATOM   743 H HA   . ILE A 1 52 ? 2.202   1.313   -8.602  1.00 30.49  ? 132 ILE A HA   1 
ATOM   744 H HB   . ILE A 1 52 ? 0.746   2.428   -10.094 1.00 32.91  ? 132 ILE A HB   1 
ATOM   745 H HG12 . ILE A 1 52 ? -1.341  0.683   -9.345  1.00 36.67  ? 132 ILE A HG12 1 
ATOM   746 H HG13 . ILE A 1 52 ? -1.239  2.168   -8.789  1.00 36.67  ? 132 ILE A HG13 1 
ATOM   747 H HG21 . ILE A 1 52 ? 0.355   0.639   -11.599 1.00 30.92  ? 132 ILE A HG21 1 
ATOM   748 H HG22 . ILE A 1 52 ? 1.737   0.371   -10.863 1.00 30.92  ? 132 ILE A HG22 1 
ATOM   749 H HG23 . ILE A 1 52 ? 0.426   -0.398  -10.398 1.00 30.92  ? 132 ILE A HG23 1 
ATOM   750 H HD11 . ILE A 1 52 ? -2.778  2.155   -10.509 1.00 42.86  ? 132 ILE A HD11 1 
ATOM   751 H HD12 . ILE A 1 52 ? -1.507  2.969   -11.004 1.00 42.86  ? 132 ILE A HD12 1 
ATOM   752 H HD13 . ILE A 1 52 ? -1.729  1.471   -11.487 1.00 42.86  ? 132 ILE A HD13 1 
ATOM   753 N N    . PRO A 1 53 ? 1.654   3.563   -7.652  1.00 30.18  ? 133 PRO A N    1 
ATOM   754 C CA   . PRO A 1 53 ? 1.331   4.708   -6.815  1.00 30.96  ? 133 PRO A CA   1 
ATOM   755 C C    . PRO A 1 53 ? 0.197   5.473   -7.448  1.00 32.95  ? 133 PRO A C    1 
ATOM   756 O O    . PRO A 1 53 ? 0.317   5.954   -8.573  1.00 34.72  ? 133 PRO A O    1 
ATOM   757 C CB   . PRO A 1 53 ? 2.637   5.537   -6.808  1.00 31.83  ? 133 PRO A CB   1 
ATOM   758 C CG   . PRO A 1 53 ? 3.246   5.213   -8.182  1.00 33.66  ? 133 PRO A CG   1 
ATOM   759 C CD   . PRO A 1 53 ? 2.841   3.786   -8.512  1.00 30.93  ? 133 PRO A CD   1 
ATOM   760 H HA   . PRO A 1 53 ? 1.111   4.442   -5.909  1.00 37.17  ? 133 PRO A HA   1 
ATOM   761 H HB2  . PRO A 1 53 ? 2.439   6.483   -6.720  1.00 38.21  ? 133 PRO A HB2  1 
ATOM   762 H HB3  . PRO A 1 53 ? 3.218   5.252   -6.085  1.00 38.21  ? 133 PRO A HB3  1 
ATOM   763 H HG2  . PRO A 1 53 ? 2.897   5.829   -8.845  1.00 40.41  ? 133 PRO A HG2  1 
ATOM   764 H HG3  . PRO A 1 53 ? 4.212   5.290   -8.134  1.00 40.41  ? 133 PRO A HG3  1 
ATOM   765 H HD2  . PRO A 1 53 ? 2.608   3.701   -9.450  1.00 37.14  ? 133 PRO A HD2  1 
ATOM   766 H HD3  . PRO A 1 53 ? 3.551   3.165   -8.290  1.00 37.14  ? 133 PRO A HD3  1 
ATOM   767 N N    . SER A 1 54 ? -0.884  5.636   -6.696  1.00 33.50  ? 134 SER A N    1 
ATOM   768 C CA   . SER A 1 54 ? -2.108  6.115   -7.323  1.00 34.42  ? 134 SER A CA   1 
ATOM   769 C C    . SER A 1 54 ? -2.072  7.561   -7.742  1.00 45.90  ? 134 SER A C    1 
ATOM   770 O O    . SER A 1 54 ? -2.829  7.892   -8.679  1.00 43.84  ? 134 SER A O    1 
ATOM   771 C CB   . SER A 1 54 ? -3.300  5.823   -6.426  1.00 47.04  ? 134 SER A CB   1 
ATOM   772 O OG   . SER A 1 54 ? -3.254  6.608   -5.270  1.00 43.33  ? 134 SER A OG   1 
ATOM   773 H H    . SER A 1 54 ? -0.933  5.484   -5.850  1.00 40.22  ? 134 SER A H    1 
ATOM   774 H HA   . SER A 1 54 ? -2.233  5.617   -8.147  1.00 41.32  ? 134 SER A HA   1 
ATOM   775 H HB2  . SER A 1 54 ? -4.117  6.024   -6.911  1.00 56.46  ? 134 SER A HB2  1 
ATOM   776 H HB3  . SER A 1 54 ? -3.285  4.888   -6.174  1.00 56.46  ? 134 SER A HB3  1 
ATOM   777 H HG   . SER A 1 54 ? -2.538  6.466   -4.855  1.00 52.01  ? 134 SER A HG   1 
ATOM   778 N N    . ASN A 1 55 ? -1.181  8.400   -7.186  1.00 38.68  ? 135 ASN A N    1 
ATOM   779 C CA   . ASN A 1 55 ? -1.076  9.765   -7.683  1.00 38.27  ? 135 ASN A CA   1 
ATOM   780 C C    . ASN A 1 55 ? -0.477  9.848   -9.059  1.00 42.21  ? 135 ASN A C    1 
ATOM   781 O O    . ASN A 1 55 ? -0.632  10.898  -9.697  1.00 43.18  ? 135 ASN A O    1 
ATOM   782 C CB   . ASN A 1 55 ? -0.304  10.640  -6.679  1.00 40.42  ? 135 ASN A CB   1 
ATOM   783 C CG   . ASN A 1 55 ? -1.139  10.999  -5.503  1.00 60.50  ? 135 ASN A CG   1 
ATOM   784 O OD1  . ASN A 1 55 ? -2.368  10.888  -5.507  1.00 49.56  ? 135 ASN A OD1  1 
ATOM   785 N ND2  . ASN A 1 55 ? -0.476  11.475  -4.491  1.00 48.90  ? 135 ASN A ND2  1 
ATOM   786 H H    . ASN A 1 55 ? -0.648  8.201   -6.541  1.00 46.44  ? 135 ASN A H    1 
ATOM   787 H HA   . ASN A 1 55 ? -1.968  10.141  -7.750  1.00 45.83  ? 135 ASN A HA   1 
ATOM   788 H HB2  . ASN A 1 55 ? 0.474   10.154  -6.363  1.00 48.53  ? 135 ASN A HB2  1 
ATOM   789 H HB3  . ASN A 1 55 ? -0.027  11.460  -7.117  1.00 48.53  ? 135 ASN A HB3  1 
ATOM   790 H HD21 . ASN A 1 55 ? -0.892  11.705  -3.774  1.00 58.70  ? 135 ASN A HD21 1 
ATOM   791 H HD22 . ASN A 1 55 ? 0.378   11.561  -4.539  1.00 58.70  ? 135 ASN A HD22 1 
ATOM   792 N N    . TYR A 1 56 ? -0.003  8.728   -9.632  1.00 39.11  ? 136 TYR A N    1 
ATOM   793 C CA   . TYR A 1 56 ? 0.581   8.777   -10.955 1.00 37.16  ? 136 TYR A CA   1 
ATOM   794 C C    . TYR A 1 56 ? -0.430  8.513   -12.041 1.00 37.47  ? 136 TYR A C    1 
ATOM   795 O O    . TYR A 1 56 ? -0.056  8.503   -13.226 1.00 41.72  ? 136 TYR A O    1 
ATOM   796 C CB   . TYR A 1 56 ? 1.654   7.720   -11.110 1.00 37.26  ? 136 TYR A CB   1 
ATOM   797 C CG   . TYR A 1 56 ? 3.036   8.090   -10.528 1.00 34.92  ? 136 TYR A CG   1 
ATOM   798 C CD1  . TYR A 1 56 ? 3.178   8.534   -9.208  1.00 40.00  ? 136 TYR A CD1  1 
ATOM   799 C CD2  . TYR A 1 56 ? 4.194   7.900   -11.263 1.00 40.58  ? 136 TYR A CD2  1 
ATOM   800 C CE1  . TYR A 1 56 ? 4.412   8.840   -8.705  1.00 36.76  ? 136 TYR A CE1  1 
ATOM   801 C CE2  . TYR A 1 56 ? 5.460   8.197   -10.746 1.00 46.68  ? 136 TYR A CE2  1 
ATOM   802 C CZ   . TYR A 1 56 ? 5.574   8.634   -9.452  1.00 41.32  ? 136 TYR A CZ   1 
ATOM   803 O OH   . TYR A 1 56 ? 6.861   8.894   -8.955  1.00 46.42  ? 136 TYR A OH   1 
ATOM   804 H H    . TYR A 1 56 ? -0.014  7.947   -9.269  1.00 46.95  ? 136 TYR A H    1 
ATOM   805 H HA   . TYR A 1 56 ? 0.976   9.656   -11.067 1.00 44.61  ? 136 TYR A HA   1 
ATOM   806 H HB2  . TYR A 1 56 ? 1.357   6.915   -10.658 1.00 44.73  ? 136 TYR A HB2  1 
ATOM   807 H HB3  . TYR A 1 56 ? 1.776   7.545   -12.056 1.00 44.73  ? 136 TYR A HB3  1 
ATOM   808 H HD1  . TYR A 1 56 ? 2.425   8.623   -8.669  1.00 48.02  ? 136 TYR A HD1  1 
ATOM   809 H HD2  . TYR A 1 56 ? 4.128   7.565   -12.127 1.00 48.72  ? 136 TYR A HD2  1 
ATOM   810 H HE1  . TYR A 1 56 ? 4.479   9.190   -7.847  1.00 44.13  ? 136 TYR A HE1  1 
ATOM   811 H HE2  . TYR A 1 56 ? 6.217   8.098   -11.277 1.00 56.04  ? 136 TYR A HE2  1 
ATOM   812 H HH   . TYR A 1 56 ? 7.435   8.747   -9.551  1.00 55.73  ? 136 TYR A HH   1 
ATOM   813 N N    . VAL A 1 57 ? -1.684  8.222   -11.681 1.00 39.31  ? 137 VAL A N    1 
ATOM   814 C CA   . VAL A 1 57 ? -2.665  7.868   -12.671 1.00 40.67  ? 137 VAL A CA   1 
ATOM   815 C C    . VAL A 1 57 ? -3.948  8.644   -12.483 1.00 49.04  ? 137 VAL A C    1 
ATOM   816 O O    . VAL A 1 57 ? -4.172  9.315   -11.469 1.00 43.18  ? 137 VAL A O    1 
ATOM   817 C CB   . VAL A 1 57 ? -2.988  6.357   -12.705 1.00 44.38  ? 137 VAL A CB   1 
ATOM   818 C CG1  . VAL A 1 57 ? -1.744  5.515   -12.883 1.00 36.00  ? 137 VAL A CG1  1 
ATOM   819 C CG2  . VAL A 1 57 ? -3.765  5.918   -11.447 1.00 42.16  ? 137 VAL A CG2  1 
ATOM   820 H H    . VAL A 1 57 ? -1.974  8.226   -10.872 1.00 47.19  ? 137 VAL A H    1 
ATOM   821 H HA   . VAL A 1 57 ? -2.285  8.136   -13.523 1.00 48.83  ? 137 VAL A HA   1 
ATOM   822 H HB   . VAL A 1 57 ? -3.556  6.202   -13.475 1.00 53.28  ? 137 VAL A HB   1 
ATOM   823 H HG11 . VAL A 1 57 ? -1.997  4.578   -12.908 1.00 43.22  ? 137 VAL A HG11 1 
ATOM   824 H HG12 . VAL A 1 57 ? -1.313  5.763   -13.716 1.00 43.22  ? 137 VAL A HG12 1 
ATOM   825 H HG13 . VAL A 1 57 ? -1.144  5.676   -12.139 1.00 43.22  ? 137 VAL A HG13 1 
ATOM   826 H HG21 . VAL A 1 57 ? -3.739  4.951   -11.381 1.00 50.62  ? 137 VAL A HG21 1 
ATOM   827 H HG22 . VAL A 1 57 ? -3.349  6.314   -10.665 1.00 50.62  ? 137 VAL A HG22 1 
ATOM   828 H HG23 . VAL A 1 57 ? -4.683  6.220   -11.521 1.00 50.62  ? 137 VAL A HG23 1 
ATOM   829 N N    . ALA A 1 58 ? -4.788  8.575   -13.508 1.00 48.07  ? 138 ALA A N    1 
ATOM   830 C CA   . ALA A 1 58 ? -6.051  9.277   -13.491 1.00 43.98  ? 138 ALA A CA   1 
ATOM   831 C C    . ALA A 1 58 ? -7.091  8.431   -14.202 1.00 53.27  ? 138 ALA A C    1 
ATOM   832 O O    . ALA A 1 58 ? -6.749  7.695   -15.125 1.00 44.61  ? 138 ALA A O    1 
ATOM   833 C CB   . ALA A 1 58 ? -5.998  10.616  -14.239 1.00 48.87  ? 138 ALA A CB   1 
ATOM   834 H H    . ALA A 1 58 ? -4.641  8.124   -14.225 1.00 57.70  ? 138 ALA A H    1 
ATOM   835 H HA   . ALA A 1 58 ? -6.296  9.430   -12.566 1.00 52.79  ? 138 ALA A HA   1 
ATOM   836 H HB1  . ALA A 1 58 ? -6.863  11.050  -14.169 1.00 58.67  ? 138 ALA A HB1  1 
ATOM   837 H HB2  . ALA A 1 58 ? -5.315  11.176  -13.837 1.00 58.67  ? 138 ALA A HB2  1 
ATOM   838 H HB3  . ALA A 1 58 ? -5.784  10.451  -15.170 1.00 58.67  ? 138 ALA A HB3  1 
ATOM   839 N N    . PRO A 1 59 ? -8.364  8.587   -13.881 1.00 47.30  ? 139 PRO A N    1 
ATOM   840 C CA   . PRO A 1 59 ? -9.375  7.799   -14.601 1.00 53.93  ? 139 PRO A CA   1 
ATOM   841 C C    . PRO A 1 59 ? -9.437  8.140   -16.089 1.00 52.68  ? 139 PRO A C    1 
ATOM   842 O O    . PRO A 1 59 ? -9.218  9.279   -16.499 1.00 61.08  ? 139 PRO A O    1 
ATOM   843 C CB   . PRO A 1 59 ? -10.685 8.159   -13.898 1.00 58.24  ? 139 PRO A CB   1 
ATOM   844 C CG   . PRO A 1 59 ? -10.276 8.791   -12.568 1.00 76.43  ? 139 PRO A CG   1 
ATOM   845 C CD   . PRO A 1 59 ? -8.964  9.472   -12.853 1.00 58.05  ? 139 PRO A CD   1 
ATOM   846 H HA   . PRO A 1 59 ? -9.187  6.852   -14.497 1.00 64.74  ? 139 PRO A HA   1 
ATOM   847 H HB2  . PRO A 1 59 ? -11.186 8.788   -14.439 1.00 69.91  ? 139 PRO A HB2  1 
ATOM   848 H HB3  . PRO A 1 59 ? -11.210 7.356   -13.750 1.00 69.91  ? 139 PRO A HB3  1 
ATOM   849 H HG2  . PRO A 1 59 ? -10.947 9.432   -12.287 1.00 91.74  ? 139 PRO A HG2  1 
ATOM   850 H HG3  . PRO A 1 59 ? -10.171 8.103   -11.893 1.00 91.74  ? 139 PRO A HG3  1 
ATOM   851 H HD2  . PRO A 1 59 ? -9.104  10.367  -13.201 1.00 69.68  ? 139 PRO A HD2  1 
ATOM   852 H HD3  . PRO A 1 59 ? -8.411  9.509   -12.057 1.00 69.68  ? 139 PRO A HD3  1 
ATOM   853 N N    . SER A 1 60 ? -9.744  7.125   -16.908 1.00 55.71  ? 140 SER A N    1 
ATOM   854 C CA   . SER A 1 60 ? -9.909  7.308   -18.352 1.00 60.49  ? 140 SER A CA   1 
ATOM   855 C C    . SER A 1 60 ? -11.190 8.084   -18.732 1.00 72.18  ? 140 SER A C    1 
ATOM   856 O O    . SER A 1 60 ? -12.281 7.796   -18.237 1.00 83.90  ? 140 SER A O    1 
ATOM   857 C CB   . SER A 1 60 ? -9.912  5.944   -19.041 1.00 61.85  ? 140 SER A CB   1 
ATOM   858 H H    . SER A 1 60 ? -9.860  6.313   -16.649 1.00 66.87  ? 140 SER A H    1 
ATOM   859 H HA   . SER A 1 60 ? -9.165  7.841   -18.672 1.00 72.61  ? 140 SER A HA   1 
HETATM 860 C C1   . PEG B 2 .  ? -4.752  -9.104  21.368  1.00 73.37  ? 301 PEG A C1   1 
HETATM 861 O O1   . PEG B 2 .  ? -4.284  -10.221 20.658  1.00 74.38  ? 301 PEG A O1   1 
HETATM 862 C C2   . PEG B 2 .  ? -3.952  -7.878  20.928  1.00 70.31  ? 301 PEG A C2   1 
HETATM 863 O O2   . PEG B 2 .  ? -4.673  -6.692  21.156  1.00 71.77  ? 301 PEG A O2   1 
HETATM 864 C C3   . PEG B 2 .  ? -5.625  -6.401  20.171  1.00 68.86  ? 301 PEG A C3   1 
HETATM 865 C C4   . PEG B 2 .  ? -6.208  -5.010  20.410  1.00 69.97  ? 301 PEG A C4   1 
HETATM 866 O O4   . PEG B 2 .  ? -7.174  -4.742  19.430  1.00 73.19  ? 301 PEG A O4   1 
HETATM 867 H H11  . PEG B 2 .  ? -5.805  -8.951  21.156  1.00 88.07  ? 301 PEG A H11  1 
HETATM 868 H H12  . PEG B 2 .  ? -4.618  -9.265  22.433  1.00 88.07  ? 301 PEG A H12  1 
HETATM 869 H HO1  . PEG B 2 .  ? -4.655  -10.999 21.042  1.00 89.28  ? 301 PEG A HO1  1 
HETATM 870 H H21  . PEG B 2 .  ? -3.732  -7.961  19.869  1.00 84.39  ? 301 PEG A H21  1 
HETATM 871 H H22  . PEG B 2 .  ? -3.023  -7.841  21.489  1.00 84.39  ? 301 PEG A H22  1 
HETATM 872 H H31  . PEG B 2 .  ? -5.154  -6.431  19.194  1.00 82.65  ? 301 PEG A H31  1 
HETATM 873 H H32  . PEG B 2 .  ? -6.422  -7.136  20.211  1.00 82.65  ? 301 PEG A H32  1 
HETATM 874 H H41  . PEG B 2 .  ? -6.666  -4.971  21.393  1.00 83.99  ? 301 PEG A H41  1 
HETATM 875 H H42  . PEG B 2 .  ? -5.416  -4.270  20.351  1.00 83.99  ? 301 PEG A H42  1 
HETATM 876 H HO4  . PEG B 2 .  ? -7.455  -3.843  19.525  1.00 87.84  ? 301 PEG A HO4  1 
HETATM 877 C C1   . PEG C 2 .  ? 3.044   13.823  -8.631  1.00 58.94  ? 302 PEG A C1   1 
HETATM 878 O O1   . PEG C 2 .  ? 1.724   13.446  -8.367  1.00 66.22  ? 302 PEG A O1   1 
HETATM 879 C C2   . PEG C 2 .  ? 4.002   12.631  -8.676  1.00 58.71  ? 302 PEG A C2   1 
HETATM 880 O O2   . PEG C 2 .  ? 4.664   12.581  -9.892  1.00 57.66  ? 302 PEG A O2   1 
HETATM 881 C C3   . PEG C 2 .  ? 5.973   12.122  -9.890  1.00 54.02  ? 302 PEG A C3   1 
HETATM 882 C C4   . PEG C 2 .  ? 6.918   13.309  -9.753  1.00 56.74  ? 302 PEG A C4   1 
HETATM 883 O O4   . PEG C 2 .  ? 7.986   13.166  -10.660 1.00 61.72  ? 302 PEG A O4   1 
HETATM 884 H H11  . PEG C 2 .  ? 3.076   14.329  -9.591  1.00 70.75  ? 302 PEG A H11  1 
HETATM 885 H H12  . PEG C 2 .  ? 3.373   14.503  -7.852  1.00 70.75  ? 302 PEG A H12  1 
HETATM 886 H HO1  . PEG C 2 .  ? 1.131   14.126  -8.629  1.00 79.48  ? 302 PEG A HO1  1 
HETATM 887 H H21  . PEG C 2 .  ? 4.731   12.729  -7.878  1.00 70.48  ? 302 PEG A H21  1 
HETATM 888 H H22  . PEG C 2 .  ? 3.438   11.714  -8.539  1.00 70.48  ? 302 PEG A H22  1 
HETATM 889 H H31  . PEG C 2 .  ? 6.177   11.599  -10.820 1.00 64.85  ? 302 PEG A H31  1 
HETATM 890 H H32  . PEG C 2 .  ? 6.119   11.443  -9.056  1.00 64.85  ? 302 PEG A H32  1 
HETATM 891 H H41  . PEG C 2 .  ? 6.380   14.226  -9.970  1.00 68.11  ? 302 PEG A H41  1 
HETATM 892 H H42  . PEG C 2 .  ? 7.307   13.348  -8.741  1.00 68.11  ? 302 PEG A H42  1 
HETATM 893 H HO4  . PEG C 2 .  ? 8.113   13.972  -11.136 1.00 74.08  ? 302 PEG A HO4  1 
HETATM 894 C C1   . PGE D 3 .  ? 4.238   -5.260  -0.989  0.50 50.85  ? 303 PGE A C1   1 
HETATM 895 O O1   . PGE D 3 .  ? 3.970   -6.577  -0.489  0.50 58.26  ? 303 PGE A O1   1 
HETATM 896 C C2   . PGE D 3 .  ? 2.967   -4.431  -1.104  0.50 42.98  ? 303 PGE A C2   1 
HETATM 897 O O2   . PGE D 3 .  ? 3.162   -3.304  -1.945  0.50 44.73  ? 303 PGE A O2   1 
HETATM 898 C C3   . PGE D 3 .  ? 2.915   -2.038  -1.387  0.50 43.44  ? 303 PGE A C3   1 
HETATM 899 C C4   . PGE D 3 .  ? 3.451   -0.949  -2.288  0.50 42.45  ? 303 PGE A C4   1 
HETATM 900 O O4   . PGE D 3 .  ? 7.782   0.522   -3.696  0.50 53.10  ? 303 PGE A O4   1 
HETATM 901 C C6   . PGE D 3 .  ? 6.960   -0.235  -2.796  0.50 49.06  ? 303 PGE A C6   1 
HETATM 902 C C5   . PGE D 3 .  ? 5.500   0.189   -2.821  0.50 45.47  ? 303 PGE A C5   1 
HETATM 903 O O3   . PGE D 3 .  ? 4.731   -0.540  -1.873  0.50 49.89  ? 303 PGE A O3   1 
HETATM 904 H H1   . PGE D 3 .  ? 4.939   -4.755  -0.321  0.50 61.04  ? 303 PGE A H1   1 
HETATM 905 H H12  . PGE D 3 .  ? 4.709   -5.335  -1.971  0.50 61.04  ? 303 PGE A H12  1 
HETATM 906 H HO1  . PGE D 3 .  ? 3.964   -7.206  -1.223  0.50 69.93  ? 303 PGE A HO1  1 
HETATM 907 H H2   . PGE D 3 .  ? 2.664   -4.094  -0.111  0.50 51.60  ? 303 PGE A H2   1 
HETATM 908 H H22  . PGE D 3 .  ? 2.164   -5.051  -1.507  0.50 51.60  ? 303 PGE A H22  1 
HETATM 909 H H3   . PGE D 3 .  ? 3.392   -1.971  -0.408  0.50 52.15  ? 303 PGE A H3   1 
HETATM 910 H H32  . PGE D 3 .  ? 1.840   -1.904  -1.249  0.50 52.15  ? 303 PGE A H32  1 
HETATM 911 H H4   . PGE D 3 .  ? 2.772   -0.093  -2.270  0.50 50.96  ? 303 PGE A H4   1 
HETATM 912 H H42  . PGE D 3 .  ? 3.501   -1.316  -3.314  0.50 50.96  ? 303 PGE A H42  1 
HETATM 913 H HO4  . PGE D 3 .  ? 8.710   0.289   -3.557  0.50 63.73  ? 303 PGE A HO4  1 
HETATM 914 H H6   . PGE D 3 .  ? 7.035   -1.298  -3.040  0.50 58.89  ? 303 PGE A H6   1 
HETATM 915 H H62  . PGE D 3 .  ? 7.339   -0.097  -1.782  0.50 58.89  ? 303 PGE A H62  1 
HETATM 916 H H5   . PGE D 3 .  ? 5.093   0.025   -3.821  0.50 54.58  ? 303 PGE A H5   1 
HETATM 917 H H52  . PGE D 3 .  ? 5.430   1.257   -2.603  0.50 54.58  ? 303 PGE A H52  1 
HETATM 918 S S    . SO4 E 4 .  ? 12.024  -6.593  -2.581  0.44 78.53  ? 304 SO4 A S    1 
HETATM 919 O O1   . SO4 E 4 .  ? 10.770  -7.125  -3.146  0.44 78.93  ? 304 SO4 A O1   1 
HETATM 920 O O2   . SO4 E 4 .  ? 12.994  -6.440  -3.675  0.44 79.85  ? 304 SO4 A O2   1 
HETATM 921 O O3   . SO4 E 4 .  ? 11.795  -5.279  -1.932  0.44 78.26  ? 304 SO4 A O3   1 
HETATM 922 O O4   . SO4 E 4 .  ? 12.547  -7.552  -1.591  0.44 80.86  ? 304 SO4 A O4   1 
HETATM 923 O O    . HOH F 5 .  ? -2.081  -12.664 10.091  1.00 43.91  ? 401 HOH A O    1 
HETATM 924 O O    . HOH F 5 .  ? 5.066   -6.720  -20.928 1.00 39.72  ? 402 HOH A O    1 
HETATM 925 O O    . HOH F 5 .  ? 5.713   -2.359  0.114   1.00 26.73  ? 403 HOH A O    1 
HETATM 926 O O    . HOH F 5 .  ? 3.504   -2.060  -17.568 1.00 39.05  ? 404 HOH A O    1 
HETATM 927 O O    . HOH F 5 .  ? 1.913   6.247   -0.280  1.00 39.65  ? 405 HOH A O    1 
HETATM 928 O O    . HOH F 5 .  ? -4.230  -1.501  20.740  1.00 49.75  ? 406 HOH A O    1 
HETATM 929 O O    . HOH F 5 .  ? 10.135  -4.792  5.389   1.00 35.60  ? 407 HOH A O    1 
HETATM 930 O O    . HOH F 5 .  ? 10.011  -6.307  8.504   1.00 53.26  ? 408 HOH A O    1 
HETATM 931 O O    . HOH F 5 .  ? 8.435   -4.506  -2.276  0.42 41.88  ? 409 HOH A O    1 
HETATM 932 O O    . HOH F 5 .  ? 1.023   -10.106 -15.127 1.00 24.39  ? 410 HOH A O    1 
HETATM 933 O O    . HOH F 5 .  ? -5.420  -2.706  -4.857  1.00 46.93  ? 411 HOH A O    1 
HETATM 934 O O    . HOH F 5 .  ? 6.654   -4.277  -13.910 1.00 32.67  ? 412 HOH A O    1 
HETATM 935 O O    . HOH F 5 .  ? 2.489   -11.825 4.760   1.00 42.41  ? 413 HOH A O    1 
HETATM 936 O O    . HOH F 5 .  ? -5.351  9.272   -8.572  1.00 60.72  ? 414 HOH A O    1 
HETATM 937 O O    . HOH F 5 .  ? 4.109   -8.313  -9.259  1.00 33.45  ? 415 HOH A O    1 
HETATM 938 O O    . HOH F 5 .  ? -3.704  -12.071 13.642  1.00 51.71  ? 416 HOH A O    1 
HETATM 939 O O    . HOH F 5 .  ? -5.610  8.432   -4.871  1.00 66.41  ? 417 HOH A O    1 
HETATM 940 O O    . HOH F 5 .  ? 1.178   -12.032 7.289   1.00 39.70  ? 418 HOH A O    1 
HETATM 941 O O    . HOH F 5 .  ? 4.621   -9.359  12.508  1.00 44.95  ? 419 HOH A O    1 
HETATM 942 O O    . HOH F 5 .  ? -4.025  11.997  -9.883  1.00 58.29  ? 420 HOH A O    1 
HETATM 943 O O    . HOH F 5 .  ? -3.730  0.041   -24.255 1.00 47.99  ? 421 HOH A O    1 
HETATM 944 O O    . HOH F 5 .  ? 5.538   -6.542  -12.443 1.00 40.83  ? 422 HOH A O    1 
HETATM 945 O O    . HOH F 5 .  ? -9.284  8.104   -8.678  1.00 62.70  ? 423 HOH A O    1 
# 
loop_
_atom_site_anisotrop.id 
_atom_site_anisotrop.type_symbol 
_atom_site_anisotrop.pdbx_label_atom_id 
_atom_site_anisotrop.pdbx_label_alt_id 
_atom_site_anisotrop.pdbx_label_comp_id 
_atom_site_anisotrop.pdbx_label_asym_id 
_atom_site_anisotrop.pdbx_label_seq_id 
_atom_site_anisotrop.pdbx_PDB_ins_code 
_atom_site_anisotrop.U[1][1] 
_atom_site_anisotrop.U[2][2] 
_atom_site_anisotrop.U[3][3] 
_atom_site_anisotrop.U[1][2] 
_atom_site_anisotrop.U[1][3] 
_atom_site_anisotrop.U[2][3] 
_atom_site_anisotrop.pdbx_auth_seq_id 
_atom_site_anisotrop.pdbx_auth_comp_id 
_atom_site_anisotrop.pdbx_auth_asym_id 
_atom_site_anisotrop.pdbx_auth_atom_id 
1   N N   . THR A 4  ? 0.7090 1.2078 0.9669 0.0648  0.0694  -0.1358 84  THR A N   
2   C CA  . THR A 4  ? 0.5982 1.0399 0.8615 0.0730  0.0740  -0.1277 84  THR A CA  
3   C C   . THR A 4  ? 0.7645 1.1951 1.0145 0.0530  0.0720  -0.1302 84  THR A C   
4   O O   . THR A 4  ? 0.6593 1.0526 0.9077 0.0554  0.0739  -0.1219 84  THR A O   
5   C CB  . THR A 4  ? 0.6623 1.0795 0.9359 0.0867  0.0783  -0.1296 84  THR A CB  
7   N N   . THR A 5  ? 0.6166 1.0790 0.8553 0.0333  0.0685  -0.1407 85  THR A N   
8   C CA  . THR A 5  ? 0.4997 0.9547 0.7232 0.0118  0.0674  -0.1431 85  THR A CA  
9   C C   . THR A 5  ? 0.7083 1.2027 0.9138 -0.0127 0.0636  -0.1432 85  THR A C   
10  O O   . THR A 5  ? 0.5537 1.0918 0.7544 -0.0194 0.0607  -0.1475 85  THR A O   
11  C CB  . THR A 5  ? 0.5437 1.0023 0.7636 0.0051  0.0673  -0.1530 85  THR A CB  
12  O OG1 . THR A 5  ? 0.4795 0.9019 0.7138 0.0251  0.0702  -0.1525 85  THR A OG1 
13  C CG2 . THR A 5  ? 0.6023 1.0530 0.8043 -0.0176 0.0669  -0.1547 85  THR A CG2 
21  N N   . PHE A 6  ? 0.3081 0.7871 0.5011 -0.0280 0.0636  -0.1382 86  PHE A N   
22  C CA  . PHE A 6  ? 0.2525 0.7605 0.4226 -0.0576 0.0598  -0.1359 86  PHE A CA  
23  C C   . PHE A 6  ? 0.2430 0.7403 0.3899 -0.0849 0.0600  -0.1371 86  PHE A C   
24  O O   . PHE A 6  ? 0.2847 0.7484 0.4348 -0.0795 0.0635  -0.1393 86  PHE A O   
25  C CB  . PHE A 6  ? 0.2567 0.7526 0.4257 -0.0574 0.0591  -0.1274 86  PHE A CB  
26  C CG  . PHE A 6  ? 0.2912 0.7999 0.4775 -0.0331 0.0585  -0.1244 86  PHE A CG  
27  C CD1 . PHE A 6  ? 0.2657 0.7408 0.4734 -0.0012 0.0626  -0.1212 86  PHE A CD1 
28  C CD2 . PHE A 6  ? 0.3569 0.9086 0.5350 -0.0429 0.0538  -0.1235 86  PHE A CD2 
29  C CE1 . PHE A 6  ? 0.4045 0.8871 0.6249 0.0203  0.0626  -0.1164 86  PHE A CE1 
30  C CE2 . PHE A 6  ? 0.2806 0.8451 0.4732 -0.0195 0.0534  -0.1208 86  PHE A CE2 
31  C CZ  . PHE A 6  ? 0.3980 0.9254 0.6112 0.0121  0.0580  -0.1166 86  PHE A CZ  
41  N N   . VAL A 7  ? 0.2739 0.7967 0.3945 -0.1153 0.0560  -0.1343 87  VAL A N   
42  C CA  . VAL A 7  ? 0.2906 0.7982 0.3813 -0.1447 0.0555  -0.1316 87  VAL A CA  
43  C C   . VAL A 7  ? 0.3315 0.8218 0.3937 -0.1723 0.0513  -0.1206 87  VAL A C   
44  O O   . VAL A 7  ? 0.3095 0.8239 0.3662 -0.1802 0.0472  -0.1172 87  VAL A O   
45  C CB  . VAL A 7  ? 0.2819 0.8249 0.3595 -0.1575 0.0543  -0.1359 87  VAL A CB  
46  C CG1 . VAL A 7  ? 0.4342 1.0217 0.5098 -0.1618 0.0510  -0.1359 87  VAL A CG1 
47  C CG2 . VAL A 7  ? 0.3818 0.9049 0.4234 -0.1885 0.0539  -0.1301 87  VAL A CG2 
57  N N   . ALA A 8  ? 0.3246 0.7693 0.3664 -0.1871 0.0515  -0.1153 88  ALA A N   
58  C CA  . ALA A 8  ? 0.3570 0.7703 0.3632 -0.2150 0.0448  -0.1040 88  ALA A CA  
59  C C   . ALA A 8  ? 0.3873 0.8126 0.3566 -0.2452 0.0409  -0.0978 88  ALA A C   
60  O O   . ALA A 8  ? 0.3751 0.8044 0.3297 -0.2554 0.0433  -0.0983 88  ALA A O   
61  C CB  . ALA A 8  ? 0.3165 0.6628 0.3006 -0.2194 0.0435  -0.0987 88  ALA A CB  
67  N N   . LEU A 9  ? 0.4078 0.8379 0.3609 -0.2602 0.0352  -0.0914 89  LEU A N   
68  C CA  . LEU A 9  ? 0.3923 0.8318 0.3102 -0.2899 0.0330  -0.0842 89  LEU A CA  
69  C C   . LEU A 9  ? 0.4957 0.8685 0.3669 -0.3146 0.0286  -0.0715 89  LEU A C   
70  O O   . LEU A 9  ? 0.5013 0.8695 0.3396 -0.3396 0.0283  -0.0643 89  LEU A O   
71  C CB  . LEU A 9  ? 0.4340 0.9096 0.3560 -0.2943 0.0296  -0.0835 89  LEU A CB  
72  C CG  . LEU A 9  ? 0.4697 1.0057 0.4339 -0.2665 0.0324  -0.0945 89  LEU A CG  
73  C CD1 . LEU A 9  ? 0.5504 1.1119 0.5165 -0.2689 0.0279  -0.0924 89  LEU A CD1 
74  C CD2 . LEU A 9  ? 0.5946 1.1751 0.5608 -0.2679 0.0362  -0.1004 89  LEU A CD2 
86  N N   . TYR A 10 ? 0.4432 0.7617 0.3090 -0.3064 0.0244  -0.0686 90  TYR A N   
87  C CA  . TYR A 10 ? 0.4661 0.7118 0.2837 -0.3238 0.0185  -0.0563 90  TYR A CA  
88  C C   . TYR A 10 ? 0.5164 0.7067 0.3305 -0.3068 0.0173  -0.0571 90  TYR A C   
89  O O   . TYR A 10 ? 0.5116 0.7178 0.3623 -0.2832 0.0195  -0.0672 90  TYR A O   
90  C CB  . TYR A 10 ? 0.5252 0.7491 0.3254 -0.3318 0.0102  -0.0503 90  TYR A CB  
91  C CG  . TYR A 10 ? 0.5031 0.7860 0.3123 -0.3449 0.0107  -0.0515 90  TYR A CG  
92  C CD1 . TYR A 10 ? 0.5327 0.8182 0.3106 -0.3734 0.0112  -0.0441 90  TYR A CD1 
93  C CD2 . TYR A 10 ? 0.4973 0.8362 0.3460 -0.3279 0.0113  -0.0604 90  TYR A CD2 
94  C CE1 . TYR A 10 ? 0.5419 0.8812 0.3253 -0.3862 0.0118  -0.0455 90  TYR A CE1 
95  C CE2 . TYR A 10 ? 0.5720 0.9651 0.4263 -0.3384 0.0119  -0.0616 90  TYR A CE2 
96  C CZ  . TYR A 10 ? 0.5387 0.9323 0.3602 -0.3683 0.0124  -0.0543 90  TYR A CZ  
97  O OH  . TYR A 10 ? 0.5351 0.9849 0.3603 -0.3803 0.0135  -0.0562 90  TYR A OH  
107 N N   . ASP A 11 ? 0.5438 0.6669 0.3121 -0.3176 0.0138  -0.0462 91  ASP A N   
108 C CA  . ASP A 11 ? 0.5190 0.5802 0.2758 -0.2982 0.0110  -0.0458 91  ASP A CA  
109 C C   . ASP A 11 ? 0.5325 0.5667 0.2874 -0.2852 0.0030  -0.0456 91  ASP A C   
110 O O   . ASP A 11 ? 0.5736 0.6107 0.3168 -0.2975 -0.0025 -0.0408 91  ASP A O   
111 C CB  . ASP A 11 ? 0.6098 0.6043 0.3152 -0.3090 0.0087  -0.0328 91  ASP A CB  
112 C CG  . ASP A 11 ? 0.8911 0.9022 0.5902 -0.3210 0.0157  -0.0322 91  ASP A CG  
113 O OD1 . ASP A 11 ? 0.6766 0.7473 0.4109 -0.3184 0.0230  -0.0425 91  ASP A OD1 
114 O OD2 . ASP A 11 ? 0.9119 0.8725 0.5643 -0.3346 0.0131  -0.0200 91  ASP A OD2 
119 N N   . TYR A 12 ? 0.5329 0.5384 0.2995 -0.2546 0.0041  -0.0487 92  TYR A N   
120 C CA  . TYR A 12 ? 0.5023 0.4681 0.2608 -0.2337 -0.0015 -0.0440 92  TYR A CA  
121 C C   . TYR A 12 ? 0.5752 0.4769 0.3152 -0.2095 -0.0012 -0.0393 92  TYR A C   
122 O O   . TYR A 12 ? 0.5418 0.4537 0.3092 -0.1889 0.0072  -0.0436 92  TYR A O   
123 C CB  . TYR A 12 ? 0.4477 0.4645 0.2582 -0.2080 0.0033  -0.0494 92  TYR A CB  
124 C CG  . TYR A 12 ? 0.4831 0.4629 0.2875 -0.1844 -0.0014 -0.0438 92  TYR A CG  
125 C CD1 . TYR A 12 ? 0.5695 0.5348 0.3450 -0.1996 -0.0119 -0.0397 92  TYR A CD1 
126 C CD2 . TYR A 12 ? 0.4434 0.3992 0.2665 -0.1487 0.0035  -0.0422 92  TYR A CD2 
127 C CE1 . TYR A 12 ? 0.5072 0.4393 0.2748 -0.1775 -0.0167 -0.0347 92  TYR A CE1 
128 C CE2 . TYR A 12 ? 0.4526 0.3758 0.2673 -0.1282 -0.0011 -0.0358 92  TYR A CE2 
129 C CZ  . TYR A 12 ? 0.4659 0.3778 0.2529 -0.1416 -0.0112 -0.0321 92  TYR A CZ  
130 O OH  . TYR A 12 ? 0.4887 0.3703 0.2670 -0.1197 -0.0157 -0.0261 92  TYR A OH  
140 N N   . GLU A 13 ? 0.7200 0.5245 0.4802 -0.2090 -0.0208 -0.1051 93  GLU A N   
141 C CA  . GLU A 13 ? 0.6040 0.3610 0.3663 -0.1666 -0.0158 -0.1026 93  GLU A CA  
142 C C   . GLU A 13 ? 0.6803 0.4509 0.4535 -0.1346 -0.0038 -0.1181 93  GLU A C   
143 O O   . GLU A 13 ? 0.6697 0.4217 0.4138 -0.1460 -0.0036 -0.1346 93  GLU A O   
144 C CB  . GLU A 13 ? 0.7840 0.4396 0.4965 -0.1726 -0.0257 -0.0978 93  GLU A CB  
147 N N   . SER A 14 ? 0.6189 0.4252 0.4319 -0.0987 0.0038  -0.1093 94  SER A N   
148 C CA  . SER A 14 ? 0.5396 0.3786 0.3709 -0.0710 0.0140  -0.1167 94  SER A CA  
149 C C   . SER A 14 ? 0.6912 0.4689 0.4814 -0.0476 0.0221  -0.1294 94  SER A C   
150 O O   . SER A 14 ? 0.7807 0.4895 0.5426 -0.0333 0.0219  -0.1257 94  SER A O   
151 C CB  . SER A 14 ? 0.6628 0.5529 0.5436 -0.0453 0.0151  -0.0968 94  SER A CB  
152 O OG  . SER A 14 ? 0.7873 0.6466 0.6670 -0.0255 0.0144  -0.0781 94  SER A OG  
158 N N   . ARG A 15 ? 0.5687 0.3688 0.3506 -0.0451 0.0286  -0.1451 95  ARG A N   
159 C CA  . ARG A 15 ? 0.6436 0.3902 0.3775 -0.0215 0.0391  -0.1640 95  ARG A CA  
160 C C   . ARG A 15 ? 0.6318 0.4332 0.3928 0.0211  0.0547  -0.1587 95  ARG A C   
161 O O   . ARG A 15 ? 0.7014 0.4626 0.4219 0.0534  0.0688  -0.1741 95  ARG A O   
162 C CB  . ARG A 15 ? 0.7113 0.4274 0.3928 -0.0595 0.0325  -0.1882 95  ARG A CB  
163 C CG  . ARG A 15 ? 0.8288 0.5109 0.4889 -0.1100 0.0145  -0.1858 95  ARG A CG  
164 C CD  . ARG A 15 ? 1.0202 0.7111 0.6601 -0.1382 0.0047  -0.1910 95  ARG A CD  
165 N NE  . ARG A 15 ? 0.9002 0.6839 0.5787 -0.1538 0.0044  -0.1841 95  ARG A NE  
166 C CZ  . ARG A 15 ? 1.0328 0.8608 0.7247 -0.1907 -0.0060 -0.1704 95  ARG A CZ  
167 N NH1 . ARG A 15 ? 0.7317 0.5255 0.3978 -0.2230 -0.0184 -0.1611 95  ARG A NH1 
168 N NH2 . ARG A 15 ? 0.9467 0.8577 0.6772 -0.1956 -0.0032 -0.1633 95  ARG A NH2 
182 N N   . THR A 16 ? 0.5838 0.4683 0.4087 0.0262  0.0523  -0.1349 96  THR A N   
183 C CA  . THR A 16 ? 0.5052 0.4569 0.3623 0.0583  0.0626  -0.1211 96  THR A CA  
184 C C   . THR A 16 ? 0.4436 0.4475 0.3615 0.0645  0.0540  -0.0871 96  THR A C   
185 O O   . THR A 16 ? 0.6158 0.5973 0.5413 0.0469  0.0430  -0.0801 96  THR A O   
186 C CB  . THR A 16 ? 0.4891 0.4977 0.3540 0.0408  0.0614  -0.1279 96  THR A CB  
187 O OG1 . THR A 16 ? 0.4782 0.5358 0.3898 0.0128  0.0463  -0.1144 96  THR A OG1 
188 C CG2 . THR A 16 ? 0.5736 0.5302 0.3729 0.0171  0.0627  -0.1609 96  THR A CG2 
196 N N   . GLU A 17 ? 0.4892 0.5612 0.4430 0.0874  0.0583  -0.0648 97  GLU A N   
197 C CA  . GLU A 17 ? 0.4436 0.5691 0.4517 0.0837  0.0444  -0.0301 97  GLU A CA  
198 C C   . GLU A 17 ? 0.3901 0.5423 0.4254 0.0479  0.0262  -0.0290 97  GLU A C   
199 O O   . GLU A 17 ? 0.3193 0.5000 0.3896 0.0387  0.0107  -0.0049 97  GLU A O   
200 C CB  . GLU A 17 ? 0.4266 0.6274 0.4662 0.1148  0.0520  -0.0002 97  GLU A CB  
201 C CG  . GLU A 17 ? 0.7720 0.9597 0.7856 0.1643  0.0768  -0.0021 97  GLU A CG  
202 C CD  . GLU A 17 ? 0.9142 1.0640 0.9291 0.1831  0.0773  0.0131  97  GLU A CD  
203 O OE1 . GLU A 17 ? 1.0699 1.2817 1.1300 0.1962  0.0721  0.0552  97  GLU A OE1 
204 O OE2 . GLU A 17 ? 1.2044 1.2649 1.1759 0.1799  0.0795  -0.0128 97  GLU A OE2 
211 N N   . THR A 18 ? 0.2872 0.4352 0.3084 0.0295  0.0265  -0.0513 98  THR A N   
212 C CA  . THR A 18 ? 0.2428 0.4213 0.2952 0.0062  0.0116  -0.0472 98  THR A CA  
213 C C   . THR A 18 ? 0.2443 0.3887 0.2821 -0.0179 0.0077  -0.0681 98  THR A C   
214 O O   . THR A 18 ? 0.2186 0.3817 0.2823 -0.0304 -0.0032 -0.0658 98  THR A O   
215 C CB  . THR A 18 ? 0.2401 0.4688 0.3047 0.0057  0.0127  -0.0437 98  THR A CB  
216 O OG1 . THR A 18 ? 0.2964 0.4996 0.3161 0.0007  0.0251  -0.0709 98  THR A OG1 
217 C CG2 . THR A 18 ? 0.2191 0.5058 0.3072 0.0263  0.0147  -0.0155 98  THR A CG2 
225 N N   . ASP A 19 ? 0.2903 0.3851 0.2863 -0.0249 0.0155  -0.0872 99  ASP A N   
226 C CA  . ASP A 19 ? 0.2896 0.3670 0.2734 -0.0505 0.0119  -0.1009 99  ASP A CA  
227 C C   . ASP A 19 ? 0.3234 0.3834 0.3119 -0.0536 0.0059  -0.0935 99  ASP A C   
228 O O   . ASP A 19 ? 0.3169 0.3718 0.3139 -0.0385 0.0033  -0.0772 99  ASP A O   
229 C CB  . ASP A 19 ? 0.3434 0.3836 0.2802 -0.0686 0.0169  -0.1195 99  ASP A CB  
230 C CG  . ASP A 19 ? 0.6534 0.6350 0.5496 -0.0562 0.0231  -0.1249 99  ASP A CG  
231 O OD1 . ASP A 19 ? 0.6940 0.6740 0.6039 -0.0268 0.0270  -0.1115 99  ASP A OD1 
232 O OD2 . ASP A 19 ? 0.5284 0.4719 0.3796 -0.0769 0.0229  -0.1416 99  ASP A OD2 
237 N N   . LEU A 20 ? 0.2803 0.3449 0.2673 -0.0732 0.0030  -0.1027 100 LEU A N   
238 C CA  . LEU A 20 ? 0.2829 0.3361 0.2660 -0.0814 -0.0022 -0.0999 100 LEU A CA  
239 C C   . LEU A 20 ? 0.3420 0.3670 0.2894 -0.1022 0.0007  -0.1055 100 LEU A C   
240 O O   . LEU A 20 ? 0.3769 0.4145 0.3132 -0.1201 0.0042  -0.1157 100 LEU A O   
241 C CB  . LEU A 20 ? 0.2612 0.3434 0.2644 -0.0843 -0.0055 -0.1076 100 LEU A CB  
242 C CG  . LEU A 20 ? 0.2829 0.3578 0.2705 -0.0957 -0.0078 -0.1129 100 LEU A CG  
243 C CD1 . LEU A 20 ? 0.2937 0.3487 0.2807 -0.0931 -0.0194 -0.0968 100 LEU A CD1 
244 C CD2 . LEU A 20 ? 0.3291 0.4246 0.3288 -0.0904 -0.0070 -0.1272 100 LEU A CD2 
257 N N   . SER A 21 ? 0.3679 0.3590 0.2992 -0.1024 -0.0031 -0.0935 101 SER A N   
258 C CA  . SER A 21 ? 0.3824 0.3482 0.2826 -0.1270 -0.0055 -0.0921 101 SER A CA  
259 C C   . SER A 21 ? 0.3897 0.3902 0.2913 -0.1454 -0.0071 -0.0949 101 SER A C   
260 O O   . SER A 21 ? 0.4085 0.4257 0.3248 -0.1372 -0.0107 -0.0933 101 SER A O   
261 C CB  . SER A 21 ? 0.5107 0.4340 0.4000 -0.1179 -0.0107 -0.0724 101 SER A CB  
262 O OG  . SER A 21 ? 0.5478 0.4345 0.4283 -0.0945 -0.0052 -0.0736 101 SER A OG  
268 N N   . PHE A 22 ? 0.4099 0.4183 0.2895 -0.1733 -0.0062 -0.0973 102 PHE A N   
269 C CA  . PHE A 22 ? 0.4042 0.4538 0.2796 -0.1886 -0.0039 -0.1002 102 PHE A CA  
270 C C   . PHE A 22 ? 0.4502 0.5033 0.2973 -0.2244 -0.0071 -0.0895 102 PHE A C   
271 O O   . PHE A 22 ? 0.4695 0.4917 0.3001 -0.2403 -0.0123 -0.0834 102 PHE A O   
272 C CB  . PHE A 22 ? 0.3877 0.4904 0.2847 -0.1773 0.0067  -0.1184 102 PHE A CB  
273 C CG  . PHE A 22 ? 0.4115 0.5385 0.3171 -0.1836 0.0116  -0.1215 102 PHE A CG  
274 C CD1 . PHE A 22 ? 0.4220 0.5858 0.3140 -0.2131 0.0138  -0.1157 102 PHE A CD1 
275 C CD2 . PHE A 22 ? 0.3812 0.5053 0.3097 -0.1636 0.0122  -0.1262 102 PHE A CD2 
276 C CE1 . PHE A 22 ? 0.3887 0.5803 0.2905 -0.2212 0.0156  -0.1134 102 PHE A CE1 
277 C CE2 . PHE A 22 ? 0.3383 0.4901 0.2744 -0.1717 0.0144  -0.1269 102 PHE A CE2 
278 C CZ  . PHE A 22 ? 0.4005 0.5846 0.3230 -0.2010 0.0155  -0.1207 102 PHE A CZ  
288 N N   . LYS A 23 ? 0.4535 0.5450 0.2904 -0.2397 -0.0053 -0.0870 103 LYS A N   
289 C CA  . LYS A 23 ? 0.5279 0.6366 0.3397 -0.2781 -0.0099 -0.0699 103 LYS A CA  
290 C C   . LYS A 23 ? 0.5511 0.7444 0.3685 -0.2872 0.0041  -0.0779 103 LYS A C   
291 O O   . LYS A 23 ? 0.4833 0.7157 0.3182 -0.2605 0.0176  -0.0995 103 LYS A O   
292 C CB  . LYS A 23 ? 0.4996 0.5980 0.2916 -0.2943 -0.0196 -0.0520 103 LYS A CB  
293 C CG  . LYS A 23 ? 0.6863 0.7125 0.4780 -0.2820 -0.0330 -0.0351 103 LYS A CG  
294 C CD  . LYS A 23 ? 0.7950 0.7573 0.5722 -0.2930 -0.0434 -0.0210 103 LYS A CD  
295 C CE  . LYS A 23 ? 1.1098 1.0077 0.8821 -0.2830 -0.0564 0.0040  103 LYS A CE  
296 N NZ  . LYS A 23 ? 1.2670 1.0841 1.0139 -0.2933 -0.0682 0.0163  103 LYS A NZ  
310 N N   . LYS A 24 ? 0.5321 0.7497 0.3360 -0.3202 0.0011  -0.0577 104 LYS A N   
311 C CA  . LYS A 24 ? 0.4783 0.7969 0.2884 -0.3351 0.0136  -0.0580 104 LYS A CA  
312 C C   . LYS A 24 ? 0.6016 0.9724 0.4071 -0.3201 0.0276  -0.0732 104 LYS A C   
313 O O   . LYS A 24 ? 0.5735 0.9187 0.3556 -0.3306 0.0199  -0.0664 104 LYS A O   
314 C CB  . LYS A 24 ? 0.5730 0.9023 0.3560 -0.3760 0.0029  -0.0235 104 LYS A CB  
315 C CG  . LYS A 24 ? 0.6619 1.1047 0.4459 -0.3909 0.0101  -0.0161 104 LYS A CG  
316 C CD  . LYS A 24 ? 0.7477 1.1803 0.4979 -0.4294 -0.0117 0.0205  104 LYS A CD  
317 C CE  . LYS A 24 ? 0.7071 1.2555 0.4675 -0.4419 -0.0157 0.0320  104 LYS A CE  
318 N NZ  . LYS A 24 ? 0.6012 1.2166 0.3680 -0.4483 -0.0156 0.0331  104 LYS A NZ  
332 N N   . GLY A 25 ? 0.4534 0.8894 0.2787 -0.2901 0.0488  -0.0935 105 GLY A N   
333 C CA  . GLY A 25 ? 0.4653 0.9276 0.2893 -0.2627 0.0623  -0.1123 105 GLY A CA  
334 C C   . GLY A 25 ? 0.4568 0.8602 0.2825 -0.2219 0.0650  -0.1419 105 GLY A C   
335 O O   . GLY A 25 ? 0.4940 0.9093 0.3131 -0.1956 0.0760  -0.1619 105 GLY A O   
339 N N   . GLU A 26 ? 0.5088 0.8453 0.3416 -0.2164 0.0521  -0.1438 106 GLU A N   
340 C CA  . GLU A 26 ? 0.4303 0.7125 0.2680 -0.1850 0.0482  -0.1640 106 GLU A CA  
341 C C   . GLU A 26 ? 0.4945 0.8032 0.3549 -0.1463 0.0639  -0.1884 106 GLU A C   
342 O O   . GLU A 26 ? 0.4024 0.7567 0.2915 -0.1401 0.0730  -0.1826 106 GLU A O   
343 C CB  . GLU A 26 ? 0.4901 0.7044 0.3431 -0.1840 0.0301  -0.1521 106 GLU A CB  
344 C CG  . GLU A 26 ? 0.5391 0.7140 0.3723 -0.2062 0.0145  -0.1319 106 GLU A CG  
345 C CD  . GLU A 26 ? 0.4120 0.5302 0.2644 -0.1933 0.0010  -0.1208 106 GLU A CD  
346 O OE1 . GLU A 26 ? 0.4448 0.5464 0.3172 -0.1691 -0.0016 -0.1306 106 GLU A OE1 
347 O OE2 . GLU A 26 ? 0.5596 0.6501 0.4034 -0.2089 -0.0087 -0.0981 106 GLU A OE2 
354 N N   . ARG A 27 ? 0.4492 0.7229 0.3007 -0.1197 0.0641  -0.2094 107 ARG A N   
355 C CA  . ARG A 27 ? 0.4579 0.7352 0.3282 -0.0780 0.0754  -0.2328 107 ARG A CA  
356 C C   . ARG A 27 ? 0.4417 0.6590 0.3356 -0.0667 0.0582  -0.2328 107 ARG A C   
357 O O   . ARG A 27 ? 0.4405 0.6002 0.3191 -0.0798 0.0389  -0.2282 107 ARG A O   
358 C CB  . ARG A 27 ? 0.5371 0.7971 0.3739 -0.0565 0.0830  -0.2549 107 ARG A CB  
359 C CG  . ARG A 27 ? 0.5845 0.9047 0.3980 -0.0739 0.0957  -0.2467 107 ARG A CG  
360 C CD  . ARG A 27 ? 0.7088 1.0121 0.4811 -0.0474 0.1070  -0.2733 107 ARG A CD  
361 N NE  . ARG A 27 ? 0.8235 1.1508 0.6106 0.0008  0.1288  -0.2913 107 ARG A NE  
362 C CZ  . ARG A 27 ? 1.1622 1.4229 0.9327 0.0394  0.1311  -0.3192 107 ARG A CZ  
363 N NH1 . ARG A 27 ? 1.1054 1.2699 0.8400 0.0315  0.1094  -0.3327 107 ARG A NH1 
364 N NH2 . ARG A 27 ? 1.0756 1.3646 0.8662 0.0853  0.1533  -0.3298 107 ARG A NH2 
378 N N   . LEU A 28 ? 0.4071 0.6460 0.3438 -0.0449 0.0629  -0.2285 108 LEU A N   
379 C CA  . LEU A 28 ? 0.3775 0.5763 0.3463 -0.0380 0.0460  -0.2170 108 LEU A CA  
380 C C   . LEU A 28 ? 0.4224 0.6187 0.4172 0.0016  0.0504  -0.2303 108 LEU A C   
381 O O   . LEU A 28 ? 0.5017 0.7518 0.5084 0.0244  0.0706  -0.2384 108 LEU A O   
382 C CB  . LEU A 28 ? 0.3778 0.6033 0.3709 -0.0572 0.0431  -0.1927 108 LEU A CB  
383 C CG  . LEU A 28 ? 0.3279 0.5554 0.2954 -0.0926 0.0408  -0.1792 108 LEU A CG  
384 C CD1 . LEU A 28 ? 0.3748 0.6344 0.3561 -0.1117 0.0417  -0.1617 108 LEU A CD1 
385 C CD2 . LEU A 28 ? 0.5982 0.7662 0.5535 -0.1026 0.0237  -0.1698 108 LEU A CD2 
397 N N   . GLN A 29 ? 0.4497 0.5836 0.4517 0.0114  0.0309  -0.2307 109 GLN A N   
398 C CA  . GLN A 29 ? 0.4719 0.5936 0.5045 0.0469  0.0294  -0.2356 109 GLN A CA  
399 C C   . GLN A 29 ? 0.3769 0.5054 0.4551 0.0410  0.0139  -0.2067 109 GLN A C   
400 O O   . GLN A 29 ? 0.3575 0.4667 0.4333 0.0151  -0.0019 -0.1896 109 GLN A O   
401 C CB  . GLN A 29 ? 0.6553 0.6933 0.6544 0.0614  0.0159  -0.2590 109 GLN A CB  
402 C CG  . GLN A 29 ? 0.8559 0.9030 0.8222 0.0921  0.0408  -0.2942 109 GLN A CG  
403 C CD  . GLN A 29 ? 0.9051 0.8576 0.8169 0.1034  0.0290  -0.3268 109 GLN A CD  
404 O OE1 . GLN A 29 ? 0.8703 0.7495 0.7723 0.0835  -0.0023 -0.3185 109 GLN A OE1 
405 N NE2 . GLN A 29 ? 0.9641 0.9175 0.8379 0.1300  0.0528  -0.3516 109 GLN A NE2 
414 N N   . ILE A 30 ? 0.6796 0.5858 0.5095 0.1751  -0.1343 -0.2517 110 ILE A N   
415 C CA  . ILE A 30 ? 0.6696 0.5358 0.4854 0.1656  -0.1338 -0.2374 110 ILE A CA  
416 C C   . ILE A 30 ? 0.7291 0.5325 0.5045 0.1391  -0.1440 -0.2347 110 ILE A C   
417 O O   . ILE A 30 ? 0.8214 0.5757 0.5595 0.1416  -0.1593 -0.2505 110 ILE A O   
418 C CB  . ILE A 30 ? 0.8364 0.6760 0.6420 0.1952  -0.1413 -0.2439 110 ILE A CB  
419 C CG1 . ILE A 30 ? 1.0969 1.0017 0.9394 0.2172  -0.1328 -0.2448 110 ILE A CG1 
420 C CG2 . ILE A 30 ? 1.0167 0.8165 0.8092 0.1849  -0.1402 -0.2286 110 ILE A CG2 
421 C CD1 . ILE A 30 ? 1.0028 0.9693 0.8822 0.2012  -0.1139 -0.2287 110 ILE A CD1 
434 N N   . VAL A 31 ? 0.7521 0.5537 0.5302 0.1146  -0.1360 -0.2145 111 VAL A N   
435 C CA  . VAL A 31 ? 0.8465 0.5979 0.5891 0.0830  -0.1441 -0.2066 111 VAL A CA  
436 C C   . VAL A 31 ? 1.0946 0.7785 0.8071 0.0913  -0.1533 -0.2058 111 VAL A C   
437 O O   . VAL A 31 ? 1.0536 0.7503 0.7841 0.0964  -0.1437 -0.1923 111 VAL A O   
438 C CB  . VAL A 31 ? 0.8099 0.6106 0.5750 0.0525  -0.1286 -0.1825 111 VAL A CB  
439 C CG1 . VAL A 31 ? 1.0187 0.7683 0.7457 0.0188  -0.1377 -0.1714 111 VAL A CG1 
440 C CG2 . VAL A 31 ? 0.7041 0.5722 0.4974 0.0449  -0.1193 -0.1825 111 VAL A CG2 
450 N N   . ASN A 32 ? 1.2087 0.8172 0.8719 0.0946  -0.1720 -0.2204 112 ASN A N   
451 C CA  . ASN A 32 ? 1.1796 0.7184 0.8089 0.1013  -0.1819 -0.2196 112 ASN A CA  
452 C C   . ASN A 32 ? 1.2398 0.7572 0.8538 0.0613  -0.1806 -0.1998 112 ASN A C   
453 O O   . ASN A 32 ? 1.3341 0.8534 0.9345 0.0284  -0.1832 -0.1951 112 ASN A O   
454 C CB  . ASN A 32 ? 1.2054 0.6806 0.7910 0.1187  -0.1975 -0.2346 112 ASN A CB  
457 N N   . ASN A 33 ? 1.2740 0.7800 0.8934 0.0630  -0.1758 -0.1864 113 ASN A N   
458 C CA  . ASN A 33 ? 1.0568 0.5451 0.6619 0.0278  -0.1743 -0.1663 113 ASN A CA  
459 C C   . ASN A 33 ? 1.1860 0.6219 0.7731 0.0376  -0.1783 -0.1613 113 ASN A C   
460 O O   . ASN A 33 ? 1.1701 0.5883 0.7582 0.0712  -0.1814 -0.1722 113 ASN A O   
461 C CB  . ASN A 33 ? 0.9756 0.5466 0.6248 0.0100  -0.1540 -0.1442 113 ASN A CB  
462 C CG  . ASN A 33 ? 1.0693 0.6792 0.7553 0.0334  -0.1381 -0.1345 113 ASN A CG  
463 O OD1 . ASN A 33 ? 1.1632 0.7576 0.8525 0.0636  -0.1409 -0.1460 113 ASN A OD1 
464 N ND2 . ASN A 33 ? 1.2424 0.9024 0.9518 0.0194  -0.1215 -0.1122 113 ASN A ND2 
471 N N   . THR A 34 ? 1.1118 0.5249 0.6807 0.0063  -0.1792 -0.1440 114 THR A N   
472 C CA  . THR A 34 ? 1.0329 0.3839 0.5752 0.0102  -0.1860 -0.1399 114 THR A CA  
473 C C   . THR A 34 ? 0.9753 0.3609 0.5548 0.0333  -0.1713 -0.1297 114 THR A C   
474 O O   . THR A 34 ? 1.1177 0.4555 0.6800 0.0465  -0.1770 -0.1304 114 THR A O   
475 C CB  . THR A 34 ? 1.0936 0.4179 0.6075 -0.0327 -0.1903 -0.1223 114 THR A CB  
476 O OG1 . THR A 34 ? 1.2279 0.6321 0.7783 -0.0554 -0.1732 -0.1006 114 THR A OG1 
477 C CG2 . THR A 34 ? 1.3063 0.5685 0.7654 -0.0562 -0.2102 -0.1342 114 THR A CG2 
485 N N   . GLU A 35 ? 0.9080 0.3713 0.5333 0.0380  -0.1530 -0.1200 115 GLU A N   
486 C CA  . GLU A 35 ? 0.8636 0.3503 0.5139 0.0550  -0.1397 -0.1080 115 GLU A CA  
487 C C   . GLU A 35 ? 1.0110 0.4940 0.6702 0.0908  -0.1430 -0.1236 115 GLU A C   
488 O O   . GLU A 35 ? 0.8359 0.3101 0.4994 0.1041  -0.1391 -0.1169 115 GLU A O   
489 C CB  . GLU A 35 ? 0.8047 0.3689 0.4922 0.0488  -0.1188 -0.0910 115 GLU A CB  
490 C CG  . GLU A 35 ? 0.9136 0.5033 0.5997 0.0172  -0.1118 -0.0716 115 GLU A CG  
491 C CD  . GLU A 35 ? 1.0469 0.7175 0.7666 0.0158  -0.0956 -0.0644 115 GLU A CD  
492 O OE1 . GLU A 35 ? 0.7275 0.4270 0.4682 0.0363  -0.0928 -0.0783 115 GLU A OE1 
493 O OE2 . GLU A 35 ? 0.7498 0.4564 0.4735 -0.0046 -0.0850 -0.0429 115 GLU A OE2 
500 N N   . GLY A 36 ? 0.9383 0.4341 0.6012 0.1059  -0.1493 -0.1425 116 GLY A N   
501 C CA  . GLY A 36 ? 0.8351 0.3406 0.5083 0.1396  -0.1525 -0.1564 116 GLY A CA  
502 C C   . GLY A 36 ? 0.7674 0.3479 0.4832 0.1459  -0.1353 -0.1484 116 GLY A C   
503 O O   . GLY A 36 ? 0.7380 0.3554 0.4710 0.1277  -0.1215 -0.1336 116 GLY A O   
507 N N   . ASP A 37 ? 0.8378 0.4433 0.5678 0.1720  -0.1365 -0.1583 117 ASP A N   
508 C CA  . ASP A 37 ? 0.6885 0.3569 0.4517 0.1766  -0.1216 -0.1501 117 ASP A CA  
509 C C   . ASP A 37 ? 0.6728 0.3360 0.4365 0.1646  -0.1092 -0.1278 117 ASP A C   
510 O O   . ASP A 37 ? 0.7967 0.4124 0.5402 0.1629  -0.1143 -0.1220 117 ASP A O   
511 C CB  . ASP A 37 ? 0.7640 0.4520 0.5348 0.2031  -0.1274 -0.1605 117 ASP A CB  
512 C CG  . ASP A 37 ? 0.9354 0.6440 0.7104 0.2178  -0.1368 -0.1781 117 ASP A CG  
513 O OD1 . ASP A 37 ? 0.8014 0.4977 0.5678 0.2102  -0.1399 -0.1875 117 ASP A OD1 
514 O OD2 . ASP A 37 ? 0.8392 0.5759 0.6232 0.2351  -0.1411 -0.1803 117 ASP A OD2 
519 N N   . TRP A 38 ? 0.5912 0.3013 0.3590 0.1373  -0.0913 -0.1053 118 TRP A N   
520 C CA  . TRP A 38 ? 0.5878 0.3341 0.3934 0.1112  -0.0877 -0.0934 118 TRP A CA  
521 C C   . TRP A 38 ? 0.5649 0.3697 0.4256 0.1192  -0.0658 -0.0965 118 TRP A C   
522 O O   . TRP A 38 ? 0.5310 0.3628 0.4090 0.1348  -0.0423 -0.1016 118 TRP A O   
523 C CB  . TRP A 38 ? 0.5271 0.2763 0.3263 0.0857  -0.0803 -0.0812 118 TRP A CB  
524 C CG  . TRP A 38 ? 0.5659 0.2627 0.3235 0.0702  -0.1064 -0.0730 118 TRP A CG  
525 C CD1 . TRP A 38 ? 0.6755 0.3209 0.3861 0.0801  -0.1237 -0.0786 118 TRP A CD1 
526 C CD2 . TRP A 38 ? 0.5203 0.2115 0.2823 0.0422  -0.1179 -0.0566 118 TRP A CD2 
527 N NE1 . TRP A 38 ? 0.6732 0.2811 0.3625 0.0583  -0.1489 -0.0661 118 TRP A NE1 
528 C CE2 . TRP A 38 ? 0.5942 0.2328 0.3169 0.0346  -0.1430 -0.0513 118 TRP A CE2 
529 C CE3 . TRP A 38 ? 0.5259 0.2486 0.3189 0.0237  -0.1086 -0.0457 118 TRP A CE3 
530 C CZ2 . TRP A 38 ? 0.6083 0.2317 0.3302 0.0084  -0.1573 -0.0329 118 TRP A CZ2 
531 C CZ3 . TRP A 38 ? 0.5144 0.2199 0.3008 0.0001  -0.1201 -0.0287 118 TRP A CZ3 
532 C CH2 . TRP A 38 ? 0.5652 0.2259 0.3211 -0.0083 -0.1425 -0.0210 118 TRP A CH2 
543 N N   . TRP A 39 ? 0.4591 0.2811 0.3461 0.1075  -0.0744 -0.0923 119 TRP A N   
544 C CA  . TRP A 39 ? 0.4300 0.3030 0.3710 0.1111  -0.0616 -0.0942 119 TRP A CA  
545 C C   . TRP A 39 ? 0.4109 0.3047 0.3693 0.0840  -0.0563 -0.0845 119 TRP A C   
546 O O   . TRP A 39 ? 0.3933 0.2613 0.3261 0.0654  -0.0691 -0.0764 119 TRP A O   
547 C CB  . TRP A 39 ? 0.4422 0.3098 0.3949 0.1253  -0.0825 -0.1001 119 TRP A CB  
548 C CG  . TRP A 39 ? 0.4869 0.3291 0.4228 0.1556  -0.0911 -0.1104 119 TRP A CG  
549 C CD1 . TRP A 39 ? 0.5111 0.3467 0.4328 0.1774  -0.0749 -0.1175 119 TRP A CD1 
550 C CD2 . TRP A 39 ? 0.5170 0.3368 0.4484 0.1699  -0.1166 -0.1149 119 TRP A CD2 
551 N NE1 . TRP A 39 ? 0.6262 0.4370 0.5359 0.2051  -0.0876 -0.1269 119 TRP A NE1 
552 C CE2 . TRP A 39 ? 0.6732 0.4747 0.5910 0.2008  -0.1141 -0.1251 119 TRP A CE2 
553 C CE3 . TRP A 39 ? 0.5857 0.3957 0.5197 0.1611  -0.1417 -0.1113 119 TRP A CE3 
554 C CZ2 . TRP A 39 ? 0.7798 0.5549 0.6901 0.2223  -0.1359 -0.1315 119 TRP A CZ2 
555 C CZ3 . TRP A 39 ? 0.6003 0.3839 0.5259 0.1819  -0.1650 -0.1170 119 TRP A CZ3 
556 C CH2 . TRP A 39 ? 0.6878 0.4567 0.6058 0.2124  -0.1616 -0.1270 119 TRP A CH2 
567 N N   . LEU A 40 ? 0.3632 0.3036 0.3673 0.0818  -0.0374 -0.0843 120 LEU A N   
568 C CA  . LEU A 40 ? 0.3397 0.2972 0.3615 0.0592  -0.0351 -0.0776 120 LEU A CA  
569 C C   . LEU A 40 ? 0.3567 0.3125 0.3893 0.0597  -0.0562 -0.0807 120 LEU A C   
570 O O   . LEU A 40 ? 0.3871 0.3602 0.4496 0.0765  -0.0627 -0.0876 120 LEU A O   
571 C CB  . LEU A 40 ? 0.3412 0.3438 0.4061 0.0564  -0.0101 -0.0761 120 LEU A CB  
572 C CG  . LEU A 40 ? 0.3079 0.3265 0.3890 0.0336  -0.0032 -0.0696 120 LEU A CG  
573 C CD1 . LEU A 40 ? 0.3235 0.3171 0.3695 0.0170  -0.0015 -0.0608 120 LEU A CD1 
574 C CD2 . LEU A 40 ? 0.3822 0.4422 0.5061 0.0307  0.0206  -0.0672 120 LEU A CD2 
586 N N   . ALA A 41 ? 0.3657 0.2968 0.3709 0.0425  -0.0680 -0.0745 121 ALA A N   
587 C CA  . ALA A 41 ? 0.3725 0.2875 0.3698 0.0430  -0.0919 -0.0767 121 ALA A CA  
588 C C   . ALA A 41 ? 0.3532 0.2661 0.3429 0.0230  -0.0905 -0.0712 121 ALA A C   
589 O O   . ALA A 41 ? 0.3584 0.2691 0.3355 0.0077  -0.0745 -0.0632 121 ALA A O   
590 C CB  . ALA A 41 ? 0.4832 0.3515 0.4352 0.0475  -0.1136 -0.0744 121 ALA A CB  
596 N N   . HIS A 42 ? 0.4007 0.3120 0.3969 0.0248  -0.1090 -0.0758 122 HIS A N   
597 C CA  . HIS A 42 ? 0.4231 0.3227 0.4022 0.0098  -0.1127 -0.0733 122 HIS A CA  
598 C C   . HIS A 42 ? 0.4376 0.2942 0.3712 0.0111  -0.1382 -0.0714 122 HIS A C   
599 O O   . HIS A 42 ? 0.4847 0.3348 0.4241 0.0250  -0.1621 -0.0770 122 HIS A O   
600 C CB  . HIS A 42 ? 0.3876 0.3196 0.4123 0.0095  -0.1145 -0.0806 122 HIS A CB  
601 C CG  . HIS A 42 ? 0.4280 0.3430 0.4319 -0.0037 -0.1210 -0.0809 122 HIS A CG  
602 N ND1 . HIS A 42 ? 0.3965 0.3027 0.3779 -0.0180 -0.1008 -0.0751 122 HIS A ND1 
603 C CD2 . HIS A 42 ? 0.4509 0.3551 0.4538 -0.0034 -0.1466 -0.0870 122 HIS A CD2 
604 C CE1 . HIS A 42 ? 0.4697 0.3548 0.4287 -0.0245 -0.1124 -0.0784 122 HIS A CE1 
605 N NE2 . HIS A 42 ? 0.5305 0.4137 0.5018 -0.0168 -0.1415 -0.0860 122 HIS A NE2 
613 N N   . SER A 43 ? 0.4462 0.2737 0.3359 -0.0019 -0.1318 -0.0618 123 SER A N   
614 C CA  . SER A 43 ? 0.5236 0.3066 0.3629 -0.0025 -0.1524 -0.0570 123 SER A CA  
615 C C   . SER A 43 ? 0.5237 0.2981 0.3534 -0.0042 -0.1676 -0.0635 123 SER A C   
616 O O   . SER A 43 ? 0.5317 0.3076 0.3540 -0.0146 -0.1535 -0.0633 123 SER A O   
617 C CB  . SER A 43 ? 0.5584 0.3151 0.3563 -0.0157 -0.1367 -0.0415 123 SER A CB  
618 O OG  . SER A 43 ? 0.5828 0.2966 0.3308 -0.0159 -0.1549 -0.0357 123 SER A OG  
624 N N   . LEU A 44 ? 0.5380 0.2954 0.3600 0.0062  -0.1987 -0.0686 124 LEU A N   
625 C CA  . LEU A 44 ? 0.5663 0.3022 0.3653 0.0042  -0.2205 -0.0735 124 LEU A CA  
626 C C   . LEU A 44 ? 0.6151 0.3002 0.3398 -0.0039 -0.2196 -0.0637 124 LEU A C   
627 O O   . LEU A 44 ? 0.7225 0.3852 0.4172 -0.0063 -0.2281 -0.0648 124 LEU A O   
628 C CB  . LEU A 44 ? 0.5882 0.3223 0.4059 0.0188  -0.2568 -0.0804 124 LEU A CB  
629 C CG  . LEU A 44 ? 0.7458 0.5320 0.6413 0.0297  -0.2579 -0.0888 124 LEU A CG  
630 C CD1 . LEU A 44 ? 0.6855 0.4653 0.5961 0.0469  -0.2940 -0.0924 124 LEU A CD1 
631 C CD2 . LEU A 44 ? 0.7473 0.5661 0.6837 0.0209  -0.2503 -0.0948 124 LEU A CD2 
643 N N   . THR A 45 ? 0.6733 0.3398 0.3704 -0.0061 -0.2090 -0.0513 125 THR A N   
644 C CA  . THR A 45 ? 0.7232 0.3474 0.3561 -0.0143 -0.2003 -0.0377 125 THR A CA  
645 C C   . THR A 45 ? 0.7095 0.3423 0.3357 -0.0261 -0.1648 -0.0316 125 THR A C   
646 O O   . THR A 45 ? 0.8578 0.4600 0.4347 -0.0299 -0.1586 -0.0280 125 THR A O   
647 C CB  . THR A 45 ? 0.8377 0.4423 0.4546 -0.0129 -0.2048 -0.0247 125 THR A CB  
648 O OG1 . THR A 45 ? 0.8348 0.4371 0.4700 0.0015  -0.2343 -0.0312 125 THR A OG1 
649 C CG2 . THR A 45 ? 0.7974 0.3568 0.3514 -0.0199 -0.2006 -0.0076 125 THR A CG2 
657 N N   . SER A 46 ? 0.6400 0.3119 0.3123 -0.0308 -0.1400 -0.0299 126 SER A N   
658 C CA  . SER A 46 ? 0.6198 0.2999 0.2886 -0.0411 -0.1059 -0.0216 126 SER A CA  
659 C C   . SER A 46 ? 0.5445 0.2580 0.2526 -0.0430 -0.0931 -0.0333 126 SER A C   
660 O O   . SER A 46 ? 0.5852 0.3010 0.2870 -0.0497 -0.0672 -0.0285 126 SER A O   
661 C CB  . SER A 46 ? 0.6478 0.3433 0.3368 -0.0477 -0.0867 -0.0066 126 SER A CB  
662 O OG  . SER A 46 ? 0.5686 0.3015 0.3104 -0.0450 -0.0859 -0.0139 126 SER A OG  
668 N N   . GLY A 47 ? 0.5279 0.2699 0.2815 -0.0371 -0.1086 -0.0463 127 GLY A N   
669 C CA  . GLY A 47 ? 0.4809 0.2559 0.2763 -0.0403 -0.0962 -0.0549 127 GLY A CA  
670 C C   . GLY A 47 ? 0.4299 0.2429 0.2691 -0.0436 -0.0719 -0.0497 127 GLY A C   
671 O O   . GLY A 47 ? 0.4218 0.2654 0.3014 -0.0456 -0.0626 -0.0562 127 GLY A O   
675 N N   . GLN A 48 ? 0.4278 0.2367 0.2587 -0.0451 -0.0635 -0.0379 128 GLN A N   
676 C CA  . GLN A 48 ? 0.3989 0.2360 0.2622 -0.0492 -0.0428 -0.0313 128 GLN A CA  
677 C C   . GLN A 48 ? 0.3920 0.2533 0.2914 -0.0390 -0.0535 -0.0404 128 GLN A C   
678 O O   . GLN A 48 ? 0.4009 0.2536 0.2978 -0.0284 -0.0764 -0.0479 128 GLN A O   
679 C CB  . GLN A 48 ? 0.4433 0.2609 0.2815 -0.0562 -0.0341 -0.0135 128 GLN A CB  
680 C CG  . GLN A 48 ? 0.4835 0.2836 0.2923 -0.0643 -0.0159 -0.0028 128 GLN A CG  
681 C CD  . GLN A 48 ? 0.5922 0.3738 0.3796 -0.0716 -0.0083 0.0175  128 GLN A CD  
682 O OE1 . GLN A 48 ? 0.6085 0.3964 0.4122 -0.0746 -0.0122 0.0250  128 GLN A OE1 
683 N NE2 . GLN A 48 ? 0.6479 0.4033 0.3965 -0.0745 0.0023  0.0277  128 GLN A NE2 
692 N N   . THR A 49 ? 0.3363 0.2255 0.2668 -0.0409 -0.0360 -0.0385 129 THR A N   
693 C CA  . THR A 49 ? 0.3348 0.2495 0.2990 -0.0298 -0.0385 -0.0465 129 THR A CA  
694 C C   . THR A 49 ? 0.3337 0.2544 0.3012 -0.0320 -0.0246 -0.0389 129 THR A C   
695 O O   . THR A 49 ? 0.3593 0.2843 0.3272 -0.0439 -0.0074 -0.0290 129 THR A O   
696 C CB  . THR A 49 ? 0.3329 0.2823 0.3400 -0.0288 -0.0306 -0.0547 129 THR A CB  
697 O OG1 . THR A 49 ? 0.3475 0.2882 0.3505 -0.0309 -0.0447 -0.0611 129 THR A OG1 
698 C CG2 . THR A 49 ? 0.3883 0.3612 0.4282 -0.0147 -0.0351 -0.0622 129 THR A CG2 
706 N N   . GLY A 50 ? 0.3314 0.2469 0.2964 -0.0201 -0.0343 -0.0428 130 GLY A N   
707 C CA  . GLY A 50 ? 0.3318 0.2470 0.2938 -0.0210 -0.0251 -0.0372 130 GLY A CA  
708 C C   . GLY A 50 ? 0.3165 0.2132 0.2634 -0.0048 -0.0405 -0.0438 130 GLY A C   
709 O O   . GLY A 50 ? 0.3639 0.2525 0.3085 0.0076  -0.0562 -0.0520 130 GLY A O   
713 N N   . TYR A 51 ? 0.3309 0.2155 0.2636 -0.0046 -0.0384 -0.0400 131 TYR A N   
714 C CA  . TYR A 51 ? 0.3648 0.2271 0.2780 0.0134  -0.0517 -0.0483 131 TYR A CA  
715 C C   . TYR A 51 ? 0.4313 0.2495 0.3091 0.0114  -0.0764 -0.0442 131 TYR A C   
716 O O   . TYR A 51 ? 0.4027 0.2028 0.2652 -0.0071 -0.0806 -0.0302 131 TYR A O   
717 C CB  . TYR A 51 ? 0.3824 0.2400 0.2847 0.0162  -0.0432 -0.0476 131 TYR A CB  
718 C CG  . TYR A 51 ? 0.3532 0.2513 0.2871 0.0222  -0.0183 -0.0517 131 TYR A CG  
719 C CD1 . TYR A 51 ? 0.3662 0.2834 0.3176 0.0452  -0.0101 -0.0637 131 TYR A CD1 
720 C CD2 . TYR A 51 ? 0.3223 0.2439 0.2752 0.0054  -0.0013 -0.0423 131 TYR A CD2 
721 C CE1 . TYR A 51 ? 0.3537 0.3104 0.3376 0.0487  0.0151  -0.0640 131 TYR A CE1 
722 C CE2 . TYR A 51 ? 0.3100 0.2672 0.2925 0.0094  0.0210  -0.0443 131 TYR A CE2 
723 C CZ  . TYR A 51 ? 0.3199 0.2941 0.3175 0.0296  0.0287  -0.0543 131 TYR A CZ  
724 O OH  . TYR A 51 ? 0.3695 0.3798 0.3986 0.0310  0.0526  -0.0527 131 TYR A OH  
734 N N   . ILE A 52 ? 0.4413 0.2415 0.3079 0.0310  -0.0920 -0.0548 132 ILE A N   
735 C CA  . ILE A 52 ? 0.4595 0.2138 0.2913 0.0310  -0.1178 -0.0515 132 ILE A CA  
736 C C   . ILE A 52 ? 0.5582 0.2804 0.3647 0.0500  -0.1308 -0.0606 132 ILE A C   
737 O O   . ILE A 52 ? 0.5237 0.2611 0.3411 0.0711  -0.1203 -0.0734 132 ILE A O   
738 C CB  . ILE A 52 ? 0.4846 0.2369 0.3199 0.0367  -0.1316 -0.0546 132 ILE A CB  
739 C CG1 . ILE A 52 ? 0.5085 0.2824 0.3698 0.0618  -0.1321 -0.0701 132 ILE A CG1 
740 C CG2 . ILE A 52 ? 0.4505 0.2266 0.3014 0.0193  -0.1199 -0.0470 132 ILE A CG2 
741 C CD1 . ILE A 52 ? 0.5775 0.3405 0.4383 0.0698  -0.1541 -0.0733 132 ILE A CD1 
753 N N   . PRO A 53 ? 0.5675 0.2413 0.3378 0.0436  -0.1533 -0.0538 133 PRO A N   
754 C CA  . PRO A 53 ? 0.6010 0.2349 0.3405 0.0631  -0.1692 -0.0643 133 PRO A CA  
755 C C   . PRO A 53 ? 0.6302 0.2528 0.3688 0.0850  -0.1837 -0.0746 133 PRO A C   
756 O O   . PRO A 53 ? 0.6615 0.2659 0.3918 0.0770  -0.2010 -0.0672 133 PRO A O   
757 C CB  . PRO A 53 ? 0.6392 0.2253 0.3449 0.0432  -0.1906 -0.0501 133 PRO A CB  
758 C CG  . PRO A 53 ? 0.6545 0.2514 0.3731 0.0201  -0.1908 -0.0330 133 PRO A CG  
759 C CD  . PRO A 53 ? 0.5883 0.2417 0.3453 0.0181  -0.1635 -0.0351 133 PRO A CD  
767 N N   . SER A 54 ? 0.6323 0.2629 0.3776 0.1137  -0.1767 -0.0905 134 SER A N   
768 C CA  . SER A 54 ? 0.6375 0.2722 0.3980 0.1361  -0.1865 -0.0996 134 SER A CA  
769 C C   . SER A 54 ? 0.8117 0.3952 0.5370 0.1426  -0.2163 -0.0984 134 SER A C   
770 O O   . SER A 54 ? 0.7816 0.3654 0.5188 0.1522  -0.2302 -0.1005 134 SER A O   
771 C CB  . SER A 54 ? 0.7777 0.4442 0.5653 0.1658  -0.1660 -0.1137 134 SER A CB  
772 O OG  . SER A 54 ? 0.7545 0.3862 0.5055 0.1836  -0.1662 -0.1219 134 SER A OG  
778 N N   . ASN A 55 ? 0.7437 0.2938 0.4323 0.1330  -0.2269 -0.0903 135 ASN A N   
779 C CA  . ASN A 55 ? 0.7602 0.2734 0.4206 0.1334  -0.2542 -0.0843 135 ASN A CA  
780 C C   . ASN A 55 ? 0.8140 0.3179 0.4718 0.1105  -0.2688 -0.0685 135 ASN A C   
781 O O   . ASN A 55 ? 0.8413 0.3193 0.4800 0.1128  -0.2912 -0.0659 135 ASN A O   
782 C CB  . ASN A 55 ? 0.8110 0.2904 0.4345 0.1302  -0.2639 -0.0800 135 ASN A CB  
783 C CG  . ASN A 55 ? 1.0704 0.5455 0.6829 0.1593  -0.2556 -0.0965 135 ASN A CG  
784 O OD1 . ASN A 55 ? 0.9181 0.4136 0.5512 0.1842  -0.2451 -0.1102 135 ASN A OD1 
785 N ND2 . ASN A 55 ? 0.9435 0.3911 0.5234 0.1569  -0.2608 -0.0941 135 ASN A ND2 
792 N N   . TYR A 56 ? 0.7609 0.2873 0.4378 0.0914  -0.2554 -0.0606 136 TYR A N   
793 C CA  . TYR A 56 ? 0.7424 0.2581 0.4113 0.0704  -0.2654 -0.0445 136 TYR A CA  
794 C C   . TYR A 56 ? 0.7396 0.2630 0.4211 0.0811  -0.2720 -0.0512 136 TYR A C   
795 O O   . TYR A 56 ? 0.8017 0.3131 0.4705 0.0657  -0.2799 -0.0387 136 TYR A O   
796 C CB  . TYR A 56 ? 0.7343 0.2678 0.4136 0.0437  -0.2470 -0.0315 136 TYR A CB  
797 C CG  . TYR A 56 ? 0.7130 0.2348 0.3791 0.0228  -0.2481 -0.0159 136 TYR A CG  
798 C CD1 . TYR A 56 ? 0.7835 0.2959 0.4404 0.0311  -0.2510 -0.0214 136 TYR A CD1 
799 C CD2 . TYR A 56 ? 0.7836 0.3087 0.4497 -0.0052 -0.2442 0.0028  136 TYR A CD2 
800 C CE1 . TYR A 56 ? 0.7484 0.2521 0.3963 0.0114  -0.2563 -0.0082 136 TYR A CE1 
801 C CE2 . TYR A 56 ? 0.8604 0.3862 0.5272 -0.0253 -0.2448 0.0149  136 TYR A CE2 
802 C CZ  . TYR A 56 ? 0.7992 0.3139 0.4569 -0.0177 -0.2533 0.0093  136 TYR A CZ  
803 O OH  . TYR A 56 ? 0.8620 0.3784 0.5235 -0.0384 -0.2577 0.0214  136 TYR A OH  
813 N N   . VAL A 57 ? 0.7471 0.2916 0.4548 0.1068  -0.2679 -0.0698 137 VAL A N   
814 C CA  . VAL A 57 ? 0.7500 0.3151 0.4803 0.1153  -0.2743 -0.0737 137 VAL A CA  
815 C C   . VAL A 57 ? 0.8539 0.4133 0.5961 0.1475  -0.2894 -0.0874 137 VAL A C   
816 O O   . VAL A 57 ? 0.7828 0.3381 0.5197 0.1625  -0.2854 -0.0954 137 VAL A O   
817 C CB  . VAL A 57 ? 0.7626 0.3878 0.5360 0.1087  -0.2493 -0.0764 137 VAL A CB  
818 C CG1 . VAL A 57 ? 0.6564 0.2902 0.4213 0.0794  -0.2318 -0.0633 137 VAL A CG1 
819 C CG2 . VAL A 57 ? 0.7096 0.3725 0.5199 0.1289  -0.2290 -0.0902 137 VAL A CG2 
829 N N   . ALA A 58 ? 0.8329 0.4016 0.5919 0.1542  -0.3045 -0.0880 138 ALA A N   
830 C CA  . ALA A 58 ? 0.7716 0.3483 0.5512 0.1797  -0.3164 -0.0990 138 ALA A CA  
831 C C   . ALA A 58 ? 0.8604 0.4763 0.6872 0.1876  -0.3212 -0.1016 138 ALA A C   
832 O O   . ALA A 58 ? 0.7505 0.3718 0.5725 0.1675  -0.3247 -0.0933 138 ALA A O   
833 C CB  . ALA A 58 ? 0.8605 0.3939 0.6026 0.1757  -0.3415 -0.0959 138 ALA A CB  
839 N N   . PRO A 59 ? 0.7600 0.4064 0.6306 0.2118  -0.3205 -0.1115 139 PRO A N   
840 C CA  . PRO A 59 ? 0.8133 0.5007 0.7352 0.2154  -0.3286 -0.1122 139 PRO A CA  
841 C C   . PRO A 59 ? 0.8157 0.4743 0.7117 0.2013  -0.3579 -0.1059 139 PRO A C   
842 O O   . PRO A 59 ? 0.9506 0.5648 0.8055 0.1996  -0.3728 -0.1042 139 PRO A O   
843 C CB  . PRO A 59 ? 0.8393 0.5614 0.8122 0.2435  -0.3201 -0.1213 139 PRO A CB  
844 C CG  . PRO A 59 ? 1.0832 0.7895 1.0313 0.2559  -0.2986 -0.1268 139 PRO A CG  
845 C CD  . PRO A 59 ? 0.8937 0.5410 0.7709 0.2361  -0.3115 -0.1211 139 PRO A CD  
853 N N   . SER A 60 ? 0.8386 0.5211 0.7570 0.1900  -0.3650 -0.1029 140 SER A N   
854 C CA  . SER A 60 ? 0.9170 0.5714 0.8100 0.1767  -0.3886 -0.0980 140 SER A CA  
855 C C   . SER A 60 ? 1.0550 0.7116 0.9758 0.1941  -0.4095 -0.1030 140 SER A C   
856 O O   . SER A 60 ? 1.1667 0.8699 1.1512 0.2109  -0.4067 -0.1085 140 SER A O   
857 C CB  . SER A 60 ? 0.9220 0.5998 0.8282 0.1593  -0.3881 -0.0951 140 SER A CB  
860 C C1  . PEG B .  ? 0.9018 1.1928 0.6933 0.0833  0.0464  0.1319  301 PEG A C1  
861 O O1  . PEG B .  ? 0.9270 1.2698 0.6293 0.0606  0.1058  0.1859  301 PEG A O1  
862 C C2  . PEG B .  ? 0.8208 1.2219 0.6287 0.0463  0.1094  0.2091  301 PEG A C2  
863 O O2  . PEG B .  ? 0.8434 1.2477 0.6356 0.0547  0.0639  0.2392  301 PEG A O2  
864 C C3  . PEG B .  ? 0.7372 1.2260 0.6533 0.0028  0.0939  0.2085  301 PEG A C3  
865 C C4  . PEG B .  ? 0.7275 1.2536 0.6776 0.0133  0.0892  0.2095  301 PEG A C4  
866 O O4  . PEG B .  ? 0.8201 1.2580 0.7026 0.0344  0.0552  0.1934  301 PEG A O4  
877 C C1  . PEG C .  ? 0.6167 0.8055 0.8171 -0.0191 0.0730  0.1107  302 PEG A C1  
878 O O1  . PEG C .  ? 0.7823 0.9016 0.8322 -0.0185 0.1065  0.1182  302 PEG A O1  
879 C C2  . PEG C .  ? 0.7921 0.6711 0.7677 0.0811  0.0603  0.1121  302 PEG A C2  
880 O O2  . PEG C .  ? 0.8364 0.6099 0.7447 0.1133  0.0501  0.1106  302 PEG A O2  
881 C C3  . PEG C .  ? 0.6559 0.6296 0.7671 0.0337  0.0698  0.0158  302 PEG A C3  
882 C C4  . PEG C .  ? 0.6080 0.8124 0.7355 -0.0016 0.1553  0.0358  302 PEG A C4  
883 O O4  . PEG C .  ? 0.7187 0.8399 0.7865 0.0444  0.1017  -0.0033 302 PEG A O4  
894 C C1  . PGE D .  ? 0.7599 0.5563 0.6157 0.0503  -0.1395 0.1264  303 PGE A C1  
895 O O1  . PGE D .  ? 0.8741 0.5892 0.7504 0.1037  -0.1272 0.1425  303 PGE A O1  
896 C C2  . PGE D .  ? 0.5029 0.5544 0.5757 -0.0521 -0.3173 0.0018  303 PGE A C2  
897 O O2  . PGE D .  ? 0.5858 0.5856 0.5283 -0.0678 -0.3259 -0.0065 303 PGE A O2  
898 C C3  . PGE D .  ? 0.5536 0.6494 0.4478 0.0834  -0.2590 0.1168  303 PGE A C3  
899 C C4  . PGE D .  ? 0.5733 0.5738 0.4657 0.0920  -0.2513 0.1326  303 PGE A C4  
900 O O4  . PGE D .  ? 0.6480 0.6242 0.7453 0.0535  -0.1927 0.1073  303 PGE A O4  
901 C C6  . PGE D .  ? 0.7493 0.5022 0.6127 0.0871  -0.2747 0.1858  303 PGE A C6  
902 C C5  . PGE D .  ? 0.5030 0.6132 0.6115 -0.0222 -0.3250 0.0701  303 PGE A C5  
903 O O3  . PGE D .  ? 0.7369 0.6899 0.4689 0.0361  -0.3043 0.1265  303 PGE A O3  
918 S S   . SO4 E .  ? 1.3142 0.4252 1.2445 0.1934  -0.0295 -0.1904 304 SO4 A S   
919 O O1  . SO4 E .  ? 1.3315 0.4416 1.2259 0.2363  -0.0404 -0.1655 304 SO4 A O1  
920 O O2  . SO4 E .  ? 1.3173 0.4483 1.2684 0.1855  -0.0649 -0.2276 304 SO4 A O2  
921 O O3  . SO4 E .  ? 1.3229 0.4307 1.2200 0.2200  -0.0281 -0.1692 304 SO4 A O3  
922 O O4  . SO4 E .  ? 1.2941 0.5171 1.2612 0.1623  -0.0449 -0.2486 304 SO4 A O4  
# 
